data_4OKL
# 
_entry.id   4OKL 
# 
_audit_conform.dict_name       mmcif_pdbx.dic 
_audit_conform.dict_version    5.379 
_audit_conform.dict_location   http://mmcif.pdb.org/dictionaries/ascii/mmcif_pdbx.dic 
# 
loop_
_database_2.database_id 
_database_2.database_code 
_database_2.pdbx_database_accession 
_database_2.pdbx_DOI 
PDB   4OKL         pdb_00004okl 10.2210/pdb4okl/pdb 
NDB   NA2897       ?            ?                   
RCSB  RCSB084610   ?            ?                   
WWPDB D_1000084610 ?            ?                   
# 
loop_
_pdbx_database_related.db_name 
_pdbx_database_related.db_id 
_pdbx_database_related.details 
_pdbx_database_related.content_type 
PDB 3V9D . unspecified 
PDB 3QK4 . unspecified 
# 
_pdbx_database_status.status_code                     REL 
_pdbx_database_status.entry_id                        4OKL 
_pdbx_database_status.recvd_initial_deposition_date   2014-01-22 
_pdbx_database_status.deposit_site                    RCSB 
_pdbx_database_status.process_site                    RCSB 
_pdbx_database_status.status_code_sf                  REL 
_pdbx_database_status.status_code_mr                  ? 
_pdbx_database_status.SG_entry                        ? 
_pdbx_database_status.status_code_cs                  ? 
_pdbx_database_status.methods_development_category    ? 
_pdbx_database_status.pdb_format_compatible           Y 
_pdbx_database_status.status_code_nmr_data            ? 
# 
loop_
_audit_author.name 
_audit_author.pdbx_ordinal 
'Anna, V.'     1 
'Monica, P.'   2 
'Mandal, P.K.' 3 
'Gautham, N.'  4 
# 
loop_
_citation.id 
_citation.title 
_citation.journal_abbrev 
_citation.journal_volume 
_citation.page_first 
_citation.page_last 
_citation.year 
_citation.journal_id_ASTM 
_citation.country 
_citation.journal_id_ISSN 
_citation.journal_id_CSD 
_citation.book_publisher 
_citation.pdbx_database_id_PubMed 
_citation.pdbx_database_id_DOI 
primary 'Structure of d(CCCCGGTACCGGGG)2 at 1.65 angstrom resolution.'                'Acta Crystallogr F Struct Biol Commun' 70  
860 865 2014 ?      DK 1744-3091 ?    ? 25005078 10.1107/S2053230X1401084X  
1       'The structure of a full turn of an A-DNA duplex d(CGCGGGTACCCGCG)2.'         Biochem.Biophys.Res.Commun.             407 
307 312 2011 BBRCA9 US 0006-291X 0146 ? 21397589 10.1016/j.bbrc.2011.03.007 
2       'Structure of the tetradecanucleotide d(CCCCGGTACCGGGG)2 as an A-DNA duplex.' 'Acta Crystallogr.,Sect.F'              68  
393 399 2012 ?      DK 1744-3091 ?    ? 22505405 10.1107/S174430911200869X  
# 
loop_
_citation_author.citation_id 
_citation_author.name 
_citation_author.ordinal 
_citation_author.identifier_ORCID 
primary 'Purushothaman, M.' 1  ? 
primary 'Varghese, A.'      2  ? 
primary 'Mandal, P.K.'      3  ? 
primary 'Gautham, N.'       4  ? 
1       'Venkadesh, S.'     5  ? 
1       'Mandal, P.K.'      6  ? 
1       'Gautham, N.'       7  ? 
2       'Mandal, P.K.'      8  ? 
2       'Venkadesh, S.'     9  ? 
2       'Gautham, N.'       10 ? 
# 
_cell.entry_id           4OKL 
_cell.length_a           41.270 
_cell.length_b           41.270 
_cell.length_c           87.670 
_cell.angle_alpha        90.00 
_cell.angle_beta         90.00 
_cell.angle_gamma        90.00 
_cell.Z_PDB              16 
_cell.pdbx_unique_axis   ? 
_cell.length_a_esd       ? 
_cell.length_b_esd       ? 
_cell.length_c_esd       ? 
_cell.angle_alpha_esd    ? 
_cell.angle_beta_esd     ? 
_cell.angle_gamma_esd    ? 
# 
_symmetry.entry_id                         4OKL 
_symmetry.space_group_name_H-M             'P 41 21 2' 
_symmetry.pdbx_full_space_group_name_H-M   ? 
_symmetry.cell_setting                     ? 
_symmetry.Int_Tables_number                92 
_symmetry.space_group_name_Hall            ? 
# 
loop_
_entity.id 
_entity.type 
_entity.src_method 
_entity.pdbx_description 
_entity.formula_weight 
_entity.pdbx_number_of_molecules 
_entity.pdbx_ec 
_entity.pdbx_mutation 
_entity.pdbx_fragment 
_entity.details 
1 polymer syn '14 mer A-DNA' 4282.768 2  ? ? ? ? 
2 water   nat water          18.015   44 ? ? ? ? 
# 
_entity_poly.entity_id                      1 
_entity_poly.type                           polydeoxyribonucleotide 
_entity_poly.nstd_linkage                   no 
_entity_poly.nstd_monomer                   no 
_entity_poly.pdbx_seq_one_letter_code       '(DC)(DC)(DC)(DC)(DG)(DG)(DT)(DA)(DC)(DC)(DG)(DG)(DG)(DG)' 
_entity_poly.pdbx_seq_one_letter_code_can   CCCCGGTACCGGGG 
_entity_poly.pdbx_strand_id                 A,B 
_entity_poly.pdbx_target_identifier         ? 
# 
loop_
_entity_poly_seq.entity_id 
_entity_poly_seq.num 
_entity_poly_seq.mon_id 
_entity_poly_seq.hetero 
1 1  DC n 
1 2  DC n 
1 3  DC n 
1 4  DC n 
1 5  DG n 
1 6  DG n 
1 7  DT n 
1 8  DA n 
1 9  DC n 
1 10 DC n 
1 11 DG n 
1 12 DG n 
1 13 DG n 
1 14 DG n 
# 
_pdbx_entity_src_syn.entity_id              1 
_pdbx_entity_src_syn.pdbx_src_id            1 
_pdbx_entity_src_syn.pdbx_alt_source_flag   sample 
_pdbx_entity_src_syn.pdbx_beg_seq_num       ? 
_pdbx_entity_src_syn.pdbx_end_seq_num       ? 
_pdbx_entity_src_syn.organism_scientific    ? 
_pdbx_entity_src_syn.organism_common_name   ? 
_pdbx_entity_src_syn.ncbi_taxonomy_id       ? 
_pdbx_entity_src_syn.details                'Chemically synthesized oligo nucleotide fragment.' 
# 
_struct_ref.id                         1 
_struct_ref.db_name                    PDB 
_struct_ref.db_code                    4OKL 
_struct_ref.pdbx_db_accession          4OKL 
_struct_ref.entity_id                  1 
_struct_ref.pdbx_align_begin           ? 
_struct_ref.pdbx_seq_one_letter_code   CCCCGGTACCGGGG 
_struct_ref.pdbx_db_isoform            ? 
# 
loop_
_struct_ref_seq.align_id 
_struct_ref_seq.ref_id 
_struct_ref_seq.pdbx_PDB_id_code 
_struct_ref_seq.pdbx_strand_id 
_struct_ref_seq.seq_align_beg 
_struct_ref_seq.pdbx_seq_align_beg_ins_code 
_struct_ref_seq.seq_align_end 
_struct_ref_seq.pdbx_seq_align_end_ins_code 
_struct_ref_seq.pdbx_db_accession 
_struct_ref_seq.db_align_beg 
_struct_ref_seq.pdbx_db_align_beg_ins_code 
_struct_ref_seq.db_align_end 
_struct_ref_seq.pdbx_db_align_end_ins_code 
_struct_ref_seq.pdbx_auth_seq_align_beg 
_struct_ref_seq.pdbx_auth_seq_align_end 
1 1 4OKL A 1 ? 14 ? 4OKL 1 ? 14 ? 1 14 
2 1 4OKL B 1 ? 14 ? 4OKL 1 ? 14 ? 1 14 
# 
loop_
_chem_comp.id 
_chem_comp.type 
_chem_comp.mon_nstd_flag 
_chem_comp.name 
_chem_comp.pdbx_synonyms 
_chem_comp.formula 
_chem_comp.formula_weight 
DA  'DNA linking' y "2'-DEOXYADENOSINE-5'-MONOPHOSPHATE" ? 'C10 H14 N5 O6 P' 331.222 
DC  'DNA linking' y "2'-DEOXYCYTIDINE-5'-MONOPHOSPHATE"  ? 'C9 H14 N3 O7 P'  307.197 
DG  'DNA linking' y "2'-DEOXYGUANOSINE-5'-MONOPHOSPHATE" ? 'C10 H14 N5 O7 P' 347.221 
DT  'DNA linking' y "THYMIDINE-5'-MONOPHOSPHATE"         ? 'C10 H15 N2 O8 P' 322.208 
HOH non-polymer   . WATER                                ? 'H2 O'            18.015  
# 
_exptl.entry_id          4OKL 
_exptl.method            'X-RAY DIFFRACTION' 
_exptl.crystals_number   1 
# 
_exptl_crystal.id                    1 
_exptl_crystal.density_meas          ? 
_exptl_crystal.density_Matthews      2.18 
_exptl_crystal.density_percent_sol   43.55 
_exptl_crystal.description           ? 
_exptl_crystal.F_000                 ? 
_exptl_crystal.preparation           ? 
# 
_exptl_crystal_grow.crystal_id      1 
_exptl_crystal_grow.method          'VAPOR DIFFUSION, HANGING DROP' 
_exptl_crystal_grow.temp            293 
_exptl_crystal_grow.temp_details    ? 
_exptl_crystal_grow.pH              7.0 
_exptl_crystal_grow.pdbx_details    
;1mM DNA, 50mM Sodium Cacodylate buffer, 10mM ZnCl2, 10mM Spermine, 33% MPD (v/v), pH 7.0, VAPOR DIFFUSION, HANGING DROP, temperature 293K
;
_exptl_crystal_grow.pdbx_pH_range   ? 
# 
_diffrn.id                     1 
_diffrn.ambient_temp           100 
_diffrn.ambient_temp_details   ? 
_diffrn.crystal_id             1 
# 
_diffrn_detector.diffrn_id              1 
_diffrn_detector.detector               CCD 
_diffrn_detector.type                   'MARMOSAIC 225 mm CCD' 
_diffrn_detector.pdbx_collection_date   2012-07-19 
_diffrn_detector.details                ? 
# 
_diffrn_radiation.diffrn_id                        1 
_diffrn_radiation.wavelength_id                    1 
_diffrn_radiation.pdbx_monochromatic_or_laue_m_l   M 
_diffrn_radiation.monochromator                    'SI (111) Monochromator' 
_diffrn_radiation.pdbx_diffrn_protocol             'SINGLE WAVELENGTH' 
_diffrn_radiation.pdbx_scattering_type             x-ray 
# 
_diffrn_radiation_wavelength.id           1 
_diffrn_radiation_wavelength.wavelength   0.95372 
_diffrn_radiation_wavelength.wt           1.0 
# 
_diffrn_source.diffrn_id                   1 
_diffrn_source.source                      SYNCHROTRON 
_diffrn_source.type                        'ESRF BEAMLINE BM14' 
_diffrn_source.pdbx_synchrotron_site       ESRF 
_diffrn_source.pdbx_synchrotron_beamline   BM14 
_diffrn_source.pdbx_wavelength             ? 
_diffrn_source.pdbx_wavelength_list        0.95372 
# 
_reflns.entry_id                     4OKL 
_reflns.observed_criterion_sigma_I   1.65 
_reflns.observed_criterion_sigma_F   1.65 
_reflns.d_resolution_low             30.05 
_reflns.d_resolution_high            1.65 
_reflns.number_obs                   9714 
_reflns.number_all                   9714 
_reflns.percent_possible_obs         100 
_reflns.pdbx_Rmerge_I_obs            0.063 
_reflns.pdbx_Rsym_value              ? 
_reflns.pdbx_netI_over_sigmaI        23.8 
_reflns.B_iso_Wilson_estimate        ? 
_reflns.pdbx_redundancy              13.8 
_reflns.R_free_details               ? 
_reflns.limit_h_max                  ? 
_reflns.limit_h_min                  ? 
_reflns.limit_k_max                  ? 
_reflns.limit_k_min                  ? 
_reflns.limit_l_max                  ? 
_reflns.limit_l_min                  ? 
_reflns.observed_criterion_F_max     ? 
_reflns.observed_criterion_F_min     ? 
_reflns.pdbx_chi_squared             ? 
_reflns.pdbx_scaling_rejects         ? 
_reflns.pdbx_ordinal                 1 
_reflns.pdbx_diffrn_id               1 
_reflns.pdbx_CC_half                 ? 
_reflns.pdbx_CC_star                 ? 
_reflns.pdbx_Rpim_I_all              ? 
_reflns.pdbx_Rrim_I_all              ? 
# 
_reflns_shell.d_res_high             1.65 
_reflns_shell.d_res_low              1.74 
_reflns_shell.percent_possible_all   100 
_reflns_shell.Rmerge_I_obs           0.409 
_reflns_shell.pdbx_Rsym_value        0.141 
_reflns_shell.meanI_over_sigI_obs    6.7 
_reflns_shell.pdbx_redundancy        1357 
_reflns_shell.percent_possible_obs   ? 
_reflns_shell.number_unique_all      ? 
_reflns_shell.number_measured_all    ? 
_reflns_shell.number_measured_obs    ? 
_reflns_shell.number_unique_obs      ? 
_reflns_shell.pdbx_chi_squared       ? 
_reflns_shell.pdbx_ordinal           1 
_reflns_shell.pdbx_diffrn_id         1 
_reflns_shell.pdbx_CC_half           ? 
_reflns_shell.pdbx_CC_star           ? 
_reflns_shell.pdbx_Rpim_I_all        ? 
_reflns_shell.pdbx_Rrim_I_all        ? 
# 
_refine.entry_id                                 4OKL 
_refine.ls_number_reflns_obs                     9654 
_refine.ls_number_reflns_all                     9654 
_refine.pdbx_ls_sigma_I                          ? 
_refine.pdbx_ls_sigma_F                          1.35 
_refine.pdbx_data_cutoff_high_absF               ? 
_refine.pdbx_data_cutoff_low_absF                ? 
_refine.pdbx_data_cutoff_high_rms_absF           ? 
_refine.ls_d_res_low                             30.048 
_refine.ls_d_res_high                            1.650 
_refine.ls_percent_reflns_obs                    99.79 
_refine.ls_R_factor_obs                          0.2284 
_refine.ls_R_factor_all                          ? 
_refine.ls_R_factor_R_work                       0.2267 
_refine.ls_R_factor_R_free                       0.2425 
_refine.ls_R_factor_R_free_error                 ? 
_refine.ls_R_factor_R_free_error_details         ? 
_refine.ls_percent_reflns_R_free                 9.99 
_refine.ls_number_reflns_R_free                  964 
_refine.ls_number_parameters                     ? 
_refine.ls_number_restraints                     ? 
_refine.occupancy_min                            ? 
_refine.occupancy_max                            ? 
_refine.correlation_coeff_Fo_to_Fc               ? 
_refine.correlation_coeff_Fo_to_Fc_free          ? 
_refine.B_iso_mean                               ? 
_refine.aniso_B[1][1]                            ? 
_refine.aniso_B[2][2]                            ? 
_refine.aniso_B[3][3]                            ? 
_refine.aniso_B[1][2]                            ? 
_refine.aniso_B[1][3]                            ? 
_refine.aniso_B[2][3]                            ? 
_refine.solvent_model_details                    'FLAT BULK SOLVENT MODEL' 
_refine.solvent_model_param_ksol                 ? 
_refine.solvent_model_param_bsol                 ? 
_refine.pdbx_solvent_vdw_probe_radii             1.11 
_refine.pdbx_solvent_ion_probe_radii             ? 
_refine.pdbx_solvent_shrinkage_radii             0.90 
_refine.pdbx_ls_cross_valid_method               ? 
_refine.details                                  ? 
_refine.pdbx_starting_model                      'PDB ENTRY 3V9D' 
_refine.pdbx_method_to_determine_struct          'MOLECULAR REPLACEMENT' 
_refine.pdbx_isotropic_thermal_model             ? 
_refine.pdbx_stereochemistry_target_values       ML 
_refine.pdbx_stereochem_target_val_spec_case     ? 
_refine.pdbx_R_Free_selection_details            Random 
_refine.pdbx_overall_ESU_R                       ? 
_refine.pdbx_overall_ESU_R_Free                  ? 
_refine.overall_SU_ML                            0.16 
_refine.pdbx_overall_phase_error                 26.57 
_refine.overall_SU_B                             ? 
_refine.overall_SU_R_Cruickshank_DPI             ? 
_refine.ls_redundancy_reflns_obs                 ? 
_refine.B_iso_min                                ? 
_refine.B_iso_max                                ? 
_refine.overall_SU_R_free                        ? 
_refine.ls_wR_factor_R_free                      ? 
_refine.ls_wR_factor_R_work                      ? 
_refine.overall_FOM_free_R_set                   ? 
_refine.overall_FOM_work_R_set                   ? 
_refine.pdbx_diffrn_id                           1 
_refine.pdbx_refine_id                           'X-RAY DIFFRACTION' 
_refine.pdbx_TLS_residual_ADP_flag               ? 
_refine.pdbx_overall_SU_R_free_Cruickshank_DPI   ? 
_refine.pdbx_overall_SU_R_Blow_DPI               ? 
_refine.pdbx_overall_SU_R_free_Blow_DPI          ? 
# 
_refine_hist.pdbx_refine_id                   'X-RAY DIFFRACTION' 
_refine_hist.cycle_id                         LAST 
_refine_hist.pdbx_number_atoms_protein        0 
_refine_hist.pdbx_number_atoms_nucleic_acid   568 
_refine_hist.pdbx_number_atoms_ligand         0 
_refine_hist.number_atoms_solvent             44 
_refine_hist.number_atoms_total               612 
_refine_hist.d_res_high                       1.650 
_refine_hist.d_res_low                        30.048 
# 
loop_
_refine_ls_restr.type 
_refine_ls_restr.dev_ideal 
_refine_ls_restr.dev_ideal_target 
_refine_ls_restr.weight 
_refine_ls_restr.number 
_refine_ls_restr.pdbx_restraint_function 
_refine_ls_restr.pdbx_refine_id 
f_bond_d           0.003  ? ? 636 ? 'X-RAY DIFFRACTION' 
f_angle_d          0.846  ? ? 978 ? 'X-RAY DIFFRACTION' 
f_dihedral_angle_d 16.582 ? ? 272 ? 'X-RAY DIFFRACTION' 
f_chiral_restr     0.033  ? ? 110 ? 'X-RAY DIFFRACTION' 
f_plane_restr      0.002  ? ? 28  ? 'X-RAY DIFFRACTION' 
# 
loop_
_refine_ls_shell.pdbx_total_number_of_bins_used 
_refine_ls_shell.d_res_high 
_refine_ls_shell.d_res_low 
_refine_ls_shell.number_reflns_R_work 
_refine_ls_shell.R_factor_R_work 
_refine_ls_shell.percent_reflns_obs 
_refine_ls_shell.R_factor_R_free 
_refine_ls_shell.R_factor_R_free_error 
_refine_ls_shell.percent_reflns_R_free 
_refine_ls_shell.number_reflns_R_free 
_refine_ls_shell.number_reflns_all 
_refine_ls_shell.R_factor_all 
_refine_ls_shell.number_reflns_obs 
_refine_ls_shell.redundancy_reflns_obs 
_refine_ls_shell.pdbx_refine_id 
_refine_ls_shell.R_factor_obs 
. 1.6501 1.7371  1188 0.2228 100.00 0.2647 . . 131 . . . . 'X-RAY DIFFRACTION' . 
. 1.7371 1.8459  1211 0.2587 100.00 0.3033 . . 135 . . . . 'X-RAY DIFFRACTION' . 
. 1.8459 1.9884  1223 0.2658 100.00 0.3323 . . 137 . . . . 'X-RAY DIFFRACTION' . 
. 1.9884 2.1884  1227 0.2753 100.00 0.2940 . . 136 . . . . 'X-RAY DIFFRACTION' . 
. 2.1884 2.5050  1237 0.2644 100.00 0.2707 . . 137 . . . . 'X-RAY DIFFRACTION' . 
. 2.5050 3.1554  1256 0.2539 100.00 0.2839 . . 138 . . . . 'X-RAY DIFFRACTION' . 
. 3.1554 30.0531 1348 0.1831 99.00  0.1759 . . 150 . . . . 'X-RAY DIFFRACTION' . 
# 
_struct.entry_id                  4OKL 
_struct.title                     'Crystal Structure of d(CCCCGGTACCGGGG)2 at 1.65 Angstrom' 
_struct.pdbx_model_details        ? 
_struct.pdbx_CASP_flag            ? 
_struct.pdbx_model_type_details   ? 
# 
_struct_keywords.entry_id        4OKL 
_struct_keywords.pdbx_keywords   DNA 
_struct_keywords.text            'A-DNA, Tetra-decanucleotide, Crystal packing, Right handed, double helix, DNA' 
# 
loop_
_struct_asym.id 
_struct_asym.pdbx_blank_PDB_chainid_flag 
_struct_asym.pdbx_modified 
_struct_asym.entity_id 
_struct_asym.details 
A N N 1 ? 
B N N 1 ? 
C N N 2 ? 
D N N 2 ? 
# 
loop_
_struct_conn.id 
_struct_conn.conn_type_id 
_struct_conn.pdbx_leaving_atom_flag 
_struct_conn.pdbx_PDB_id 
_struct_conn.ptnr1_label_asym_id 
_struct_conn.ptnr1_label_comp_id 
_struct_conn.ptnr1_label_seq_id 
_struct_conn.ptnr1_label_atom_id 
_struct_conn.pdbx_ptnr1_label_alt_id 
_struct_conn.pdbx_ptnr1_PDB_ins_code 
_struct_conn.pdbx_ptnr1_standard_comp_id 
_struct_conn.ptnr1_symmetry 
_struct_conn.ptnr2_label_asym_id 
_struct_conn.ptnr2_label_comp_id 
_struct_conn.ptnr2_label_seq_id 
_struct_conn.ptnr2_label_atom_id 
_struct_conn.pdbx_ptnr2_label_alt_id 
_struct_conn.pdbx_ptnr2_PDB_ins_code 
_struct_conn.ptnr1_auth_asym_id 
_struct_conn.ptnr1_auth_comp_id 
_struct_conn.ptnr1_auth_seq_id 
_struct_conn.ptnr2_auth_asym_id 
_struct_conn.ptnr2_auth_comp_id 
_struct_conn.ptnr2_auth_seq_id 
_struct_conn.ptnr2_symmetry 
_struct_conn.pdbx_ptnr3_label_atom_id 
_struct_conn.pdbx_ptnr3_label_seq_id 
_struct_conn.pdbx_ptnr3_label_comp_id 
_struct_conn.pdbx_ptnr3_label_asym_id 
_struct_conn.pdbx_ptnr3_label_alt_id 
_struct_conn.pdbx_ptnr3_PDB_ins_code 
_struct_conn.details 
_struct_conn.pdbx_dist_value 
_struct_conn.pdbx_value_order 
_struct_conn.pdbx_role 
hydrog1  hydrog ? ? A DC 1  N3 ? ? ? 1_555 B DG 14 N1 ? ? A DC 1  B DG 14 1_555 ? ? ? ? ? ? WATSON-CRICK ? ? ? 
hydrog2  hydrog ? ? A DC 1  N4 ? ? ? 1_555 B DG 14 O6 ? ? A DC 1  B DG 14 1_555 ? ? ? ? ? ? WATSON-CRICK ? ? ? 
hydrog3  hydrog ? ? A DC 1  O2 ? ? ? 1_555 B DG 14 N2 ? ? A DC 1  B DG 14 1_555 ? ? ? ? ? ? WATSON-CRICK ? ? ? 
hydrog4  hydrog ? ? A DC 2  N3 ? ? ? 1_555 B DG 13 N1 ? ? A DC 2  B DG 13 1_555 ? ? ? ? ? ? WATSON-CRICK ? ? ? 
hydrog5  hydrog ? ? A DC 2  N4 ? ? ? 1_555 B DG 13 O6 ? ? A DC 2  B DG 13 1_555 ? ? ? ? ? ? WATSON-CRICK ? ? ? 
hydrog6  hydrog ? ? A DC 2  O2 ? ? ? 1_555 B DG 13 N2 ? ? A DC 2  B DG 13 1_555 ? ? ? ? ? ? WATSON-CRICK ? ? ? 
hydrog7  hydrog ? ? A DC 3  N3 ? ? ? 1_555 B DG 12 N1 ? ? A DC 3  B DG 12 1_555 ? ? ? ? ? ? WATSON-CRICK ? ? ? 
hydrog8  hydrog ? ? A DC 3  N4 ? ? ? 1_555 B DG 12 O6 ? ? A DC 3  B DG 12 1_555 ? ? ? ? ? ? WATSON-CRICK ? ? ? 
hydrog9  hydrog ? ? A DC 3  O2 ? ? ? 1_555 B DG 12 N2 ? ? A DC 3  B DG 12 1_555 ? ? ? ? ? ? WATSON-CRICK ? ? ? 
hydrog10 hydrog ? ? A DC 4  N3 ? ? ? 1_555 B DG 11 N1 ? ? A DC 4  B DG 11 1_555 ? ? ? ? ? ? WATSON-CRICK ? ? ? 
hydrog11 hydrog ? ? A DC 4  N4 ? ? ? 1_555 B DG 11 O6 ? ? A DC 4  B DG 11 1_555 ? ? ? ? ? ? WATSON-CRICK ? ? ? 
hydrog12 hydrog ? ? A DC 4  O2 ? ? ? 1_555 B DG 11 N2 ? ? A DC 4  B DG 11 1_555 ? ? ? ? ? ? WATSON-CRICK ? ? ? 
hydrog13 hydrog ? ? A DG 5  N1 ? ? ? 1_555 B DC 10 N3 ? ? A DG 5  B DC 10 1_555 ? ? ? ? ? ? WATSON-CRICK ? ? ? 
hydrog14 hydrog ? ? A DG 5  N2 ? ? ? 1_555 B DC 10 O2 ? ? A DG 5  B DC 10 1_555 ? ? ? ? ? ? WATSON-CRICK ? ? ? 
hydrog15 hydrog ? ? A DG 5  O6 ? ? ? 1_555 B DC 10 N4 ? ? A DG 5  B DC 10 1_555 ? ? ? ? ? ? WATSON-CRICK ? ? ? 
hydrog16 hydrog ? ? A DG 6  N1 ? ? ? 1_555 B DC 9  N3 ? ? A DG 6  B DC 9  1_555 ? ? ? ? ? ? WATSON-CRICK ? ? ? 
hydrog17 hydrog ? ? A DG 6  N2 ? ? ? 1_555 B DC 9  O2 ? ? A DG 6  B DC 9  1_555 ? ? ? ? ? ? WATSON-CRICK ? ? ? 
hydrog18 hydrog ? ? A DG 6  O6 ? ? ? 1_555 B DC 9  N4 ? ? A DG 6  B DC 9  1_555 ? ? ? ? ? ? WATSON-CRICK ? ? ? 
hydrog19 hydrog ? ? A DT 7  N3 ? ? ? 1_555 B DA 8  N1 ? ? A DT 7  B DA 8  1_555 ? ? ? ? ? ? WATSON-CRICK ? ? ? 
hydrog20 hydrog ? ? A DT 7  O4 ? ? ? 1_555 B DA 8  N6 ? ? A DT 7  B DA 8  1_555 ? ? ? ? ? ? WATSON-CRICK ? ? ? 
hydrog21 hydrog ? ? A DA 8  N1 ? ? ? 1_555 B DT 7  N3 ? ? A DA 8  B DT 7  1_555 ? ? ? ? ? ? WATSON-CRICK ? ? ? 
hydrog22 hydrog ? ? A DA 8  N6 ? ? ? 1_555 B DT 7  O4 ? ? A DA 8  B DT 7  1_555 ? ? ? ? ? ? WATSON-CRICK ? ? ? 
hydrog23 hydrog ? ? A DC 9  N3 ? ? ? 1_555 B DG 6  N1 ? ? A DC 9  B DG 6  1_555 ? ? ? ? ? ? WATSON-CRICK ? ? ? 
hydrog24 hydrog ? ? A DC 9  N4 ? ? ? 1_555 B DG 6  O6 ? ? A DC 9  B DG 6  1_555 ? ? ? ? ? ? WATSON-CRICK ? ? ? 
hydrog25 hydrog ? ? A DC 9  O2 ? ? ? 1_555 B DG 6  N2 ? ? A DC 9  B DG 6  1_555 ? ? ? ? ? ? WATSON-CRICK ? ? ? 
hydrog26 hydrog ? ? A DC 10 N3 ? ? ? 1_555 B DG 5  N1 ? ? A DC 10 B DG 5  1_555 ? ? ? ? ? ? WATSON-CRICK ? ? ? 
hydrog27 hydrog ? ? A DC 10 N4 ? ? ? 1_555 B DG 5  O6 ? ? A DC 10 B DG 5  1_555 ? ? ? ? ? ? WATSON-CRICK ? ? ? 
hydrog28 hydrog ? ? A DC 10 O2 ? ? ? 1_555 B DG 5  N2 ? ? A DC 10 B DG 5  1_555 ? ? ? ? ? ? WATSON-CRICK ? ? ? 
hydrog29 hydrog ? ? A DG 11 N1 ? ? ? 1_555 B DC 4  N3 ? ? A DG 11 B DC 4  1_555 ? ? ? ? ? ? WATSON-CRICK ? ? ? 
hydrog30 hydrog ? ? A DG 11 N2 ? ? ? 1_555 B DC 4  O2 ? ? A DG 11 B DC 4  1_555 ? ? ? ? ? ? WATSON-CRICK ? ? ? 
hydrog31 hydrog ? ? A DG 11 O6 ? ? ? 1_555 B DC 4  N4 ? ? A DG 11 B DC 4  1_555 ? ? ? ? ? ? WATSON-CRICK ? ? ? 
hydrog32 hydrog ? ? A DG 12 N1 ? ? ? 1_555 B DC 3  N3 ? ? A DG 12 B DC 3  1_555 ? ? ? ? ? ? WATSON-CRICK ? ? ? 
hydrog33 hydrog ? ? A DG 12 N2 ? ? ? 1_555 B DC 3  O2 ? ? A DG 12 B DC 3  1_555 ? ? ? ? ? ? WATSON-CRICK ? ? ? 
hydrog34 hydrog ? ? A DG 12 O6 ? ? ? 1_555 B DC 3  N4 ? ? A DG 12 B DC 3  1_555 ? ? ? ? ? ? WATSON-CRICK ? ? ? 
hydrog35 hydrog ? ? A DG 13 N1 ? ? ? 1_555 B DC 2  N3 ? ? A DG 13 B DC 2  1_555 ? ? ? ? ? ? WATSON-CRICK ? ? ? 
hydrog36 hydrog ? ? A DG 13 N2 ? ? ? 1_555 B DC 2  O2 ? ? A DG 13 B DC 2  1_555 ? ? ? ? ? ? WATSON-CRICK ? ? ? 
hydrog37 hydrog ? ? A DG 13 O6 ? ? ? 1_555 B DC 2  N4 ? ? A DG 13 B DC 2  1_555 ? ? ? ? ? ? WATSON-CRICK ? ? ? 
hydrog38 hydrog ? ? A DG 14 N1 ? ? ? 1_555 B DC 1  N3 ? ? A DG 14 B DC 1  1_555 ? ? ? ? ? ? WATSON-CRICK ? ? ? 
hydrog39 hydrog ? ? A DG 14 N2 ? ? ? 1_555 B DC 1  O2 ? ? A DG 14 B DC 1  1_555 ? ? ? ? ? ? WATSON-CRICK ? ? ? 
hydrog40 hydrog ? ? A DG 14 O6 ? ? ? 1_555 B DC 1  N4 ? ? A DG 14 B DC 1  1_555 ? ? ? ? ? ? WATSON-CRICK ? ? ? 
# 
_struct_conn_type.id          hydrog 
_struct_conn_type.criteria    ? 
_struct_conn_type.reference   ? 
# 
_atom_sites.entry_id                    4OKL 
_atom_sites.fract_transf_matrix[1][1]   -0.02208570 
_atom_sites.fract_transf_matrix[1][2]   -0.00911011 
_atom_sites.fract_transf_matrix[1][3]   -0.00404588 
_atom_sites.fract_transf_matrix[2][1]   0.00192463 
_atom_sites.fract_transf_matrix[2][2]   -0.01354710 
_atom_sites.fract_transf_matrix[2][3]   0.01999783 
_atom_sites.fract_transf_matrix[3][1]   -0.00460389 
_atom_sites.fract_transf_matrix[3][2]   0.00842868 
_atom_sites.fract_transf_matrix[3][3]   0.00615292 
_atom_sites.fract_transf_vector[1]      0.219431 
_atom_sites.fract_transf_vector[2]      0.296987 
_atom_sites.fract_transf_vector[3]      0.251376 
# 
loop_
_atom_type.symbol 
C 
N 
O 
P 
# 
loop_
_atom_site.group_PDB 
_atom_site.id 
_atom_site.type_symbol 
_atom_site.label_atom_id 
_atom_site.label_alt_id 
_atom_site.label_comp_id 
_atom_site.label_asym_id 
_atom_site.label_entity_id 
_atom_site.label_seq_id 
_atom_site.pdbx_PDB_ins_code 
_atom_site.Cartn_x 
_atom_site.Cartn_y 
_atom_site.Cartn_z 
_atom_site.occupancy 
_atom_site.B_iso_or_equiv 
_atom_site.pdbx_formal_charge 
_atom_site.auth_seq_id 
_atom_site.auth_comp_id 
_atom_site.auth_asym_id 
_atom_site.auth_atom_id 
_atom_site.pdbx_PDB_model_num 
ATOM   1   O "O5'" . DC  A 1 1  ? -4.915  -18.861 3.707   1.00 51.05 ? 1   DC  A "O5'" 1 
ATOM   2   C "C5'" . DC  A 1 1  ? -4.969  -19.121 5.106   1.00 49.99 ? 1   DC  A "C5'" 1 
ATOM   3   C "C4'" . DC  A 1 1  ? -3.579  -19.102 5.718   1.00 42.41 ? 1   DC  A "C4'" 1 
ATOM   4   O "O4'" . DC  A 1 1  ? -2.792  -20.196 5.186   1.00 46.25 ? 1   DC  A "O4'" 1 
ATOM   5   C "C3'" . DC  A 1 1  ? -2.751  -17.869 5.397   1.00 39.20 ? 1   DC  A "C3'" 1 
ATOM   6   O "O3'" . DC  A 1 1  ? -3.076  -16.793 6.264   1.00 39.56 ? 1   DC  A "O3'" 1 
ATOM   7   C "C2'" . DC  A 1 1  ? -1.345  -18.392 5.657   1.00 39.84 ? 1   DC  A "C2'" 1 
ATOM   8   C "C1'" . DC  A 1 1  ? -1.441  -19.785 5.048   1.00 40.82 ? 1   DC  A "C1'" 1 
ATOM   9   N N1    . DC  A 1 1  ? -1.061  -19.816 3.606   1.00 42.11 ? 1   DC  A N1    1 
ATOM   10  C C2    . DC  A 1 1  ? 0.289   -19.685 3.250   1.00 45.60 ? 1   DC  A C2    1 
ATOM   11  O O2    . DC  A 1 1  ? 1.143   -19.549 4.137   1.00 40.05 ? 1   DC  A O2    1 
ATOM   12  N N3    . DC  A 1 1  ? 0.628   -19.716 1.936   1.00 48.32 ? 1   DC  A N3    1 
ATOM   13  C C4    . DC  A 1 1  ? -0.316  -19.869 1.008   1.00 46.16 ? 1   DC  A C4    1 
ATOM   14  N N4    . DC  A 1 1  ? 0.067   -19.892 -0.273  1.00 44.01 ? 1   DC  A N4    1 
ATOM   15  C C5    . DC  A 1 1  ? -1.695  -20.002 1.348   1.00 46.44 ? 1   DC  A C5    1 
ATOM   16  C C6    . DC  A 1 1  ? -2.019  -19.971 2.646   1.00 46.97 ? 1   DC  A C6    1 
ATOM   17  P P     . DC  A 1 2  ? -2.854  -15.279 5.781   1.00 45.85 ? 2   DC  A P     1 
ATOM   18  O OP1   . DC  A 1 2  ? -3.491  -14.390 6.777   1.00 52.70 ? 2   DC  A OP1   1 
ATOM   19  O OP2   . DC  A 1 2  ? -3.250  -15.193 4.358   1.00 47.35 ? 2   DC  A OP2   1 
ATOM   20  O "O5'" . DC  A 1 2  ? -1.266  -15.080 5.852   1.00 39.69 ? 2   DC  A "O5'" 1 
ATOM   21  C "C5'" . DC  A 1 2  ? -0.588  -15.251 7.089   1.00 42.49 ? 2   DC  A "C5'" 1 
ATOM   22  C "C4'" . DC  A 1 2  ? 0.909   -15.092 6.902   1.00 38.16 ? 2   DC  A "C4'" 1 
ATOM   23  O "O4'" . DC  A 1 2  ? 1.416   -16.142 6.042   1.00 41.08 ? 2   DC  A "O4'" 1 
ATOM   24  C "C3'" . DC  A 1 2  ? 1.323   -13.810 6.203   1.00 40.62 ? 2   DC  A "C3'" 1 
ATOM   25  O "O3'" . DC  A 1 2  ? 1.394   -12.745 7.132   1.00 46.30 ? 2   DC  A "O3'" 1 
ATOM   26  C "C2'" . DC  A 1 2  ? 2.702   -14.183 5.679   1.00 43.83 ? 2   DC  A "C2'" 1 
ATOM   27  C "C1'" . DC  A 1 2  ? 2.471   -15.628 5.246   1.00 48.06 ? 2   DC  A "C1'" 1 
ATOM   28  N N1    . DC  A 1 2  ? 2.111   -15.782 3.804   1.00 45.82 ? 2   DC  A N1    1 
ATOM   29  C C2    . DC  A 1 2  ? 3.102   -15.607 2.831   1.00 41.18 ? 2   DC  A C2    1 
ATOM   30  O O2    . DC  A 1 2  ? 4.253   -15.322 3.188   1.00 38.58 ? 2   DC  A O2    1 
ATOM   31  N N3    . DC  A 1 2  ? 2.773   -15.754 1.522   1.00 45.95 ? 2   DC  A N3    1 
ATOM   32  C C4    . DC  A 1 2  ? 1.522   -16.062 1.177   1.00 42.49 ? 2   DC  A C4    1 
ATOM   33  N N4    . DC  A 1 2  ? 1.245   -16.198 -0.125  1.00 41.89 ? 2   DC  A N4    1 
ATOM   34  C C5    . DC  A 1 2  ? 0.500   -16.247 2.157   1.00 38.45 ? 2   DC  A C5    1 
ATOM   35  C C6    . DC  A 1 2  ? 0.833   -16.100 3.445   1.00 41.77 ? 2   DC  A C6    1 
ATOM   36  P P     . DC  A 1 3  ? 1.142   -11.239 6.638   1.00 46.95 ? 3   DC  A P     1 
ATOM   37  O OP1   . DC  A 1 3  ? 1.088   -10.387 7.849   1.00 56.29 ? 3   DC  A OP1   1 
ATOM   38  O OP2   . DC  A 1 3  ? 0.005   -11.253 5.689   1.00 48.84 ? 3   DC  A OP2   1 
ATOM   39  O "O5'" . DC  A 1 3  ? 2.456   -10.877 5.802   1.00 43.36 ? 3   DC  A "O5'" 1 
ATOM   40  C "C5'" . DC  A 1 3  ? 3.715   -10.821 6.460   1.00 47.61 ? 3   DC  A "C5'" 1 
ATOM   41  C "C4'" . DC  A 1 3  ? 4.850   -10.745 5.456   1.00 46.36 ? 3   DC  A "C4'" 1 
ATOM   42  O "O4'" . DC  A 1 3  ? 4.783   -11.884 4.564   1.00 48.83 ? 3   DC  A "O4'" 1 
ATOM   43  C "C3'" . DC  A 1 3  ? 4.819   -9.555  4.511   1.00 45.06 ? 3   DC  A "C3'" 1 
ATOM   44  O "O3'" . DC  A 1 3  ? 5.356   -8.393  5.125   1.00 49.03 ? 3   DC  A "O3'" 1 
ATOM   45  C "C2'" . DC  A 1 3  ? 5.741   -10.054 3.405   1.00 45.34 ? 3   DC  A "C2'" 1 
ATOM   46  C "C1'" . DC  A 1 3  ? 5.368   -11.532 3.322   1.00 45.63 ? 3   DC  A "C1'" 1 
ATOM   47  N N1    . DC  A 1 3  ? 4.418   -11.855 2.216   1.00 41.06 ? 3   DC  A N1    1 
ATOM   48  C C2    . DC  A 1 3  ? 4.888   -11.863 0.896   1.00 38.76 ? 3   DC  A C2    1 
ATOM   49  O O2    . DC  A 1 3  ? 6.078   -11.596 0.678   1.00 44.01 ? 3   DC  A O2    1 
ATOM   50  N N3    . DC  A 1 3  ? 4.027   -12.167 -0.109  1.00 39.67 ? 3   DC  A N3    1 
ATOM   51  C C4    . DC  A 1 3  ? 2.753   -12.448 0.169   1.00 43.88 ? 3   DC  A C4    1 
ATOM   52  N N4    . DC  A 1 3  ? 1.938   -12.737 -0.851  1.00 44.90 ? 3   DC  A N4    1 
ATOM   53  C C5    . DC  A 1 3  ? 2.256   -12.444 1.508   1.00 42.80 ? 3   DC  A C5    1 
ATOM   54  C C6    . DC  A 1 3  ? 3.114   -12.146 2.492   1.00 39.00 ? 3   DC  A C6    1 
ATOM   55  P P     . DC  A 1 4  ? 5.077   -6.941  4.491   1.00 48.57 ? 4   DC  A P     1 
ATOM   56  O OP1   . DC  A 1 4  ? 5.626   -5.946  5.439   1.00 56.99 ? 4   DC  A OP1   1 
ATOM   57  O OP2   . DC  A 1 4  ? 3.656   -6.876  4.086   1.00 43.61 ? 4   DC  A OP2   1 
ATOM   58  O "O5'" . DC  A 1 4  ? 5.972   -6.914  3.162   1.00 44.60 ? 4   DC  A "O5'" 1 
ATOM   59  C "C5'" . DC  A 1 4  ? 7.391   -6.915  3.263   1.00 45.44 ? 4   DC  A "C5'" 1 
ATOM   60  C "C4'" . DC  A 1 4  ? 8.027   -6.902  1.884   1.00 50.49 ? 4   DC  A "C4'" 1 
ATOM   61  O "O4'" . DC  A 1 4  ? 7.667   -8.104  1.156   1.00 53.99 ? 4   DC  A "O4'" 1 
ATOM   62  C "C3'" . DC  A 1 4  ? 7.560   -5.774  0.980   1.00 49.32 ? 4   DC  A "C3'" 1 
ATOM   63  O "O3'" . DC  A 1 4  ? 8.290   -4.589  1.248   1.00 51.26 ? 4   DC  A "O3'" 1 
ATOM   64  C "C2'" . DC  A 1 4  ? 7.898   -6.326  -0.397  1.00 50.94 ? 4   DC  A "C2'" 1 
ATOM   65  C "C1'" . DC  A 1 4  ? 7.555   -7.803  -0.225  1.00 51.53 ? 4   DC  A "C1'" 1 
ATOM   66  N N1    . DC  A 1 4  ? 6.179   -8.164  -0.690  1.00 43.53 ? 4   DC  A N1    1 
ATOM   67  C C2    . DC  A 1 4  ? 5.920   -8.254  -2.063  1.00 44.05 ? 4   DC  A C2    1 
ATOM   68  O O2    . DC  A 1 4  ? 6.830   -8.029  -2.869  1.00 45.32 ? 4   DC  A O2    1 
ATOM   69  N N3    . DC  A 1 4  ? 4.671   -8.590  -2.474  1.00 41.01 ? 4   DC  A N3    1 
ATOM   70  C C4    . DC  A 1 4  ? 3.715   -8.830  -1.578  1.00 37.44 ? 4   DC  A C4    1 
ATOM   71  N N4    . DC  A 1 4  ? 2.500   -9.157  -2.035  1.00 41.65 ? 4   DC  A N4    1 
ATOM   72  C C5    . DC  A 1 4  ? 3.959   -8.742  -0.175  1.00 40.20 ? 4   DC  A C5    1 
ATOM   73  C C6    . DC  A 1 4  ? 5.195   -8.410  0.221   1.00 39.68 ? 4   DC  A C6    1 
ATOM   74  P P     . DG  A 1 5  ? 7.675   -3.160  0.847   1.00 57.62 ? 5   DG  A P     1 
ATOM   75  O OP1   . DG  A 1 5  ? 8.425   -2.135  1.606   1.00 67.04 ? 5   DG  A OP1   1 
ATOM   76  O OP2   . DG  A 1 5  ? 6.201   -3.251  0.952   1.00 55.78 ? 5   DG  A OP2   1 
ATOM   77  O "O5'" . DG  A 1 5  ? 8.033   -3.009  -0.703  1.00 50.62 ? 5   DG  A "O5'" 1 
ATOM   78  C "C5'" . DG  A 1 5  ? 9.377   -3.114  -1.134  1.00 46.50 ? 5   DG  A "C5'" 1 
ATOM   79  C "C4'" . DG  A 1 5  ? 9.427   -3.091  -2.649  1.00 52.66 ? 5   DG  A "C4'" 1 
ATOM   80  O "O4'" . DG  A 1 5  ? 8.848   -4.313  -3.172  1.00 52.03 ? 5   DG  A "O4'" 1 
ATOM   81  C "C3'" . DG  A 1 5  ? 8.604   -1.983  -3.289  1.00 51.01 ? 5   DG  A "C3'" 1 
ATOM   82  O "O3'" . DG  A 1 5  ? 9.358   -0.779  -3.364  1.00 47.71 ? 5   DG  A "O3'" 1 
ATOM   83  C "C2'" . DG  A 1 5  ? 8.337   -2.556  -4.675  1.00 47.82 ? 5   DG  A "C2'" 1 
ATOM   84  C "C1'" . DG  A 1 5  ? 8.137   -4.035  -4.364  1.00 50.68 ? 5   DG  A "C1'" 1 
ATOM   85  N N9    . DG  A 1 5  ? 6.739   -4.416  -4.175  1.00 42.93 ? 5   DG  A N9    1 
ATOM   86  C C8    . DG  A 1 5  ? 6.082   -4.616  -2.983  1.00 36.46 ? 5   DG  A C8    1 
ATOM   87  N N7    . DG  A 1 5  ? 4.829   -4.958  -3.132  1.00 38.86 ? 5   DG  A N7    1 
ATOM   88  C C5    . DG  A 1 5  ? 4.648   -4.987  -4.510  1.00 40.05 ? 5   DG  A C5    1 
ATOM   89  C C6    . DG  A 1 5  ? 3.496   -5.291  -5.271  1.00 35.37 ? 5   DG  A C6    1 
ATOM   90  O O6    . DG  A 1 5  ? 2.371   -5.607  -4.867  1.00 39.83 ? 5   DG  A O6    1 
ATOM   91  N N1    . DG  A 1 5  ? 3.740   -5.204  -6.639  1.00 38.50 ? 5   DG  A N1    1 
ATOM   92  C C2    . DG  A 1 5  ? 4.946   -4.864  -7.202  1.00 44.76 ? 5   DG  A C2    1 
ATOM   93  N N2    . DG  A 1 5  ? 4.985   -4.831  -8.540  1.00 43.98 ? 5   DG  A N2    1 
ATOM   94  N N3    . DG  A 1 5  ? 6.035   -4.575  -6.500  1.00 44.86 ? 5   DG  A N3    1 
ATOM   95  C C4    . DG  A 1 5  ? 5.812   -4.655  -5.165  1.00 39.41 ? 5   DG  A C4    1 
ATOM   96  P P     . DG  A 1 6  ? 8.623   0.643   -3.234  1.00 49.16 ? 6   DG  A P     1 
ATOM   97  O OP1   . DG  A 1 6  ? 9.666   1.686   -3.349  1.00 57.00 ? 6   DG  A OP1   1 
ATOM   98  O OP2   . DG  A 1 6  ? 7.731   0.608   -2.053  1.00 50.07 ? 6   DG  A OP2   1 
ATOM   99  O "O5'" . DG  A 1 6  ? 7.679   0.715   -4.523  1.00 52.44 ? 6   DG  A "O5'" 1 
ATOM   100 C "C5'" . DG  A 1 6  ? 8.235   0.897   -5.819  1.00 50.29 ? 6   DG  A "C5'" 1 
ATOM   101 C "C4'" . DG  A 1 6  ? 7.162   0.712   -6.876  1.00 48.21 ? 6   DG  A "C4'" 1 
ATOM   102 O "O4'" . DG  A 1 6  ? 6.642   -0.638  -6.789  1.00 44.74 ? 6   DG  A "O4'" 1 
ATOM   103 C "C3'" . DG  A 1 6  ? 5.927   1.585   -6.715  1.00 48.80 ? 6   DG  A "C3'" 1 
ATOM   104 O "O3'" . DG  A 1 6  ? 6.146   2.884   -7.252  1.00 45.91 ? 6   DG  A "O3'" 1 
ATOM   105 C "C2'" . DG  A 1 6  ? 4.917   0.795   -7.540  1.00 38.46 ? 6   DG  A "C2'" 1 
ATOM   106 C "C1'" . DG  A 1 6  ? 5.269   -0.637  -7.149  1.00 41.30 ? 6   DG  A "C1'" 1 
ATOM   107 N N9    . DG  A 1 6  ? 4.449   -1.140  -6.052  1.00 38.71 ? 6   DG  A N9    1 
ATOM   108 C C8    . DG  A 1 6  ? 4.769   -1.247  -4.721  1.00 43.64 ? 6   DG  A C8    1 
ATOM   109 N N7    . DG  A 1 6  ? 3.800   -1.732  -3.992  1.00 35.29 ? 6   DG  A N7    1 
ATOM   110 C C5    . DG  A 1 6  ? 2.771   -1.958  -4.898  1.00 35.01 ? 6   DG  A C5    1 
ATOM   111 C C6    . DG  A 1 6  ? 1.468   -2.478  -4.703  1.00 34.51 ? 6   DG  A C6    1 
ATOM   112 O O6    . DG  A 1 6  ? 0.938   -2.859  -3.650  1.00 37.84 ? 6   DG  A O6    1 
ATOM   113 N N1    . DG  A 1 6  ? 0.752   -2.539  -5.899  1.00 35.86 ? 6   DG  A N1    1 
ATOM   114 C C2    . DG  A 1 6  ? 1.231   -2.148  -7.126  1.00 36.74 ? 6   DG  A C2    1 
ATOM   115 N N2    . DG  A 1 6  ? 0.397   -2.277  -8.170  1.00 39.01 ? 6   DG  A N2    1 
ATOM   116 N N3    . DG  A 1 6  ? 2.451   -1.661  -7.322  1.00 36.82 ? 6   DG  A N3    1 
ATOM   117 C C4    . DG  A 1 6  ? 3.157   -1.595  -6.168  1.00 33.85 ? 6   DG  A C4    1 
ATOM   118 P P     . DT  A 1 7  ? 5.331   4.145   -6.680  1.00 46.74 ? 7   DT  A P     1 
ATOM   119 O OP1   . DT  A 1 7  ? 6.013   5.369   -7.152  1.00 50.05 ? 7   DT  A OP1   1 
ATOM   120 O OP2   . DT  A 1 7  ? 5.105   3.930   -5.233  1.00 41.19 ? 7   DT  A OP2   1 
ATOM   121 O "O5'" . DT  A 1 7  ? 3.901   4.043   -7.390  1.00 47.12 ? 7   DT  A "O5'" 1 
ATOM   122 C "C5'" . DT  A 1 7  ? 3.799   4.075   -8.807  1.00 46.83 ? 7   DT  A "C5'" 1 
ATOM   123 C "C4'" . DT  A 1 7  ? 2.402   3.667   -9.238  1.00 44.29 ? 7   DT  A "C4'" 1 
ATOM   124 O "O4'" . DT  A 1 7  ? 2.147   2.304   -8.818  1.00 43.80 ? 7   DT  A "O4'" 1 
ATOM   125 C "C3'" . DT  A 1 7  ? 1.264   4.452   -8.601  1.00 44.73 ? 7   DT  A "C3'" 1 
ATOM   126 O "O3'" . DT  A 1 7  ? 1.058   5.686   -9.268  1.00 42.44 ? 7   DT  A "O3'" 1 
ATOM   127 C "C2'" . DT  A 1 7  ? 0.101   3.496   -8.829  1.00 41.85 ? 7   DT  A "C2'" 1 
ATOM   128 C "C1'" . DT  A 1 7  ? 0.760   2.146   -8.569  1.00 40.18 ? 7   DT  A "C1'" 1 
ATOM   129 N N1    . DT  A 1 7  ? 0.551   1.654   -7.177  1.00 43.25 ? 7   DT  A N1    1 
ATOM   130 C C2    . DT  A 1 7  ? -0.637  1.022   -6.878  1.00 39.01 ? 7   DT  A C2    1 
ATOM   131 O O2    . DT  A 1 7  ? -1.520  0.847   -7.701  1.00 39.30 ? 7   DT  A O2    1 
ATOM   132 N N3    . DT  A 1 7  ? -0.746  0.598   -5.580  1.00 38.48 ? 7   DT  A N3    1 
ATOM   133 C C4    . DT  A 1 7  ? 0.190   0.746   -4.572  1.00 34.16 ? 7   DT  A C4    1 
ATOM   134 O O4    . DT  A 1 7  ? -0.001  0.333   -3.433  1.00 39.88 ? 7   DT  A O4    1 
ATOM   135 C C5    . DT  A 1 7  ? 1.409   1.419   -4.951  1.00 38.48 ? 7   DT  A C5    1 
ATOM   136 C C7    . DT  A 1 7  ? 2.495   1.633   -3.936  1.00 43.41 ? 7   DT  A C7    1 
ATOM   137 C C6    . DT  A 1 7  ? 1.531   1.835   -6.219  1.00 39.14 ? 7   DT  A C6    1 
ATOM   138 P P     . DA  A 1 8  ? 0.292   6.890   -8.526  1.00 46.71 ? 8   DA  A P     1 
ATOM   139 O OP1   . DA  A 1 8  ? 0.397   8.067   -9.416  1.00 45.70 ? 8   DA  A OP1   1 
ATOM   140 O OP2   . DA  A 1 8  ? 0.767   6.965   -7.125  1.00 50.60 ? 8   DA  A OP2   1 
ATOM   141 O "O5'" . DA  A 1 8  ? -1.233  6.412   -8.464  1.00 40.66 ? 8   DA  A "O5'" 1 
ATOM   142 C "C5'" . DA  A 1 8  ? -2.017  6.327   -9.644  1.00 44.36 ? 8   DA  A "C5'" 1 
ATOM   143 C "C4'" . DA  A 1 8  ? -3.318  5.616   -9.330  1.00 43.81 ? 8   DA  A "C4'" 1 
ATOM   144 O "O4'" . DA  A 1 8  ? -3.033  4.319   -8.757  1.00 42.56 ? 8   DA  A "O4'" 1 
ATOM   145 C "C3'" . DA  A 1 8  ? -4.173  6.289   -8.270  1.00 42.77 ? 8   DA  A "C3'" 1 
ATOM   146 O "O3'" . DA  A 1 8  ? -4.945  7.326   -8.846  1.00 46.05 ? 8   DA  A "O3'" 1 
ATOM   147 C "C2'" . DA  A 1 8  ? -5.046  5.129   -7.813  1.00 43.57 ? 8   DA  A "C2'" 1 
ATOM   148 C "C1'" . DA  A 1 8  ? -4.050  3.978   -7.832  1.00 44.41 ? 8   DA  A "C1'" 1 
ATOM   149 N N9    . DA  A 1 8  ? -3.433  3.712   -6.534  1.00 41.93 ? 8   DA  A N9    1 
ATOM   150 C C8    . DA  A 1 8  ? -2.198  4.102   -6.094  1.00 40.66 ? 8   DA  A C8    1 
ATOM   151 N N7    . DA  A 1 8  ? -1.921  3.701   -4.873  1.00 35.96 ? 8   DA  A N7    1 
ATOM   152 C C5    . DA  A 1 8  ? -3.053  2.998   -4.494  1.00 33.14 ? 8   DA  A C5    1 
ATOM   153 C C6    . DA  A 1 8  ? -3.397  2.318   -3.313  1.00 35.64 ? 8   DA  A C6    1 
ATOM   154 N N6    . DA  A 1 8  ? -2.589  2.235   -2.253  1.00 34.40 ? 8   DA  A N6    1 
ATOM   155 N N1    . DA  A 1 8  ? -4.608  1.722   -3.258  1.00 36.79 ? 8   DA  A N1    1 
ATOM   156 C C2    . DA  A 1 8  ? -5.415  1.806   -4.319  1.00 35.62 ? 8   DA  A C2    1 
ATOM   157 N N3    . DA  A 1 8  ? -5.204  2.413   -5.486  1.00 37.06 ? 8   DA  A N3    1 
ATOM   158 C C4    . DA  A 1 8  ? -3.993  2.995   -5.506  1.00 37.94 ? 8   DA  A C4    1 
ATOM   159 P P     . DC  A 1 9  ? -5.381  8.591   -7.957  1.00 48.87 ? 9   DC  A P     1 
ATOM   160 O OP1   . DC  A 1 9  ? -5.959  9.603   -8.866  1.00 48.33 ? 9   DC  A OP1   1 
ATOM   161 O OP2   . DC  A 1 9  ? -4.236  8.935   -7.084  1.00 48.51 ? 9   DC  A OP2   1 
ATOM   162 O "O5'" . DC  A 1 9  ? -6.533  8.022   -7.004  1.00 42.87 ? 9   DC  A "O5'" 1 
ATOM   163 C "C5'" . DC  A 1 9  ? -7.720  7.464   -7.547  1.00 38.98 ? 9   DC  A "C5'" 1 
ATOM   164 C "C4'" . DC  A 1 9  ? -8.417  6.633   -6.487  1.00 38.87 ? 9   DC  A "C4'" 1 
ATOM   165 O "O4'" . DC  A 1 9  ? -7.537  5.573   -6.043  1.00 43.41 ? 9   DC  A "O4'" 1 
ATOM   166 C "C3'" . DC  A 1 9  ? -8.738  7.389   -5.209  1.00 41.56 ? 9   DC  A "C3'" 1 
ATOM   167 O "O3'" . DC  A 1 9  ? -9.980  8.044   -5.323  1.00 40.47 ? 9   DC  A "O3'" 1 
ATOM   168 C "C2'" . DC  A 1 9  ? -8.837  6.273   -4.183  1.00 41.18 ? 9   DC  A "C2'" 1 
ATOM   169 C "C1'" . DC  A 1 9  ? -7.807  5.270   -4.684  1.00 42.52 ? 9   DC  A "C1'" 1 
ATOM   170 N N1    . DC  A 1 9  ? -6.564  5.316   -3.874  1.00 37.31 ? 9   DC  A N1    1 
ATOM   171 C C2    . DC  A 1 9  ? -6.523  4.570   -2.693  1.00 32.76 ? 9   DC  A C2    1 
ATOM   172 O O2    . DC  A 1 9  ? -7.520  3.902   -2.384  1.00 34.45 ? 9   DC  A O2    1 
ATOM   173 N N3    . DC  A 1 9  ? -5.399  4.601   -1.936  1.00 35.69 ? 9   DC  A N3    1 
ATOM   174 C C4    . DC  A 1 9  ? -4.357  5.340   -2.322  1.00 35.08 ? 9   DC  A C4    1 
ATOM   175 N N4    . DC  A 1 9  ? -3.264  5.345   -1.551  1.00 34.71 ? 9   DC  A N4    1 
ATOM   176 C C5    . DC  A 1 9  ? -4.387  6.111   -3.524  1.00 33.90 ? 9   DC  A C5    1 
ATOM   177 C C6    . DC  A 1 9  ? -5.500  6.074   -4.261  1.00 35.17 ? 9   DC  A C6    1 
ATOM   178 P P     . DC  A 1 10 ? -10.363 9.215   -4.295  1.00 40.88 ? 10  DC  A P     1 
ATOM   179 O OP1   . DC  A 1 10 ? -11.597 9.843   -4.815  1.00 45.69 ? 10  DC  A OP1   1 
ATOM   180 O OP2   . DC  A 1 10 ? -9.154  10.026  -4.041  1.00 38.33 ? 10  DC  A OP2   1 
ATOM   181 O "O5'" . DC  A 1 10 ? -10.716 8.449   -2.934  1.00 35.76 ? 10  DC  A "O5'" 1 
ATOM   182 C "C5'" . DC  A 1 10 ? -11.983 7.840   -2.764  1.00 37.00 ? 10  DC  A "C5'" 1 
ATOM   183 C "C4'" . DC  A 1 10 ? -12.152 7.446   -1.311  1.00 38.01 ? 10  DC  A "C4'" 1 
ATOM   184 O "O4'" . DC  A 1 10 ? -11.255 6.350   -0.995  1.00 36.19 ? 10  DC  A "O4'" 1 
ATOM   185 C "C3'" . DC  A 1 10 ? -11.744 8.518   -0.316  1.00 31.92 ? 10  DC  A "C3'" 1 
ATOM   186 O "O3'" . DC  A 1 10 ? -12.755 9.505   -0.169  1.00 36.49 ? 10  DC  A "O3'" 1 
ATOM   187 C "C2'" . DC  A 1 10 ? -11.560 7.673   0.941   1.00 32.70 ? 10  DC  A "C2'" 1 
ATOM   188 C "C1'" . DC  A 1 10 ? -10.848 6.454   0.359   1.00 34.30 ? 10  DC  A "C1'" 1 
ATOM   189 N N1    . DC  A 1 10 ? -9.363  6.573   0.417   1.00 34.24 ? 10  DC  A N1    1 
ATOM   190 C C2    . DC  A 1 10 ? -8.694  6.188   1.583   1.00 33.39 ? 10  DC  A C2    1 
ATOM   191 O O2    . DC  A 1 10 ? -9.348  5.752   2.537   1.00 34.85 ? 10  DC  A O2    1 
ATOM   192 N N3    . DC  A 1 10 ? -7.344  6.305   1.632   1.00 32.84 ? 10  DC  A N3    1 
ATOM   193 C C4    . DC  A 1 10 ? -6.675  6.777   0.578   1.00 33.42 ? 10  DC  A C4    1 
ATOM   194 N N4    . DC  A 1 10 ? -5.344  6.872   0.674   1.00 33.13 ? 10  DC  A N4    1 
ATOM   195 C C5    . DC  A 1 10 ? -7.339  7.179   -0.616  1.00 34.07 ? 10  DC  A C5    1 
ATOM   196 C C6    . DC  A 1 10 ? -8.669  7.058   -0.656  1.00 34.31 ? 10  DC  A C6    1 
ATOM   197 P P     . DG  A 1 11 ? -12.375 10.950  0.422   1.00 37.51 ? 11  DG  A P     1 
ATOM   198 O OP1   . DG  A 1 11 ? -13.577 11.810  0.324   1.00 41.08 ? 11  DG  A OP1   1 
ATOM   199 O OP2   . DG  A 1 11 ? -11.098 11.372  -0.194  1.00 38.34 ? 11  DG  A OP2   1 
ATOM   200 O "O5'" . DG  A 1 11 ? -12.092 10.653  1.964   1.00 33.88 ? 11  DG  A "O5'" 1 
ATOM   201 C "C5'" . DG  A 1 11 ? -11.121 11.390  2.674   1.00 32.79 ? 11  DG  A "C5'" 1 
ATOM   202 C "C4'" . DG  A 1 11 ? -10.849 10.662  3.973   1.00 35.98 ? 11  DG  A "C4'" 1 
ATOM   203 O "O4'" . DG  A 1 11 ? -10.329 9.331   3.695   1.00 32.21 ? 11  DG  A "O4'" 1 
ATOM   204 C "C3'" . DG  A 1 11 ? -9.808  11.307  4.866   1.00 34.76 ? 11  DG  A "C3'" 1 
ATOM   205 O "O3'" . DG  A 1 11 ? -10.426 12.336  5.636   1.00 37.47 ? 11  DG  A "O3'" 1 
ATOM   206 C "C2'" . DG  A 1 11 ? -9.421  10.092  5.703   1.00 35.42 ? 11  DG  A "C2'" 1 
ATOM   207 C "C1'" . DG  A 1 11 ? -9.283  9.043   4.605   1.00 32.13 ? 11  DG  A "C1'" 1 
ATOM   208 N N9    . DG  A 1 11 ? -7.996  9.172   3.930   1.00 32.08 ? 11  DG  A N9    1 
ATOM   209 C C8    . DG  A 1 11 ? -7.751  9.593   2.646   1.00 31.56 ? 11  DG  A C8    1 
ATOM   210 N N7    . DG  A 1 11 ? -6.483  9.625   2.343   1.00 34.09 ? 11  DG  A N7    1 
ATOM   211 C C5    . DG  A 1 11 ? -5.845  9.200   3.501   1.00 33.27 ? 11  DG  A C5    1 
ATOM   212 C C6    . DG  A 1 11 ? -4.468  9.029   3.777   1.00 34.23 ? 11  DG  A C6    1 
ATOM   213 O O6    . DG  A 1 11 ? -3.505  9.228   3.027   1.00 34.47 ? 11  DG  A O6    1 
ATOM   214 N N1    . DG  A 1 11 ? -4.246  8.583   5.077   1.00 32.63 ? 11  DG  A N1    1 
ATOM   215 C C2    . DG  A 1 11 ? -5.235  8.329   5.997   1.00 31.27 ? 11  DG  A C2    1 
ATOM   216 N N2    . DG  A 1 11 ? -4.834  7.904   7.206   1.00 32.99 ? 11  DG  A N2    1 
ATOM   217 N N3    . DG  A 1 11 ? -6.529  8.485   5.748   1.00 31.24 ? 11  DG  A N3    1 
ATOM   218 C C4    . DG  A 1 11 ? -6.761  8.922   4.485   1.00 31.32 ? 11  DG  A C4    1 
ATOM   219 P P     . DG  A 1 12 ? -9.616  13.677  6.004   1.00 38.45 ? 12  DG  A P     1 
ATOM   220 O OP1   . DG  A 1 12 ? -10.573 14.598  6.658   1.00 45.38 ? 12  DG  A OP1   1 
ATOM   221 O OP2   . DG  A 1 12 ? -8.861  14.129  4.816   1.00 37.23 ? 12  DG  A OP2   1 
ATOM   222 O "O5'" . DG  A 1 12 ? -8.570  13.199  7.111   1.00 38.60 ? 12  DG  A "O5'" 1 
ATOM   223 C "C5'" . DG  A 1 12 ? -9.037  12.582  8.303   1.00 34.28 ? 12  DG  A "C5'" 1 
ATOM   224 C "C4'" . DG  A 1 12 ? -7.879  11.992  9.083   1.00 35.27 ? 12  DG  A "C4'" 1 
ATOM   225 O "O4'" . DG  A 1 12 ? -7.233  10.960  8.294   1.00 36.80 ? 12  DG  A "O4'" 1 
ATOM   226 C "C3'" . DG  A 1 12 ? -6.742  12.955  9.387   1.00 37.77 ? 12  DG  A "C3'" 1 
ATOM   227 O "O3'" . DG  A 1 12 ? -7.044  13.780  10.499  1.00 42.68 ? 12  DG  A "O3'" 1 
ATOM   228 C "C2'" . DG  A 1 12 ? -5.642  11.959  9.713   1.00 36.24 ? 12  DG  A "C2'" 1 
ATOM   229 C "C1'" . DG  A 1 12 ? -5.843  10.974  8.568   1.00 32.26 ? 12  DG  A "C1'" 1 
ATOM   230 N N9    . DG  A 1 12 ? -5.112  11.376  7.370   1.00 35.45 ? 12  DG  A N9    1 
ATOM   231 C C8    . DG  A 1 12 ? -5.611  11.884  6.196   1.00 33.85 ? 12  DG  A C8    1 
ATOM   232 N N7    . DG  A 1 12 ? -4.685  12.150  5.313   1.00 36.46 ? 12  DG  A N7    1 
ATOM   233 C C5    . DG  A 1 12 ? -3.499  11.800  5.944   1.00 35.69 ? 12  DG  A C5    1 
ATOM   234 C C6    . DG  A 1 12 ? -2.161  11.867  5.488   1.00 37.22 ? 12  DG  A C6    1 
ATOM   235 O O6    . DG  A 1 12 ? -1.739  12.264  4.392   1.00 37.35 ? 12  DG  A O6    1 
ATOM   236 N N1    . DG  A 1 12 ? -1.261  11.413  6.450   1.00 33.33 ? 12  DG  A N1    1 
ATOM   237 C C2    . DG  A 1 12 ? -1.607  10.953  7.699   1.00 34.61 ? 12  DG  A C2    1 
ATOM   238 N N2    . DG  A 1 12 ? -0.602  10.553  8.494   1.00 37.90 ? 12  DG  A N2    1 
ATOM   239 N N3    . DG  A 1 12 ? -2.859  10.887  8.137   1.00 37.35 ? 12  DG  A N3    1 
ATOM   240 C C4    . DG  A 1 12 ? -3.746  11.323  7.210   1.00 30.40 ? 12  DG  A C4    1 
ATOM   241 P P     . DG  A 1 13 ? -6.358  15.228  10.638  1.00 45.04 ? 13  DG  A P     1 
ATOM   242 O OP1   . DG  A 1 13 ? -6.998  15.908  11.783  1.00 45.79 ? 13  DG  A OP1   1 
ATOM   243 O OP2   . DG  A 1 13 ? -6.347  15.859  9.298   1.00 39.86 ? 13  DG  A OP2   1 
ATOM   244 O "O5'" . DG  A 1 13 ? -4.837  14.906  11.015  1.00 41.34 ? 13  DG  A "O5'" 1 
ATOM   245 C "C5'" . DG  A 1 13 ? -4.530  14.246  12.222  1.00 47.41 ? 13  DG  A "C5'" 1 
ATOM   246 C "C4'" . DG  A 1 13 ? -3.059  13.880  12.250  1.00 48.74 ? 13  DG  A "C4'" 1 
ATOM   247 O "O4'" . DG  A 1 13 ? -2.748  13.048  11.105  1.00 43.59 ? 13  DG  A "O4'" 1 
ATOM   248 C "C3'" . DG  A 1 13 ? -2.083  15.034  12.094  1.00 46.54 ? 13  DG  A "C3'" 1 
ATOM   249 O "O3'" . DG  A 1 13 ? -1.935  15.777  13.297  1.00 40.78 ? 13  DG  A "O3'" 1 
ATOM   250 C "C2'" . DG  A 1 13 ? -0.830  14.231  11.767  1.00 51.25 ? 13  DG  A "C2'" 1 
ATOM   251 C "C1'" . DG  A 1 13 ? -1.391  13.245  10.750  1.00 47.04 ? 13  DG  A "C1'" 1 
ATOM   252 N N9    . DG  A 1 13 ? -1.316  13.760  9.386   1.00 40.23 ? 13  DG  A N9    1 
ATOM   253 C C8    . DG  A 1 13 ? -2.350  14.219  8.605   1.00 35.16 ? 13  DG  A C8    1 
ATOM   254 N N7    . DG  A 1 13 ? -1.966  14.624  7.424   1.00 37.17 ? 13  DG  A N7    1 
ATOM   255 C C5    . DG  A 1 13 ? -0.590  14.426  7.426   1.00 37.85 ? 13  DG  A C5    1 
ATOM   256 C C6    . DG  A 1 13 ? 0.373   14.684  6.422   1.00 39.71 ? 13  DG  A C6    1 
ATOM   257 O O6    . DG  A 1 13 ? 0.186   15.154  5.292   1.00 39.65 ? 13  DG  A O6    1 
ATOM   258 N N1    . DG  A 1 13 ? 1.660   14.338  6.829   1.00 35.82 ? 13  DG  A N1    1 
ATOM   259 C C2    . DG  A 1 13 ? 1.977   13.812  8.059   1.00 39.11 ? 13  DG  A C2    1 
ATOM   260 N N2    . DG  A 1 13 ? 3.273   13.542  8.283   1.00 40.00 ? 13  DG  A N2    1 
ATOM   261 N N3    . DG  A 1 13 ? 1.083   13.565  9.009   1.00 37.86 ? 13  DG  A N3    1 
ATOM   262 C C4    . DG  A 1 13 ? -0.174  13.896  8.625   1.00 35.53 ? 13  DG  A C4    1 
ATOM   263 P P     . DG  A 1 14 ? -1.612  17.351  13.237  1.00 47.15 ? 14  DG  A P     1 
ATOM   264 O OP1   . DG  A 1 14 ? -1.451  17.833  14.626  1.00 43.27 ? 14  DG  A OP1   1 
ATOM   265 O OP2   . DG  A 1 14 ? -2.608  17.976  12.340  1.00 40.43 ? 14  DG  A OP2   1 
ATOM   266 O "O5'" . DG  A 1 14 ? -0.213  17.435  12.469  1.00 53.50 ? 14  DG  A "O5'" 1 
ATOM   267 C "C5'" . DG  A 1 14 ? 1.002   17.587  13.170  1.00 52.75 ? 14  DG  A "C5'" 1 
ATOM   268 C "C4'" . DG  A 1 14 ? 1.940   16.452  12.813  1.00 46.15 ? 14  DG  A "C4'" 1 
ATOM   269 O "O4'" . DG  A 1 14 ? 1.724   16.016  11.446  1.00 45.70 ? 14  DG  A "O4'" 1 
ATOM   270 C "C3'" . DG  A 1 14 ? 3.414   16.794  12.871  1.00 58.34 ? 14  DG  A "C3'" 1 
ATOM   271 O "O3'" . DG  A 1 14 ? 4.111   15.586  13.060  1.00 63.75 ? 14  DG  A "O3'" 1 
ATOM   272 C "C2'" . DG  A 1 14 ? 3.652   17.339  11.470  1.00 58.77 ? 14  DG  A "C2'" 1 
ATOM   273 C "C1'" . DG  A 1 14 ? 2.848   16.334  10.652  1.00 46.98 ? 14  DG  A "C1'" 1 
ATOM   274 N N9    . DG  A 1 14 ? 2.347   16.879  9.400   1.00 37.64 ? 14  DG  A N9    1 
ATOM   275 C C8    . DG  A 1 14 ? 1.059   17.287  9.153   1.00 34.74 ? 14  DG  A C8    1 
ATOM   276 N N7    . DG  A 1 14 ? 0.884   17.741  7.946   1.00 35.57 ? 14  DG  A N7    1 
ATOM   277 C C5    . DG  A 1 14 ? 2.135   17.623  7.354   1.00 35.15 ? 14  DG  A C5    1 
ATOM   278 C C6    . DG  A 1 14 ? 2.555   17.958  6.047   1.00 38.68 ? 14  DG  A C6    1 
ATOM   279 O O6    . DG  A 1 14 ? 1.879   18.438  5.128   1.00 41.60 ? 14  DG  A O6    1 
ATOM   280 N N1    . DG  A 1 14 ? 3.904   17.684  5.849   1.00 35.32 ? 14  DG  A N1    1 
ATOM   281 C C2    . DG  A 1 14 ? 4.746   17.151  6.795   1.00 36.44 ? 14  DG  A C2    1 
ATOM   282 N N2    . DG  A 1 14 ? 6.017   16.957  6.409   1.00 34.34 ? 14  DG  A N2    1 
ATOM   283 N N3    . DG  A 1 14 ? 4.366   16.832  8.029   1.00 34.88 ? 14  DG  A N3    1 
ATOM   284 C C4    . DG  A 1 14 ? 3.051   17.093  8.235   1.00 31.37 ? 14  DG  A C4    1 
ATOM   285 O "O5'" . DC  B 1 1  ? 7.369   18.419  -2.229  1.00 48.34 ? 1   DC  B "O5'" 1 
ATOM   286 C "C5'" . DC  B 1 1  ? 8.773   18.511  -1.999  1.00 50.33 ? 1   DC  B "C5'" 1 
ATOM   287 C "C4'" . DC  B 1 1  ? 9.125   18.095  -0.581  1.00 47.25 ? 1   DC  B "C4'" 1 
ATOM   288 O "O4'" . DC  B 1 1  ? 8.666   19.099  0.364   1.00 42.81 ? 1   DC  B "O4'" 1 
ATOM   289 C "C3'" . DC  B 1 1  ? 8.469   16.813  -0.087  1.00 42.52 ? 1   DC  B "C3'" 1 
ATOM   290 O "O3'" . DC  B 1 1  ? 9.149   15.651  -0.552  1.00 43.07 ? 1   DC  B "O3'" 1 
ATOM   291 C "C2'" . DC  B 1 1  ? 8.641   16.988  1.415   1.00 39.89 ? 1   DC  B "C2'" 1 
ATOM   292 C "C1'" . DC  B 1 1  ? 8.279   18.463  1.571   1.00 37.16 ? 1   DC  B "C1'" 1 
ATOM   293 N N1    . DC  B 1 1  ? 6.818   18.685  1.800   1.00 42.47 ? 1   DC  B N1    1 
ATOM   294 C C2    . DC  B 1 1  ? 6.239   18.267  3.007   1.00 37.50 ? 1   DC  B C2    1 
ATOM   295 O O2    . DC  B 1 1  ? 6.945   17.722  3.865   1.00 38.20 ? 1   DC  B O2    1 
ATOM   296 N N3    . DC  B 1 1  ? 4.914   18.470  3.207   1.00 39.04 ? 1   DC  B N3    1 
ATOM   297 C C4    . DC  B 1 1  ? 4.179   19.060  2.264   1.00 48.64 ? 1   DC  B C4    1 
ATOM   298 N N4    . DC  B 1 1  ? 2.876   19.237  2.509   1.00 41.52 ? 1   DC  B N4    1 
ATOM   299 C C5    . DC  B 1 1  ? 4.746   19.494  1.029   1.00 45.18 ? 1   DC  B C5    1 
ATOM   300 C C6    . DC  B 1 1  ? 6.056   19.289  0.840   1.00 49.25 ? 1   DC  B C6    1 
ATOM   301 P P     . DC  B 1 2  ? 8.365   14.250  -0.664  1.00 46.17 ? 2   DC  B P     1 
ATOM   302 O OP1   . DC  B 1 2  ? 9.271   13.301  -1.349  1.00 47.93 ? 2   DC  B OP1   1 
ATOM   303 O OP2   . DC  B 1 2  ? 7.017   14.519  -1.215  1.00 46.59 ? 2   DC  B OP2   1 
ATOM   304 O "O5'" . DC  B 1 2  ? 8.184   13.774  0.858   1.00 40.98 ? 2   DC  B "O5'" 1 
ATOM   305 C "C5'" . DC  B 1 2  ? 9.322   13.384  1.612   1.00 37.37 ? 2   DC  B "C5'" 1 
ATOM   306 C "C4'" . DC  B 1 2  ? 8.963   13.098  3.061   1.00 34.11 ? 2   DC  B "C4'" 1 
ATOM   307 O "O4'" . DC  B 1 2  ? 8.275   14.248  3.627   1.00 37.66 ? 2   DC  B "O4'" 1 
ATOM   308 C "C3'" . DC  B 1 2  ? 7.999   11.948  3.321   1.00 32.04 ? 2   DC  B "C3'" 1 
ATOM   309 O "O3'" . DC  B 1 2  ? 8.679   10.698  3.322   1.00 37.90 ? 2   DC  B "O3'" 1 
ATOM   310 C "C2'" . DC  B 1 2  ? 7.515   12.294  4.724   1.00 35.25 ? 2   DC  B "C2'" 1 
ATOM   311 C "C1'" . DC  B 1 2  ? 7.379   13.810  4.630   1.00 32.34 ? 2   DC  B "C1'" 1 
ATOM   312 N N1    . DC  B 1 2  ? 6.001   14.267  4.269   1.00 34.20 ? 2   DC  B N1    1 
ATOM   313 C C2    . DC  B 1 2  ? 4.960   14.174  5.205   1.00 32.49 ? 2   DC  B C2    1 
ATOM   314 O O2    . DC  B 1 2  ? 5.189   13.711  6.331   1.00 33.76 ? 2   DC  B O2    1 
ATOM   315 N N3    . DC  B 1 2  ? 3.720   14.596  4.850   1.00 33.76 ? 2   DC  B N3    1 
ATOM   316 C C4    . DC  B 1 2  ? 3.508   15.093  3.629   1.00 34.50 ? 2   DC  B C4    1 
ATOM   317 N N4    . DC  B 1 2  ? 2.272   15.502  3.323   1.00 35.66 ? 2   DC  B N4    1 
ATOM   318 C C5    . DC  B 1 2  ? 4.555   15.195  2.664   1.00 36.37 ? 2   DC  B C5    1 
ATOM   319 C C6    . DC  B 1 2  ? 5.774   14.774  3.023   1.00 37.41 ? 2   DC  B C6    1 
ATOM   320 P P     . DC  B 1 3  ? 7.883   9.352   2.957   1.00 45.22 ? 3   DC  B P     1 
ATOM   321 O OP1   . DC  B 1 3  ? 8.896   8.278   2.841   1.00 50.11 ? 3   DC  B OP1   1 
ATOM   322 O OP2   . DC  B 1 3  ? 6.982   9.657   1.821   1.00 48.75 ? 3   DC  B OP2   1 
ATOM   323 O "O5'" . DC  B 1 3  ? 6.965   9.073   4.241   1.00 37.91 ? 3   DC  B "O5'" 1 
ATOM   324 C "C5'" . DC  B 1 3  ? 7.562   8.717   5.481   1.00 38.28 ? 3   DC  B "C5'" 1 
ATOM   325 C "C4'" . DC  B 1 3  ? 6.549   8.797   6.608   1.00 40.64 ? 3   DC  B "C4'" 1 
ATOM   326 O "O4'" . DC  B 1 3  ? 5.903   10.096  6.593   1.00 35.54 ? 3   DC  B "O4'" 1 
ATOM   327 C "C3'" . DC  B 1 3  ? 5.389   7.820   6.507   1.00 39.43 ? 3   DC  B "C3'" 1 
ATOM   328 O "O3'" . DC  B 1 3  ? 5.765   6.555   7.018   1.00 39.70 ? 3   DC  B "O3'" 1 
ATOM   329 C "C2'" . DC  B 1 3  ? 4.361   8.490   7.409   1.00 39.77 ? 3   DC  B "C2'" 1 
ATOM   330 C "C1'" . DC  B 1 3  ? 4.593   9.970   7.114   1.00 38.59 ? 3   DC  B "C1'" 1 
ATOM   331 N N1    . DC  B 1 3  ? 3.628   10.526  6.129   1.00 32.84 ? 3   DC  B N1    1 
ATOM   332 C C2    . DC  B 1 3  ? 2.319   10.792  6.542   1.00 35.06 ? 3   DC  B C2    1 
ATOM   333 O O2    . DC  B 1 3  ? 1.998   10.558  7.714   1.00 35.85 ? 3   DC  B O2    1 
ATOM   334 N N3    . DC  B 1 3  ? 1.442   11.301  5.641   1.00 34.78 ? 3   DC  B N3    1 
ATOM   335 C C4    . DC  B 1 3  ? 1.831   11.539  4.389   1.00 37.52 ? 3   DC  B C4    1 
ATOM   336 N N4    . DC  B 1 3  ? 0.931   12.041  3.537   1.00 38.95 ? 3   DC  B N4    1 
ATOM   337 C C5    . DC  B 1 3  ? 3.163   11.270  3.950   1.00 36.55 ? 3   DC  B C5    1 
ATOM   338 C C6    . DC  B 1 3  ? 4.022   10.769  4.846   1.00 33.54 ? 3   DC  B C6    1 
ATOM   339 P P     . DC  B 1 4  ? 4.939   5.240   6.604   1.00 44.03 ? 4   DC  B P     1 
ATOM   340 O OP1   . DC  B 1 4  ? 5.682   4.081   7.151   1.00 48.62 ? 4   DC  B OP1   1 
ATOM   341 O OP2   . DC  B 1 4  ? 4.636   5.322   5.162   1.00 40.33 ? 4   DC  B OP2   1 
ATOM   342 O "O5'" . DC  B 1 4  ? 3.554   5.373   7.395   1.00 43.61 ? 4   DC  B "O5'" 1 
ATOM   343 C "C5'" . DC  B 1 4  ? 3.528   5.286   8.812   1.00 41.25 ? 4   DC  B "C5'" 1 
ATOM   344 C "C4'" . DC  B 1 4  ? 2.115   5.482   9.330   1.00 41.62 ? 4   DC  B "C4'" 1 
ATOM   345 O "O4'" . DC  B 1 4  ? 1.654   6.809   8.980   1.00 39.99 ? 4   DC  B "O4'" 1 
ATOM   346 C "C3'" . DC  B 1 4  ? 1.071   4.559   8.721   1.00 42.87 ? 4   DC  B "C3'" 1 
ATOM   347 O "O3'" . DC  B 1 4  ? 1.033   3.325   9.414   1.00 42.30 ? 4   DC  B "O3'" 1 
ATOM   348 C "C2'" . DC  B 1 4  ? -0.213  5.345   8.950   1.00 45.24 ? 4   DC  B "C2'" 1 
ATOM   349 C "C1'" . DC  B 1 4  ? 0.259   6.778   8.734   1.00 44.24 ? 4   DC  B "C1'" 1 
ATOM   350 N N1    . DC  B 1 4  ? 0.010   7.304   7.364   1.00 40.29 ? 4   DC  B N1    1 
ATOM   351 C C2    . DC  B 1 4  ? -1.292  7.662   6.995   1.00 35.04 ? 4   DC  B C2    1 
ATOM   352 O O2    . DC  B 1 4  ? -2.206  7.521   7.815   1.00 37.69 ? 4   DC  B O2    1 
ATOM   353 N N3    . DC  B 1 4  ? -1.510  8.150   5.750   1.00 34.69 ? 4   DC  B N3    1 
ATOM   354 C C4    . DC  B 1 4  ? -0.493  8.284   4.897   1.00 33.22 ? 4   DC  B C4    1 
ATOM   355 N N4    . DC  B 1 4  ? -0.757  8.768   3.680   1.00 34.97 ? 4   DC  B N4    1 
ATOM   356 C C5    . DC  B 1 4  ? 0.841   7.927   5.255   1.00 37.47 ? 4   DC  B C5    1 
ATOM   357 C C6    . DC  B 1 4  ? 1.046   7.444   6.486   1.00 39.01 ? 4   DC  B C6    1 
ATOM   358 P P     . DG  B 1 5  ? 0.380   2.033   8.718   1.00 43.52 ? 5   DG  B P     1 
ATOM   359 O OP1   . DG  B 1 5  ? 0.751   0.864   9.547   1.00 44.59 ? 5   DG  B OP1   1 
ATOM   360 O OP2   . DG  B 1 5  ? 0.712   2.065   7.278   1.00 41.42 ? 5   DG  B OP2   1 
ATOM   361 O "O5'" . DG  B 1 5  ? -1.197  2.268   8.852   1.00 45.11 ? 5   DG  B "O5'" 1 
ATOM   362 C "C5'" . DG  B 1 5  ? -1.810  2.256   10.131  1.00 42.47 ? 5   DG  B "C5'" 1 
ATOM   363 C "C4'" . DG  B 1 5  ? -3.302  2.477   9.984   1.00 41.78 ? 5   DG  B "C4'" 1 
ATOM   364 O "O4'" . DG  B 1 5  ? -3.540  3.818   9.491   1.00 40.45 ? 5   DG  B "O4'" 1 
ATOM   365 C "C3'" . DG  B 1 5  ? -3.966  1.591   8.944   1.00 41.62 ? 5   DG  B "C3'" 1 
ATOM   366 O "O3'" . DG  B 1 5  ? -4.286  0.327   9.494   1.00 41.92 ? 5   DG  B "O3'" 1 
ATOM   367 C "C2'" . DG  B 1 5  ? -5.217  2.394   8.622   1.00 37.90 ? 5   DG  B "C2'" 1 
ATOM   368 C "C1'" . DG  B 1 5  ? -4.653  3.810   8.614   1.00 39.96 ? 5   DG  B "C1'" 1 
ATOM   369 N N9    . DG  B 1 5  ? -4.222  4.254   7.291   1.00 34.66 ? 5   DG  B N9    1 
ATOM   370 C C8    . DG  B 1 5  ? -2.936  4.341   6.813   1.00 35.94 ? 5   DG  B C8    1 
ATOM   371 N N7    . DG  B 1 5  ? -2.869  4.779   5.586   1.00 35.63 ? 5   DG  B N7    1 
ATOM   372 C C5    . DG  B 1 5  ? -4.191  4.998   5.229   1.00 35.07 ? 5   DG  B C5    1 
ATOM   373 C C6    . DG  B 1 5  ? -4.738  5.474   4.014   1.00 35.04 ? 5   DG  B C6    1 
ATOM   374 O O6    . DG  B 1 5  ? -4.141  5.809   2.981   1.00 34.23 ? 5   DG  B O6    1 
ATOM   375 N N1    . DG  B 1 5  ? -6.130  5.545   4.068   1.00 34.35 ? 5   DG  B N1    1 
ATOM   376 C C2    . DG  B 1 5  ? -6.892  5.203   5.159   1.00 30.36 ? 5   DG  B C2    1 
ATOM   377 N N2    . DG  B 1 5  ? -8.222  5.339   5.023   1.00 37.14 ? 5   DG  B N2    1 
ATOM   378 N N3    . DG  B 1 5  ? -6.390  4.754   6.306   1.00 30.57 ? 5   DG  B N3    1 
ATOM   379 C C4    . DG  B 1 5  ? -5.036  4.678   6.267   1.00 31.35 ? 5   DG  B C4    1 
ATOM   380 P P     . DG  B 1 6  ? -4.144  -0.993  8.589   1.00 46.73 ? 6   DG  B P     1 
ATOM   381 O OP1   . DG  B 1 6  ? -4.526  -2.148  9.431   1.00 55.38 ? 6   DG  B OP1   1 
ATOM   382 O OP2   . DG  B 1 6  ? -2.817  -0.948  7.939   1.00 44.76 ? 6   DG  B OP2   1 
ATOM   383 O "O5'" . DG  B 1 6  ? -5.244  -0.801  7.443   1.00 41.20 ? 6   DG  B "O5'" 1 
ATOM   384 C "C5'" . DG  B 1 6  ? -6.622  -0.863  7.760   1.00 45.27 ? 6   DG  B "C5'" 1 
ATOM   385 C "C4'" . DG  B 1 6  ? -7.450  -0.381  6.587   1.00 38.70 ? 6   DG  B "C4'" 1 
ATOM   386 O "O4'" . DG  B 1 6  ? -7.038  0.962   6.226   1.00 34.51 ? 6   DG  B "O4'" 1 
ATOM   387 C "C3'" . DG  B 1 6  ? -7.278  -1.157  5.290   1.00 38.10 ? 6   DG  B "C3'" 1 
ATOM   388 O "O3'" . DG  B 1 6  ? -8.018  -2.373  5.331   1.00 38.22 ? 6   DG  B "O3'" 1 
ATOM   389 C "C2'" . DG  B 1 6  ? -7.880  -0.160  4.309   1.00 30.33 ? 6   DG  B "C2'" 1 
ATOM   390 C "C1'" . DG  B 1 6  ? -7.346  1.164   4.857   1.00 32.88 ? 6   DG  B "C1'" 1 
ATOM   391 N N9    . DG  B 1 6  ? -6.165  1.635   4.142   1.00 33.07 ? 6   DG  B N9    1 
ATOM   392 C C8    . DG  B 1 6  ? -4.850  1.615   4.540   1.00 33.19 ? 6   DG  B C8    1 
ATOM   393 N N7    . DG  B 1 6  ? -4.034  2.119   3.649   1.00 36.85 ? 6   DG  B N7    1 
ATOM   394 C C5    . DG  B 1 6  ? -4.864  2.492   2.597   1.00 31.89 ? 6   DG  B C5    1 
ATOM   395 C C6    . DG  B 1 6  ? -4.570  3.096   1.349   1.00 33.59 ? 6   DG  B C6    1 
ATOM   396 O O6    . DG  B 1 6  ? -3.470  3.439   0.899   1.00 33.02 ? 6   DG  B O6    1 
ATOM   397 N N1    . DG  B 1 6  ? -5.717  3.297   0.585   1.00 33.46 ? 6   DG  B N1    1 
ATOM   398 C C2    . DG  B 1 6  ? -6.993  2.964   0.975   1.00 29.62 ? 6   DG  B C2    1 
ATOM   399 N N2    . DG  B 1 6  ? -7.986  3.231   0.114   1.00 32.94 ? 6   DG  B N2    1 
ATOM   400 N N3    . DG  B 1 6  ? -7.279  2.400   2.139   1.00 31.32 ? 6   DG  B N3    1 
ATOM   401 C C4    . DG  B 1 6  ? -6.174  2.198   2.890   1.00 31.77 ? 6   DG  B C4    1 
ATOM   402 P P     . DT  B 1 7  ? -7.625  -3.607  4.375   1.00 38.22 ? 7   DT  B P     1 
ATOM   403 O OP1   . DT  B 1 7  ? -8.348  -4.790  4.891   1.00 45.77 ? 7   DT  B OP1   1 
ATOM   404 O OP2   . DT  B 1 7  ? -6.153  -3.649  4.229   1.00 36.47 ? 7   DT  B OP2   1 
ATOM   405 O "O5'" . DT  B 1 7  ? -8.236  -3.215  2.953   1.00 38.78 ? 7   DT  B "O5'" 1 
ATOM   406 C "C5'" . DT  B 1 7  ? -9.638  -3.062  2.782   1.00 37.23 ? 7   DT  B "C5'" 1 
ATOM   407 C "C4'" . DT  B 1 7  ? -9.907  -2.566  1.375   1.00 34.33 ? 7   DT  B "C4'" 1 
ATOM   408 O "O4'" . DT  B 1 7  ? -9.132  -1.360  1.168   1.00 39.55 ? 7   DT  B "O4'" 1 
ATOM   409 C "C3'" . DT  B 1 7  ? -9.493  -3.548  0.284   1.00 41.83 ? 7   DT  B "C3'" 1 
ATOM   410 O "O3'" . DT  B 1 7  ? -10.642 -4.139  -0.308  1.00 40.12 ? 7   DT  B "O3'" 1 
ATOM   411 C "C2'" . DT  B 1 7  ? -8.744  -2.707  -0.743  1.00 50.09 ? 7   DT  B "C2'" 1 
ATOM   412 C "C1'" . DT  B 1 7  ? -8.653  -1.309  -0.159  1.00 47.39 ? 7   DT  B "C1'" 1 
ATOM   413 N N1    . DT  B 1 7  ? -7.241  -0.851  -0.156  1.00 41.56 ? 7   DT  B N1    1 
ATOM   414 C C2    . DT  B 1 7  ? -6.759  -0.168  -1.253  1.00 40.64 ? 7   DT  B C2    1 
ATOM   415 O O2    . DT  B 1 7  ? -7.437  0.094   -2.233  1.00 44.10 ? 7   DT  B O2    1 
ATOM   416 N N3    . DT  B 1 7  ? -5.444  0.207   -1.155  1.00 36.54 ? 7   DT  B N3    1 
ATOM   417 C C4    . DT  B 1 7  ? -4.587  -0.039  -0.097  1.00 36.16 ? 7   DT  B C4    1 
ATOM   418 O O4    . DT  B 1 7  ? -3.421  0.338   -0.103  1.00 39.33 ? 7   DT  B O4    1 
ATOM   419 C C5    . DT  B 1 7  ? -5.156  -0.765  1.012   1.00 31.35 ? 7   DT  B C5    1 
ATOM   420 C C7    . DT  B 1 7  ? -4.321  -1.088  2.217   1.00 38.82 ? 7   DT  B C7    1 
ATOM   421 C C6    . DT  B 1 7  ? -6.440  -1.135  0.932   1.00 34.43 ? 7   DT  B C6    1 
ATOM   422 P P     . DA  B 1 8  ? -10.494 -5.417  -1.274  1.00 53.49 ? 8   DA  B P     1 
ATOM   423 O OP1   . DA  B 1 8  ? -11.860 -5.924  -1.532  1.00 57.04 ? 8   DA  B OP1   1 
ATOM   424 O OP2   . DA  B 1 8  ? -9.471  -6.307  -0.685  1.00 57.69 ? 8   DA  B OP2   1 
ATOM   425 O "O5'" . DA  B 1 8  ? -9.903  -4.818  -2.637  1.00 43.68 ? 8   DA  B "O5'" 1 
ATOM   426 C "C5'" . DA  B 1 8  ? -10.682 -3.917  -3.421  1.00 43.54 ? 8   DA  B "C5'" 1 
ATOM   427 C "C4'" . DA  B 1 8  ? -9.946  -3.546  -4.694  1.00 43.38 ? 8   DA  B "C4'" 1 
ATOM   428 O "O4'" . DA  B 1 8  ? -8.805  -2.705  -4.381  1.00 44.06 ? 8   DA  B "O4'" 1 
ATOM   429 C "C3'" . DA  B 1 8  ? -9.404  -4.744  -5.468  1.00 37.57 ? 8   DA  B "C3'" 1 
ATOM   430 O "O3'" . DA  B 1 8  ? -9.789  -4.643  -6.831  1.00 39.72 ? 8   DA  B "O3'" 1 
ATOM   431 C "C2'" . DA  B 1 8  ? -7.889  -4.654  -5.298  1.00 35.77 ? 8   DA  B "C2'" 1 
ATOM   432 C "C1'" . DA  B 1 8  ? -7.674  -3.160  -5.096  1.00 43.80 ? 8   DA  B "C1'" 1 
ATOM   433 N N9    . DA  B 1 8  ? -6.480  -2.855  -4.308  1.00 44.66 ? 8   DA  B N9    1 
ATOM   434 C C8    . DA  B 1 8  ? -6.205  -3.274  -3.036  1.00 38.09 ? 8   DA  B C8    1 
ATOM   435 N N7    . DA  B 1 8  ? -5.055  -2.845  -2.572  1.00 41.20 ? 8   DA  B N7    1 
ATOM   436 C C5    . DA  B 1 8  ? -4.538  -2.091  -3.610  1.00 35.62 ? 8   DA  B C5    1 
ATOM   437 C C6    . DA  B 1 8  ? -3.338  -1.367  -3.747  1.00 35.76 ? 8   DA  B C6    1 
ATOM   438 N N6    . DA  B 1 8  ? -2.409  -1.283  -2.789  1.00 36.01 ? 8   DA  B N6    1 
ATOM   439 N N1    . DA  B 1 8  ? -3.128  -0.726  -4.912  1.00 37.58 ? 8   DA  B N1    1 
ATOM   440 C C2    . DA  B 1 8  ? -4.056  -0.809  -5.874  1.00 38.52 ? 8   DA  B C2    1 
ATOM   441 N N3    . DA  B 1 8  ? -5.218  -1.457  -5.859  1.00 41.81 ? 8   DA  B N3    1 
ATOM   442 C C4    . DA  B 1 8  ? -5.402  -2.086  -4.689  1.00 45.04 ? 8   DA  B C4    1 
ATOM   443 P P     . DC  B 1 9  ? -9.573  -5.887  -7.826  1.00 44.15 ? 9   DC  B P     1 
ATOM   444 O OP1   . DC  B 1 9  ? -10.542 -5.747  -8.936  1.00 49.47 ? 9   DC  B OP1   1 
ATOM   445 O OP2   . DC  B 1 9  ? -9.552  -7.123  -7.014  1.00 47.62 ? 9   DC  B OP2   1 
ATOM   446 O "O5'" . DC  B 1 9  ? -8.101  -5.658  -8.401  1.00 40.98 ? 9   DC  B "O5'" 1 
ATOM   447 C "C5'" . DC  B 1 9  ? -7.864  -4.533  -9.223  1.00 42.81 ? 9   DC  B "C5'" 1 
ATOM   448 C "C4'" . DC  B 1 9  ? -6.373  -4.375  -9.404  1.00 46.33 ? 9   DC  B "C4'" 1 
ATOM   449 O "O4'" . DC  B 1 9  ? -5.775  -4.024  -8.135  1.00 45.43 ? 9   DC  B "O4'" 1 
ATOM   450 C "C3'" . DC  B 1 9  ? -5.663  -5.658  -9.821  1.00 42.75 ? 9   DC  B "C3'" 1 
ATOM   451 O "O3'" . DC  B 1 9  ? -5.420  -5.658  -11.220 1.00 44.46 ? 9   DC  B "O3'" 1 
ATOM   452 C "C2'" . DC  B 1 9  ? -4.353  -5.631  -9.036  1.00 48.41 ? 9   DC  B "C2'" 1 
ATOM   453 C "C1'" . DC  B 1 9  ? -4.402  -4.308  -8.285  1.00 45.33 ? 9   DC  B "C1'" 1 
ATOM   454 N N1    . DC  B 1 9  ? -3.698  -4.376  -6.972  1.00 44.02 ? 9   DC  B N1    1 
ATOM   455 C C2    . DC  B 1 9  ? -2.533  -3.621  -6.811  1.00 36.72 ? 9   DC  B C2    1 
ATOM   456 O O2    . DC  B 1 9  ? -2.152  -2.916  -7.750  1.00 38.87 ? 9   DC  B O2    1 
ATOM   457 N N3    . DC  B 1 9  ? -1.869  -3.678  -5.631  1.00 37.73 ? 9   DC  B N3    1 
ATOM   458 C C4    . DC  B 1 9  ? -2.326  -4.451  -4.646  1.00 36.81 ? 9   DC  B C4    1 
ATOM   459 N N4    . DC  B 1 9  ? -1.637  -4.471  -3.499  1.00 41.53 ? 9   DC  B N4    1 
ATOM   460 C C5    . DC  B 1 9  ? -3.510  -5.234  -4.796  1.00 37.47 ? 9   DC  B C5    1 
ATOM   461 C C6    . DC  B 1 9  ? -4.158  -5.171  -5.965  1.00 35.86 ? 9   DC  B C6    1 
ATOM   462 P P     . DC  B 1 10 ? -4.728  -6.930  -11.921 1.00 48.79 ? 10  DC  B P     1 
ATOM   463 O OP1   . DC  B 1 10 ? -5.341  -7.075  -13.258 1.00 50.26 ? 10  DC  B OP1   1 
ATOM   464 O OP2   . DC  B 1 10 ? -4.759  -8.061  -10.966 1.00 47.08 ? 10  DC  B OP2   1 
ATOM   465 O "O5'" . DC  B 1 10 ? -3.201  -6.491  -12.099 1.00 50.25 ? 10  DC  B "O5'" 1 
ATOM   466 C "C5'" . DC  B 1 10 ? -2.839  -5.618  -13.156 1.00 51.96 ? 10  DC  B "C5'" 1 
ATOM   467 C "C4'" . DC  B 1 10 ? -1.335  -5.438  -13.175 1.00 51.89 ? 10  DC  B "C4'" 1 
ATOM   468 O "O4'" . DC  B 1 10 ? -0.932  -4.617  -12.054 1.00 47.50 ? 10  DC  B "O4'" 1 
ATOM   469 C "C3'" . DC  B 1 10 ? -0.540  -6.716  -12.975 1.00 47.17 ? 10  DC  B "C3'" 1 
ATOM   470 O "O3'" . DC  B 1 10 ? -0.436  -7.451  -14.178 1.00 51.41 ? 10  DC  B "O3'" 1 
ATOM   471 C "C2'" . DC  B 1 10 ? 0.809   -6.157  -12.533 1.00 45.46 ? 10  DC  B "C2'" 1 
ATOM   472 C "C1'" . DC  B 1 10 ? 0.359   -5.019  -11.620 1.00 43.44 ? 10  DC  B "C1'" 1 
ATOM   473 N N1    . DC  B 1 10 ? 0.286   -5.384  -10.173 1.00 43.21 ? 10  DC  B N1    1 
ATOM   474 C C2    . DC  B 1 10 ? 1.431   -5.266  -9.378  1.00 42.33 ? 10  DC  B C2    1 
ATOM   475 O O2    . DC  B 1 10 ? 2.486   -4.868  -9.894  1.00 41.37 ? 10  DC  B O2    1 
ATOM   476 N N3    . DC  B 1 10 ? 1.355   -5.598  -8.065  1.00 39.24 ? 10  DC  B N3    1 
ATOM   477 C C4    . DC  B 1 10 ? 0.204   -6.027  -7.547  1.00 42.45 ? 10  DC  B C4    1 
ATOM   478 N N4    . DC  B 1 10 ? 0.180   -6.337  -6.245  1.00 41.85 ? 10  DC  B N4    1 
ATOM   479 C C5    . DC  B 1 10 ? -0.973  -6.154  -8.341  1.00 45.02 ? 10  DC  B C5    1 
ATOM   480 C C6    . DC  B 1 10 ? -0.888  -5.825  -9.635  1.00 41.75 ? 10  DC  B C6    1 
ATOM   481 P P     . DG  B 1 11 ? -0.062  -9.010  -14.125 1.00 54.65 ? 11  DG  B P     1 
ATOM   482 O OP1   . DG  B 1 11 ? -0.199  -9.560  -15.493 1.00 58.22 ? 11  DG  B OP1   1 
ATOM   483 O OP2   . DG  B 1 11 ? -0.828  -9.605  -13.006 1.00 50.43 ? 11  DG  B OP2   1 
ATOM   484 O "O5'" . DG  B 1 11 ? 1.488   -9.010  -13.724 1.00 59.76 ? 11  DG  B "O5'" 1 
ATOM   485 C "C5'" . DG  B 1 11 ? 2.003   -9.946  -12.789 1.00 57.72 ? 11  DG  B "C5'" 1 
ATOM   486 C "C4'" . DG  B 1 11 ? 3.363   -9.483  -12.304 1.00 60.41 ? 11  DG  B "C4'" 1 
ATOM   487 O "O4'" . DG  B 1 11 ? 3.206   -8.268  -11.525 1.00 56.03 ? 11  DG  B "O4'" 1 
ATOM   488 C "C3'" . DG  B 1 11 ? 4.082   -10.435 -11.363 1.00 59.70 ? 11  DG  B "C3'" 1 
ATOM   489 O "O3'" . DG  B 1 11 ? 4.773   -11.438 -12.093 1.00 62.93 ? 11  DG  B "O3'" 1 
ATOM   490 C "C2'" . DG  B 1 11 ? 5.031   -9.463  -10.673 1.00 53.44 ? 11  DG  B "C2'" 1 
ATOM   491 C "C1'" . DG  B 1 11 ? 4.068   -8.310  -10.403 1.00 48.11 ? 11  DG  B "C1'" 1 
ATOM   492 N N9    . DG  B 1 11 ? 3.277   -8.534  -9.196  1.00 51.13 ? 11  DG  B N9    1 
ATOM   493 C C8    . DG  B 1 11 ? 1.941   -8.846  -9.105  1.00 47.73 ? 11  DG  B C8    1 
ATOM   494 N N7    . DG  B 1 11 ? 1.527   -8.999  -7.877  1.00 46.05 ? 11  DG  B N7    1 
ATOM   495 C C5    . DG  B 1 11 ? 2.660   -8.781  -7.105  1.00 43.69 ? 11  DG  B C5    1 
ATOM   496 C C6    . DG  B 1 11 ? 2.830   -8.814  -5.702  1.00 42.93 ? 11  DG  B C6    1 
ATOM   497 O O6    . DG  B 1 11 ? 1.980   -9.051  -4.833  1.00 46.55 ? 11  DG  B O6    1 
ATOM   498 N N1    . DG  B 1 11 ? 4.144   -8.536  -5.332  1.00 44.72 ? 11  DG  B N1    1 
ATOM   499 C C2    . DG  B 1 11 ? 5.168   -8.260  -6.210  1.00 47.04 ? 11  DG  B C2    1 
ATOM   500 N N2    . DG  B 1 11 ? 6.373   -8.015  -5.674  1.00 50.32 ? 11  DG  B N2    1 
ATOM   501 N N3    . DG  B 1 11 ? 5.019   -8.229  -7.527  1.00 46.61 ? 11  DG  B N3    1 
ATOM   502 C C4    . DG  B 1 11 ? 3.743   -8.495  -7.901  1.00 48.93 ? 11  DG  B C4    1 
ATOM   503 P P     . DG  B 1 12 ? 4.889   -12.928 -11.502 1.00 63.70 ? 12  DG  B P     1 
ATOM   504 O OP1   . DG  B 1 12 ? 5.518   -13.771 -12.541 1.00 65.73 ? 12  DG  B OP1   1 
ATOM   505 O OP2   . DG  B 1 12 ? 3.565   -13.303 -10.955 1.00 61.08 ? 12  DG  B OP2   1 
ATOM   506 O "O5'" . DG  B 1 12 ? 5.904   -12.778 -10.273 1.00 61.93 ? 12  DG  B "O5'" 1 
ATOM   507 C "C5'" . DG  B 1 12 ? 7.248   -12.383 -10.509 1.00 67.84 ? 12  DG  B "C5'" 1 
ATOM   508 C "C4'" . DG  B 1 12 ? 7.954   -12.009 -9.217  1.00 64.84 ? 12  DG  B "C4'" 1 
ATOM   509 O "O4'" . DG  B 1 12 ? 7.202   -10.981 -8.523  1.00 59.85 ? 12  DG  B "O4'" 1 
ATOM   510 C "C3'" . DG  B 1 12 ? 8.083   -13.107 -8.172  1.00 68.99 ? 12  DG  B "C3'" 1 
ATOM   511 O "O3'" . DG  B 1 12 ? 9.133   -14.011 -8.492  1.00 76.24 ? 12  DG  B "O3'" 1 
ATOM   512 C "C2'" . DG  B 1 12 ? 8.423   -12.250 -6.959  1.00 56.69 ? 12  DG  B "C2'" 1 
ATOM   513 C "C1'" . DG  B 1 12 ? 7.394   -11.137 -7.129  1.00 57.84 ? 12  DG  B "C1'" 1 
ATOM   514 N N9    . DG  B 1 12 ? 6.114   -11.477 -6.520  1.00 58.10 ? 12  DG  B N9    1 
ATOM   515 C C8    . DG  B 1 12 ? 4.943   -11.800 -7.161  1.00 58.38 ? 12  DG  B C8    1 
ATOM   516 N N7    . DG  B 1 12 ? 3.961   -12.065 -6.344  1.00 58.13 ? 12  DG  B N7    1 
ATOM   517 C C5    . DG  B 1 12 ? 4.521   -11.912 -5.081  1.00 57.50 ? 12  DG  B C5    1 
ATOM   518 C C6    . DG  B 1 12 ? 3.943   -12.071 -3.802  1.00 57.26 ? 12  DG  B C6    1 
ATOM   519 O O6    . DG  B 1 12 ? 2.779   -12.389 -3.523  1.00 55.22 ? 12  DG  B O6    1 
ATOM   520 N N1    . DG  B 1 12 ? 4.862   -11.823 -2.783  1.00 53.24 ? 12  DG  B N1    1 
ATOM   521 C C2    . DG  B 1 12 ? 6.176   -11.465 -2.977  1.00 54.29 ? 12  DG  B C2    1 
ATOM   522 N N2    . DG  B 1 12 ? 6.917   -11.265 -1.876  1.00 52.23 ? 12  DG  B N2    1 
ATOM   523 N N3    . DG  B 1 12 ? 6.729   -11.315 -4.173  1.00 54.98 ? 12  DG  B N3    1 
ATOM   524 C C4    . DG  B 1 12 ? 5.846   -11.554 -5.173  1.00 53.15 ? 12  DG  B C4    1 
ATOM   525 P P     . DG  B 1 13 ? 9.029   -15.560 -8.065  1.00 68.70 ? 13  DG  B P     1 
ATOM   526 O OP1   . DG  B 1 13 ? 10.149  -16.268 -8.722  1.00 76.27 ? 13  DG  B OP1   1 
ATOM   527 O OP2   . DG  B 1 13 ? 7.640   -16.021 -8.290  1.00 61.41 ? 13  DG  B OP2   1 
ATOM   528 O "O5'" . DG  B 1 13 ? 9.283   -15.540 -6.485  1.00 72.23 ? 13  DG  B "O5'" 1 
ATOM   529 C "C5'" . DG  B 1 13 ? 10.541  -15.111 -5.987  1.00 64.01 ? 13  DG  B "C5'" 1 
ATOM   530 C "C4'" . DG  B 1 13 ? 10.471  -14.780 -4.508  1.00 62.43 ? 13  DG  B "C4'" 1 
ATOM   531 O "O4'" . DG  B 1 13 ? 9.392   -13.841 -4.256  1.00 61.64 ? 13  DG  B "O4'" 1 
ATOM   532 C "C3'" . DG  B 1 13 ? 10.114  -15.924 -3.570  1.00 63.03 ? 13  DG  B "C3'" 1 
ATOM   533 O "O3'" . DG  B 1 13 ? 11.193  -16.824 -3.360  1.00 69.25 ? 13  DG  B "O3'" 1 
ATOM   534 C "C2'" . DG  B 1 13 ? 9.810   -15.108 -2.323  1.00 60.03 ? 13  DG  B "C2'" 1 
ATOM   535 C "C1'" . DG  B 1 13 ? 8.907   -14.044 -2.939  1.00 64.11 ? 13  DG  B "C1'" 1 
ATOM   536 N N9    . DG  B 1 13 ? 7.515   -14.475 -2.992  1.00 63.76 ? 13  DG  B N9    1 
ATOM   537 C C8    . DG  B 1 13 ? 6.762   -14.744 -4.110  1.00 61.47 ? 13  DG  B C8    1 
ATOM   538 N N7    . DG  B 1 13 ? 5.543   -15.120 -3.834  1.00 60.39 ? 13  DG  B N7    1 
ATOM   539 C C5    . DG  B 1 13 ? 5.485   -15.101 -2.446  1.00 62.75 ? 13  DG  B C5    1 
ATOM   540 C C6    . DG  B 1 13 ? 4.418   -15.413 -1.571  1.00 60.04 ? 13  DG  B C6    1 
ATOM   541 O O6    . DG  B 1 13 ? 3.276   -15.785 -1.863  1.00 59.63 ? 13  DG  B O6    1 
ATOM   542 N N1    . DG  B 1 13 ? 4.779   -15.265 -0.233  1.00 59.67 ? 13  DG  B N1    1 
ATOM   543 C C2    . DG  B 1 13 ? 6.019   -14.865 0.207   1.00 62.30 ? 13  DG  B C2    1 
ATOM   544 N N2    . DG  B 1 13 ? 6.188   -14.778 1.536   1.00 56.62 ? 13  DG  B N2    1 
ATOM   545 N N3    . DG  B 1 13 ? 7.026   -14.569 -0.607  1.00 63.24 ? 13  DG  B N3    1 
ATOM   546 C C4    . DG  B 1 13 ? 6.689   -14.708 -1.913  1.00 61.81 ? 13  DG  B C4    1 
ATOM   547 P P     . DG  B 1 14 ? 10.952  -18.405 -3.505  1.00 79.98 ? 14  DG  B P     1 
ATOM   548 O OP1   . DG  B 1 14 ? 12.190  -19.105 -3.102  1.00 42.71 ? 14  DG  B OP1   1 
ATOM   549 O OP2   . DG  B 1 14 ? 10.371  -18.630 -4.839  1.00 43.53 ? 14  DG  B OP2   1 
ATOM   550 O "O5'" . DG  B 1 14 ? 9.796   -18.728 -2.449  1.00 50.36 ? 14  DG  B "O5'" 1 
ATOM   551 C "C5'" . DG  B 1 14 ? 10.088  -19.315 -1.192  1.00 46.83 ? 14  DG  B "C5'" 1 
ATOM   552 C "C4'" . DG  B 1 14 ? 10.292  -18.269 -0.115  1.00 43.20 ? 14  DG  B "C4'" 1 
ATOM   553 O "O4'" . DG  B 1 14 ? 9.197   -17.318 -0.134  1.00 43.80 ? 14  DG  B "O4'" 1 
ATOM   554 C "C3'" . DG  B 1 14 ? 10.307  -18.834 1.296   1.00 47.63 ? 14  DG  B "C3'" 1 
ATOM   555 O "O3'" . DG  B 1 14 ? 11.123  -18.026 2.143   1.00 50.21 ? 14  DG  B "O3'" 1 
ATOM   556 C "C2'" . DG  B 1 14 ? 8.830   -18.792 1.692   1.00 47.69 ? 14  DG  B "C2'" 1 
ATOM   557 C "C1'" . DG  B 1 14 ? 8.241   -17.662 0.849   1.00 44.05 ? 14  DG  B "C1'" 1 
ATOM   558 N N9    . DG  B 1 14 ? 7.010   -18.024 0.151   1.00 39.14 ? 14  DG  B N9    1 
ATOM   559 C C8    . DG  B 1 14 ? 6.840   -18.135 -1.208  1.00 40.76 ? 14  DG  B C8    1 
ATOM   560 N N7    . DG  B 1 14 ? 5.630   -18.473 -1.558  1.00 42.52 ? 14  DG  B N7    1 
ATOM   561 C C5    . DG  B 1 14 ? 4.952   -18.590 -0.350  1.00 41.21 ? 14  DG  B C5    1 
ATOM   562 C C6    . DG  B 1 14 ? 3.603   -18.934 -0.098  1.00 42.84 ? 14  DG  B C6    1 
ATOM   563 O O6    . DG  B 1 14 ? 2.722   -19.209 -0.925  1.00 43.41 ? 14  DG  B O6    1 
ATOM   564 N N1    . DG  B 1 14 ? 3.310   -18.942 1.264   1.00 37.53 ? 14  DG  B N1    1 
ATOM   565 C C2    . DG  B 1 14 ? 4.215   -18.655 2.260   1.00 36.49 ? 14  DG  B C2    1 
ATOM   566 N N2    . DG  B 1 14 ? 3.757   -18.712 3.521   1.00 40.17 ? 14  DG  B N2    1 
ATOM   567 N N3    . DG  B 1 14 ? 5.486   -18.333 2.032   1.00 39.18 ? 14  DG  B N3    1 
ATOM   568 C C4    . DG  B 1 14 ? 5.784   -18.319 0.710   1.00 35.19 ? 14  DG  B C4    1 
HETATM 569 O O     . HOH C 2 .  ? -4.203  8.725   -1.477  0.75 35.67 ? 101 HOH A O     1 
HETATM 570 O O     . HOH C 2 .  ? -2.828  11.749  1.755   0.81 41.24 ? 102 HOH A O     1 
HETATM 571 O O     . HOH C 2 .  ? -14.538 13.436  1.836   0.80 39.54 ? 103 HOH A O     1 
HETATM 572 O O     . HOH C 2 .  ? -8.559  7.940   7.962   0.61 31.78 ? 104 HOH A O     1 
HETATM 573 O O     . HOH C 2 .  ? -8.685  10.709  -0.971  0.86 37.91 ? 105 HOH A O     1 
HETATM 574 O O     . HOH C 2 .  ? -5.741  10.485  -0.016  0.54 28.17 ? 106 HOH A O     1 
HETATM 575 O O     . HOH C 2 .  ? -0.993  6.780   -2.538  0.66 39.98 ? 107 HOH A O     1 
HETATM 576 O O     . HOH C 2 .  ? 0.094   4.370   -3.304  0.55 32.11 ? 108 HOH A O     1 
HETATM 577 O O     . HOH C 2 .  ? -7.598  1.899   -6.958  0.64 46.66 ? 109 HOH A O     1 
HETATM 578 O O     . HOH C 2 .  ? -1.622  8.232   -5.184  0.39 27.53 ? 110 HOH A O     1 
HETATM 579 O O     . HOH C 2 .  ? -4.447  9.622   -4.173  0.70 42.75 ? 111 HOH A O     1 
HETATM 580 O O     . HOH C 2 .  ? 8.618   -11.515 1.742   0.47 31.79 ? 112 HOH A O     1 
HETATM 581 O O     . HOH C 2 .  ? -1.769  18.635  7.215   0.80 45.12 ? 113 HOH A O     1 
HETATM 582 O O     . HOH C 2 .  ? -5.329  13.454  3.079   1.00 49.22 ? 114 HOH A O     1 
HETATM 583 O O     . HOH C 2 .  ? -9.699  3.237   -7.354  1.00 51.08 ? 115 HOH A O     1 
HETATM 584 O O     . HOH C 2 .  ? -0.434  9.830   11.551  1.00 54.96 ? 116 HOH A O     1 
HETATM 585 O O     . HOH C 2 .  ? -9.755  9.282   10.065  0.79 51.30 ? 117 HOH A O     1 
HETATM 586 O O     . HOH C 2 .  ? -6.411  19.162  11.796  1.00 54.20 ? 118 HOH A O     1 
HETATM 587 O O     A HOH C 2 .  ? 2.655   -5.178  -0.920  0.52 46.57 ? 119 HOH A O     1 
HETATM 588 O O     B HOH C 2 .  ? 1.451   -5.708  -2.125  0.48 37.34 ? 119 HOH A O     1 
HETATM 589 O O     . HOH C 2 .  ? 9.522   -7.726  -3.802  0.94 54.84 ? 120 HOH A O     1 
HETATM 590 O O     . HOH C 2 .  ? 3.758   -2.047  -0.976  0.92 48.44 ? 121 HOH A O     1 
HETATM 591 O O     . HOH C 2 .  ? 7.764   -6.685  7.169   0.86 60.79 ? 122 HOH A O     1 
HETATM 592 O O     . HOH C 2 .  ? 3.852   -4.462  1.237   0.82 68.13 ? 123 HOH A O     1 
HETATM 593 O O     . HOH D 2 .  ? -3.393  6.955   10.340  0.87 45.11 ? 101 HOH B O     1 
HETATM 594 O O     . HOH D 2 .  ? 11.374  -14.999 1.403   0.66 37.63 ? 102 HOH B O     1 
HETATM 595 O O     . HOH D 2 .  ? 9.353   -10.255 -4.421  0.61 35.41 ? 103 HOH B O     1 
HETATM 596 O O     . HOH D 2 .  ? 7.343   -7.572  -9.303  0.72 43.02 ? 104 HOH B O     1 
HETATM 597 O O     . HOH D 2 .  ? 2.799   9.860   10.329  0.76 37.04 ? 105 HOH B O     1 
HETATM 598 O O     . HOH D 2 .  ? 1.577   8.687   1.747   0.82 43.58 ? 106 HOH B O     1 
HETATM 599 O O     . HOH D 2 .  ? 5.258   -18.975 -4.189  0.81 43.56 ? 107 HOH B O     1 
HETATM 600 O O     . HOH D 2 .  ? -2.172  -8.107  -5.733  0.52 31.90 ? 108 HOH B O     1 
HETATM 601 O O     . HOH D 2 .  ? 4.445   8.264   11.364  0.73 47.76 ? 109 HOH B O     1 
HETATM 602 O O     . HOH D 2 .  ? -4.859  -4.674  1.846   0.60 39.31 ? 110 HOH B O     1 
HETATM 603 O O     . HOH D 2 .  ? 13.653  -18.354 0.733   0.61 41.53 ? 111 HOH B O     1 
HETATM 604 O O     . HOH D 2 .  ? -3.716  -3.917  -0.304  0.43 28.59 ? 112 HOH B O     1 
HETATM 605 O O     . HOH D 2 .  ? -11.906 -7.358  -9.937  0.43 35.67 ? 113 HOH B O     1 
HETATM 606 O O     . HOH D 2 .  ? -1.284  1.799   3.389   1.00 49.18 ? 114 HOH B O     1 
HETATM 607 O O     . HOH D 2 .  ? -1.054  -9.929  -7.897  1.00 55.46 ? 115 HOH B O     1 
HETATM 608 O O     . HOH D 2 .  ? 3.547   -16.365 -5.606  1.00 62.45 ? 116 HOH B O     1 
HETATM 609 O O     . HOH D 2 .  ? 1.710   16.368  0.395   1.00 53.23 ? 117 HOH B O     1 
HETATM 610 O O     . HOH D 2 .  ? 1.855   -12.957 -7.286  1.00 59.88 ? 118 HOH B O     1 
HETATM 611 O O     . HOH D 2 .  ? -8.877  -8.360  -11.307 1.00 54.72 ? 119 HOH B O     1 
HETATM 612 O O     . HOH D 2 .  ? 1.691   -14.666 -4.759  0.98 53.96 ? 120 HOH B O     1 
HETATM 613 O O     . HOH D 2 .  ? -11.786 -3.287  -9.538  1.00 70.23 ? 121 HOH B O     1 
# 
loop_
_atom_site_anisotrop.id 
_atom_site_anisotrop.type_symbol 
_atom_site_anisotrop.pdbx_label_atom_id 
_atom_site_anisotrop.pdbx_label_alt_id 
_atom_site_anisotrop.pdbx_label_comp_id 
_atom_site_anisotrop.pdbx_label_asym_id 
_atom_site_anisotrop.pdbx_label_seq_id 
_atom_site_anisotrop.pdbx_PDB_ins_code 
_atom_site_anisotrop.U[1][1] 
_atom_site_anisotrop.U[2][2] 
_atom_site_anisotrop.U[3][3] 
_atom_site_anisotrop.U[1][2] 
_atom_site_anisotrop.U[1][3] 
_atom_site_anisotrop.U[2][3] 
_atom_site_anisotrop.pdbx_auth_seq_id 
_atom_site_anisotrop.pdbx_auth_comp_id 
_atom_site_anisotrop.pdbx_auth_asym_id 
_atom_site_anisotrop.pdbx_auth_atom_id 
1   O "O5'" . DC A 1  ? 0.5310 0.5505 0.8581 0.0241  0.0644  -0.0170 1  DC A "O5'" 
2   C "C5'" . DC A 1  ? 0.5370 0.5236 0.8387 0.0371  0.0850  0.0038  1  DC A "C5'" 
3   C "C4'" . DC A 1  ? 0.4611 0.4372 0.7132 0.0445  0.0717  0.0107  1  DC A "C4'" 
4   O "O4'" . DC A 1  ? 0.4947 0.4858 0.7769 0.0419  0.0650  0.0036  1  DC A "O4'" 
5   C "C3'" . DC A 1  ? 0.4275 0.4178 0.6441 0.0394  0.0464  0.0029  1  DC A "C3'" 
6   O "O3'" . DC A 1  ? 0.4554 0.4227 0.6248 0.0458  0.0487  0.0128  1  DC A "O3'" 
7   C "C2'" . DC A 1  ? 0.4399 0.4284 0.6453 0.0444  0.0315  0.0044  1  DC A "C2'" 
8   C "C1'" . DC A 1  ? 0.4310 0.4318 0.6881 0.0411  0.0418  -0.0008 1  DC A "C1'" 
9   N N1    . DC A 1  ? 0.4258 0.4593 0.7146 0.0282  0.0306  -0.0202 1  DC A N1    
10  C C2    . DC A 1  ? 0.4674 0.5125 0.7525 0.0262  0.0152  -0.0259 1  DC A C2    
11  O O2    . DC A 1  ? 0.4089 0.4409 0.6721 0.0342  0.0054  -0.0163 1  DC A O2    
12  N N3    . DC A 1  ? 0.4877 0.5540 0.7943 0.0168  0.0117  -0.0421 1  DC A N3    
13  C C4    . DC A 1  ? 0.4522 0.5261 0.7754 0.0107  0.0164  -0.0539 1  DC A C4    
14  N N4    . DC A 1  ? 0.4193 0.5042 0.7487 0.0047  0.0126  -0.0697 1  DC A N4    
15  C C5    . DC A 1  ? 0.4546 0.5205 0.7896 0.0119  0.0254  -0.0504 1  DC A C5    
16  C C6    . DC A 1  ? 0.4723 0.5192 0.7933 0.0201  0.0354  -0.0327 1  DC A C6    
17  P P     . DC A 2  ? 0.5368 0.5209 0.6846 0.0377  0.0300  0.0036  2  DC A P     
18  O OP1   . DC A 2  ? 0.6475 0.6022 0.7525 0.0456  0.0399  0.0150  2  DC A OP1   
19  O OP2   . DC A 2  ? 0.5309 0.5481 0.7200 0.0242  0.0257  -0.0121 2  DC A OP2   
20  O "O5'" . DC A 2  ? 0.4633 0.4528 0.5921 0.0392  0.0049  -0.0001 2  DC A "O5'" 
21  C "C5'" . DC A 2  ? 0.5227 0.4800 0.6118 0.0537  -0.0033 0.0110  2  DC A "C5'" 
22  C "C4'" . DC A 2  ? 0.4611 0.4317 0.5572 0.0525  -0.0310 0.0034  2  DC A "C4'" 
23  O "O4'" . DC A 2  ? 0.4734 0.4683 0.6192 0.0459  -0.0286 -0.0035 2  DC A "O4'" 
24  C "C3'" . DC A 2  ? 0.4824 0.4764 0.5846 0.0421  -0.0448 -0.0079 2  DC A "C3'" 
25  O "O3'" . DC A 2  ? 0.5776 0.5478 0.6338 0.0497  -0.0580 -0.0039 2  DC A "O3'" 
26  C "C2'" . DC A 2  ? 0.5040 0.5172 0.6440 0.0386  -0.0602 -0.0157 2  DC A "C2'" 
27  C "C1'" . DC A 2  ? 0.5452 0.5652 0.7159 0.0374  -0.0441 -0.0151 2  DC A "C1'" 
28  N N1    . DC A 2  ? 0.4961 0.5443 0.7004 0.0246  -0.0306 -0.0267 2  DC A N1    
29  C C2    . DC A 2  ? 0.4213 0.4895 0.6537 0.0174  -0.0348 -0.0371 2  DC A C2    
30  O O2    . DC A 2  ? 0.3852 0.4528 0.6277 0.0202  -0.0496 -0.0366 2  DC A O2    
31  N N3    . DC A 2  ? 0.4717 0.5548 0.7195 0.0091  -0.0224 -0.0477 2  DC A N3    
32  C C4    . DC A 2  ? 0.4295 0.5118 0.6730 0.0070  -0.0130 -0.0501 2  DC A C4    
33  N N4    . DC A 2  ? 0.4163 0.5071 0.6683 0.0012  -0.0073 -0.0628 2  DC A N4    
34  C C5    . DC A 2  ? 0.3876 0.4551 0.6183 0.0124  -0.0086 -0.0400 2  DC A C5    
35  C C6    . DC A 2  ? 0.4433 0.4925 0.6511 0.0214  -0.0143 -0.0275 2  DC A C6    
36  P P     . DC A 3  ? 0.5825 0.5677 0.6334 0.0403  -0.0612 -0.0111 3  DC A P     
37  O OP1   . DC A 3  ? 0.7306 0.6810 0.7273 0.0517  -0.0727 -0.0055 3  DC A OP1   
38  O OP2   . DC A 3  ? 0.5932 0.5979 0.6645 0.0301  -0.0394 -0.0136 3  DC A OP2   
39  O "O5'" . DC A 3  ? 0.5139 0.5277 0.6058 0.0320  -0.0781 -0.0227 3  DC A "O5'" 
40  C "C5'" . DC A 3  ? 0.5697 0.5729 0.6661 0.0392  -0.1047 -0.0245 3  DC A "C5'" 
41  C "C4'" . DC A 3  ? 0.5243 0.5575 0.6799 0.0298  -0.1093 -0.0344 3  DC A "C4'" 
42  O "O4'" . DC A 3  ? 0.5395 0.5895 0.7261 0.0244  -0.0901 -0.0356 3  DC A "O4'" 
43  C "C3'" . DC A 3  ? 0.4959 0.5498 0.6663 0.0188  -0.1010 -0.0413 3  DC A "C3'" 
44  O "O3'" . DC A 3  ? 0.5507 0.5960 0.7161 0.0216  -0.1224 -0.0442 3  DC A "O3'" 
45  C "C2'" . DC A 3  ? 0.4736 0.5496 0.6995 0.0119  -0.0911 -0.0476 3  DC A "C2'" 
46  C "C1'" . DC A 3  ? 0.4776 0.5520 0.7040 0.0142  -0.0803 -0.0442 3  DC A "C1'" 
47  N N1    . DC A 3  ? 0.4181 0.5031 0.6387 0.0072  -0.0561 -0.0471 3  DC A N1    
48  C C2    . DC A 3  ? 0.3758 0.4747 0.6224 0.0005  -0.0411 -0.0549 3  DC A C2    
49  O O2    . DC A 3  ? 0.4288 0.5330 0.7104 -0.0005 -0.0426 -0.0576 3  DC A O2    
50  N N3    . DC A 3  ? 0.3911 0.4924 0.6240 -0.0033 -0.0254 -0.0596 3  DC A N3    
51  C C4    . DC A 3  ? 0.4537 0.5500 0.6634 -0.0023 -0.0252 -0.0573 3  DC A C4    
52  N N4    . DC A 3  ? 0.4684 0.5661 0.6714 -0.0052 -0.0161 -0.0646 3  DC A N4    
53  C C5    . DC A 3  ? 0.4498 0.5344 0.6421 0.0033  -0.0342 -0.0477 3  DC A C5    
54  C C6    . DC A 3  ? 0.4048 0.4814 0.5957 0.0088  -0.0489 -0.0427 3  DC A C6    
55  P P     . DC A 4  ? 0.5406 0.5983 0.7063 0.0129  -0.1139 -0.0483 4  DC A P     
56  O OP1   . DC A 4  ? 0.6548 0.6969 0.8135 0.0186  -0.1413 -0.0518 4  DC A OP1   
57  O OP2   . DC A 4  ? 0.4892 0.5480 0.6200 0.0093  -0.0924 -0.0438 4  DC A OP2   
58  O "O5'" . DC A 4  ? 0.4625 0.5454 0.6868 0.0040  -0.0992 -0.0544 4  DC A "O5'" 
59  C "C5'" . DC A 4  ? 0.4526 0.5400 0.7336 0.0050  -0.1134 -0.0595 4  DC A "C5'" 
60  C "C4'" . DC A 4  ? 0.4945 0.5995 0.8242 -0.0027 -0.0863 -0.0626 4  DC A "C4'" 
61  O "O4'" . DC A 4  ? 0.5403 0.6489 0.8621 -0.0040 -0.0657 -0.0611 4  DC A "O4'" 
62  C "C3'" . DC A 4  ? 0.4827 0.5928 0.7983 -0.0088 -0.0646 -0.0626 4  DC A "C3'" 
63  O "O3'" . DC A 4  ? 0.4951 0.6065 0.8459 -0.0098 -0.0748 -0.0658 4  DC A "O3'" 
64  C "C2'" . DC A 4  ? 0.4945 0.6099 0.8312 -0.0121 -0.0325 -0.0634 4  DC A "C2'" 
65  C "C1'" . DC A 4  ? 0.5071 0.6211 0.8298 -0.0094 -0.0352 -0.0628 4  DC A "C1'" 
66  N N1    . DC A 4  ? 0.4253 0.5355 0.6933 -0.0101 -0.0251 -0.0617 4  DC A N1    
67  C C2    . DC A 4  ? 0.4375 0.5448 0.6913 -0.0119 -0.0002 -0.0648 4  DC A C2    
68  O O2    . DC A 4  ? 0.4455 0.5503 0.7263 -0.0123 0.0192  -0.0664 4  DC A O2    
69  N N3    . DC A 4  ? 0.4148 0.5173 0.6259 -0.0117 0.0019  -0.0663 4  DC A N3    
70  C C4    . DC A 4  ? 0.3757 0.4790 0.5679 -0.0109 -0.0136 -0.0633 4  DC A C4    
71  N N4    . DC A 4  ? 0.4391 0.5388 0.6044 -0.0110 -0.0116 -0.0657 4  DC A N4    
72  C C5    . DC A 4  ? 0.4082 0.5112 0.6080 -0.0083 -0.0319 -0.0578 4  DC A C5    
73  C C6    . DC A 4  ? 0.3897 0.4949 0.6230 -0.0074 -0.0400 -0.0580 4  DC A C6    
74  P P     . DG A 5  ? 0.5839 0.6954 0.9099 -0.0138 -0.0631 -0.0645 5  DG A P     
75  O OP1   . DG A 5  ? 0.6913 0.8010 1.0549 -0.0129 -0.0859 -0.0695 5  DG A OP1   
76  O OP2   . DG A 5  ? 0.5856 0.6915 0.8423 -0.0133 -0.0611 -0.0600 5  DG A OP2   
77  O "O5'" . DG A 5  ? 0.4865 0.6021 0.8348 -0.0176 -0.0240 -0.0629 5  DG A "O5'" 
78  C "C5'" . DG A 5  ? 0.4091 0.5279 0.8296 -0.0182 -0.0108 -0.0651 5  DG A "C5'" 
79  C "C4'" . DG A 5  ? 0.4922 0.6032 0.9055 -0.0185 0.0332  -0.0614 5  DG A "C4'" 
80  O "O4'" . DG A 5  ? 0.5002 0.6058 0.8708 -0.0165 0.0422  -0.0613 5  DG A "O4'" 
81  C "C3'" . DG A 5  ? 0.4904 0.5931 0.8546 -0.0188 0.0492  -0.0570 5  DG A "C3'" 
82  O "O3'" . DG A 5  ? 0.4321 0.5348 0.8459 -0.0203 0.0600  -0.0558 5  DG A "O3'" 
83  C "C2'" . DG A 5  ? 0.4690 0.5547 0.7934 -0.0150 0.0832  -0.0546 5  DG A "C2'" 
84  C "C1'" . DG A 5  ? 0.5064 0.5971 0.8222 -0.0145 0.0688  -0.0588 5  DG A "C1'" 
85  N N9    . DG A 5  ? 0.4293 0.5202 0.6815 -0.0142 0.0511  -0.0598 5  DG A N9    
86  C C8    . DG A 5  ? 0.3476 0.4491 0.5887 -0.0158 0.0206  -0.0601 5  DG A C8    
87  N N7    . DG A 5  ? 0.3953 0.4933 0.5878 -0.0150 0.0155  -0.0605 5  DG A N7    
88  C C5    . DG A 5  ? 0.4242 0.5080 0.5893 -0.0123 0.0378  -0.0622 5  DG A C5    
89  C C6    . DG A 5  ? 0.3855 0.4578 0.5006 -0.0094 0.0375  -0.0655 5  DG A C6    
90  O O6    . DG A 5  ? 0.4468 0.5236 0.5432 -0.0102 0.0197  -0.0670 5  DG A O6    
91  N N1    . DG A 5  ? 0.4420 0.4912 0.5294 -0.0035 0.0606  -0.0675 5  DG A N1    
92  C C2    . DG A 5  ? 0.5179 0.5561 0.6268 -0.0011 0.0887  -0.0644 5  DG A C2    
93  N N2    . DG A 5  ? 0.5334 0.5395 0.5982 0.0075  0.1134  -0.0655 5  DG A N2    
94  N N3    . DG A 5  ? 0.4937 0.5470 0.6640 -0.0054 0.0923  -0.0609 5  DG A N3    
95  C C4    . DG A 5  ? 0.4090 0.4852 0.6032 -0.0109 0.0624  -0.0609 5  DG A C4    
96  P P     . DG A 6  ? 0.4614 0.5627 0.8437 -0.0218 0.0560  -0.0529 6  DG A P     
97  O OP1   . DG A 6  ? 0.5367 0.6381 0.9908 -0.0232 0.0706  -0.0525 6  DG A OP1   
98  O OP2   . DG A 6  ? 0.4831 0.5919 0.8274 -0.0230 0.0177  -0.0560 6  DG A OP2   
99  O "O5'" . DG A 6  ? 0.5333 0.6172 0.8418 -0.0179 0.0849  -0.0465 6  DG A "O5'" 
100 C "C5'" . DG A 6  ? 0.5119 0.5750 0.8238 -0.0129 0.1280  -0.0410 6  DG A "C5'" 
101 C "C4'" . DG A 6  ? 0.5227 0.5633 0.7457 -0.0063 0.1410  -0.0380 6  DG A "C4'" 
102 O "O4'" . DG A 6  ? 0.4876 0.5313 0.6810 -0.0060 0.1240  -0.0440 6  DG A "O4'" 
103 C "C3'" . DG A 6  ? 0.5470 0.5888 0.7182 -0.0068 0.1234  -0.0357 6  DG A "C3'" 
104 O "O3'" . DG A 6  ? 0.5144 0.5424 0.6875 -0.0040 0.1476  -0.0280 6  DG A "O3'" 
105 C "C2'" . DG A 6  ? 0.4468 0.4705 0.5440 -0.0004 0.1215  -0.0379 6  DG A "C2'" 
106 C "C1'" . DG A 6  ? 0.4712 0.5061 0.5921 -0.0029 0.1113  -0.0448 6  DG A "C1'" 
107 N N9    . DG A 6  ? 0.4315 0.4885 0.5506 -0.0085 0.0755  -0.0491 6  DG A N9    
108 C C8    . DG A 6  ? 0.4726 0.5511 0.6343 -0.0143 0.0533  -0.0506 6  DG A C8    
109 N N7    . DG A 6  ? 0.3715 0.4579 0.5113 -0.0159 0.0298  -0.0525 6  DG A N7    
110 C C5    . DG A 6  ? 0.3884 0.4626 0.4793 -0.0123 0.0337  -0.0536 6  DG A C5    
111 C C6    . DG A 6  ? 0.3909 0.4665 0.4540 -0.0122 0.0165  -0.0561 6  DG A C6    
112 O O6    . DG A 6  ? 0.4267 0.5127 0.4985 -0.0149 0.0000  -0.0558 6  DG A O6    
113 N N1    . DG A 6  ? 0.4276 0.4855 0.4494 -0.0068 0.0206  -0.0593 6  DG A N1    
114 C C2    . DG A 6  ? 0.4551 0.4904 0.4505 -0.0002 0.0413  -0.0587 6  DG A C2    
115 N N2    . DG A 6  ? 0.5084 0.5205 0.4534 0.0075  0.0371  -0.0633 6  DG A N2    
116 N N3    . DG A 6  ? 0.4501 0.4810 0.4678 0.0002  0.0649  -0.0541 6  DG A N3    
117 C C4    . DG A 6  ? 0.3866 0.4407 0.4586 -0.0070 0.0586  -0.0523 6  DG A C4    
118 P P     . DT A 7  ? 0.5258 0.5641 0.6861 -0.0077 0.1292  -0.0254 7  DT A P     
119 O OP1   . DT A 7  ? 0.5619 0.5881 0.7516 -0.0054 0.1596  -0.0177 7  DT A OP1   
120 O OP2   . DT A 7  ? 0.4379 0.5033 0.6240 -0.0158 0.0912  -0.0324 7  DT A OP2   
121 O "O5'" . DT A 7  ? 0.5648 0.5865 0.6391 -0.0015 0.1218  -0.0237 7  DT A "O5'" 
122 C "C5'" . DT A 7  ? 0.5916 0.5770 0.6109 0.0104  0.1489  -0.0186 7  DT A "C5'" 
123 C "C4'" . DT A 7  ? 0.5867 0.5609 0.5353 0.0157  0.1257  -0.0223 7  DT A "C4'" 
124 O "O4'" . DT A 7  ? 0.5739 0.5624 0.5280 0.0118  0.1040  -0.0321 7  DT A "O4'" 
125 C "C3'" . DT A 7  ? 0.5894 0.5801 0.5303 0.0109  0.0988  -0.0213 7  DT A "C3'" 
126 O "O3'" . DT A 7  ? 0.5768 0.5466 0.4891 0.0176  0.1139  -0.0123 7  DT A "O3'" 
127 C "C2'" . DT A 7  ? 0.5678 0.5544 0.4680 0.0139  0.0723  -0.0291 7  DT A "C2'" 
128 C "C1'" . DT A 7  ? 0.5351 0.5308 0.4606 0.0109  0.0728  -0.0363 7  DT A "C1'" 
129 N N1    . DT A 7  ? 0.5483 0.5773 0.5176 0.0001  0.0499  -0.0402 7  DT A N1    
130 C C2    . DT A 7  ? 0.4968 0.5324 0.4531 -0.0011 0.0252  -0.0454 7  DT A C2    
131 O O2    . DT A 7  ? 0.5190 0.5376 0.4368 0.0054  0.0161  -0.0489 7  DT A O2    
132 N N3    . DT A 7  ? 0.4708 0.5293 0.4618 -0.0087 0.0114  -0.0465 7  DT A N3    
133 C C4    . DT A 7  ? 0.3985 0.4714 0.4278 -0.0139 0.0133  -0.0446 7  DT A C4    
134 O O4    . DT A 7  ? 0.4618 0.5461 0.5075 -0.0174 -0.0008 -0.0454 7  DT A O4    
135 C C5    . DT A 7  ? 0.4482 0.5166 0.4974 -0.0134 0.0328  -0.0416 7  DT A C5    
136 C C7    . DT A 7  ? 0.4890 0.5710 0.5894 -0.0180 0.0293  -0.0421 7  DT A C7    
137 C C6    . DT A 7  ? 0.4724 0.5204 0.4944 -0.0070 0.0532  -0.0388 7  DT A C6    
138 P P     . DA A 8  ? 0.6206 0.6085 0.5458 0.0113  0.0976  -0.0084 8  DA A P     
139 O OP1   . DA A 8  ? 0.6259 0.5865 0.5240 0.0204  0.1223  0.0025  8  DA A OP1   
140 O OP2   . DA A 8  ? 0.6375 0.6588 0.6260 -0.0013 0.0866  -0.0122 8  DA A OP2   
141 O "O5'" . DA A 8  ? 0.5546 0.5456 0.4446 0.0123  0.0640  -0.0139 8  DA A "O5'" 
142 C "C5'" . DA A 8  ? 0.6328 0.5922 0.4604 0.0249  0.0579  -0.0140 8  DA A "C5'" 
143 C "C4'" . DA A 8  ? 0.6232 0.5940 0.4475 0.0227  0.0224  -0.0227 8  DA A "C4'" 
144 O "O4'" . DA A 8  ? 0.5923 0.5805 0.4445 0.0163  0.0159  -0.0311 8  DA A "O4'" 
145 C "C3'" . DA A 8  ? 0.5896 0.5868 0.4485 0.0133  0.0064  -0.0205 8  DA A "C3'" 
146 O "O3'" . DA A 8  ? 0.6456 0.6269 0.4773 0.0201  0.0009  -0.0147 8  DA A "O3'" 
147 C "C2'" . DA A 8  ? 0.5903 0.6003 0.4650 0.0097  -0.0182 -0.0299 8  DA A "C2'" 
148 C "C1'" . DA A 8  ? 0.5985 0.6099 0.4791 0.0089  -0.0083 -0.0353 8  DA A "C1'" 
149 N N9    . DA A 8  ? 0.5431 0.5806 0.4693 -0.0017 -0.0037 -0.0348 8  DA A N9    
150 C C8    . DA A 8  ? 0.5167 0.5616 0.4665 -0.0057 0.0136  -0.0312 8  DA A C8    
151 N N7    . DA A 8  ? 0.4398 0.5034 0.4232 -0.0128 0.0068  -0.0332 8  DA A N7    
152 C C5    . DA A 8  ? 0.4035 0.4716 0.3839 -0.0135 -0.0099 -0.0364 8  DA A C5    
153 C C6    . DA A 8  ? 0.4250 0.5037 0.4253 -0.0175 -0.0193 -0.0377 8  DA A C6    
154 N N6    . DA A 8  ? 0.4011 0.4864 0.4196 -0.0205 -0.0186 -0.0370 8  DA A N6    
155 N N1    . DA A 8  ? 0.4395 0.5178 0.4408 -0.0168 -0.0296 -0.0397 8  DA A N1    
156 C C2    . DA A 8  ? 0.4327 0.5020 0.4186 -0.0125 -0.0372 -0.0425 8  DA A C2    
157 N N3    . DA A 8  ? 0.4655 0.5209 0.4218 -0.0070 -0.0346 -0.0425 8  DA A N3    
158 C C4    . DA A 8  ? 0.4778 0.5327 0.4311 -0.0078 -0.0173 -0.0381 8  DA A C4    
159 P P     . DC A 9  ? 0.6644 0.6646 0.5276 0.0121  0.0011  -0.0075 9  DC A P     
160 O OP1   . DC A 9  ? 0.6776 0.6540 0.5049 0.0223  -0.0005 -0.0004 9  DC A OP1   
161 O OP2   . DC A 9  ? 0.6417 0.6595 0.5420 0.0032  0.0205  -0.0051 9  DC A OP2   
162 O "O5'" . DC A 9  ? 0.5706 0.5922 0.4661 0.0046  -0.0229 -0.0136 9  DC A "O5'" 
163 C "C5'" . DC A 9  ? 0.5276 0.5401 0.4134 0.0104  -0.0479 -0.0194 9  DC A "C5'" 
164 C "C4'" . DC A 9  ? 0.5042 0.5380 0.4349 0.0021  -0.0587 -0.0247 9  DC A "C4'" 
165 O "O4'" . DC A 9  ? 0.5560 0.5984 0.4948 -0.0020 -0.0501 -0.0291 9  DC A "O4'" 
166 C "C3'" . DC A 9  ? 0.5212 0.5720 0.4858 -0.0067 -0.0500 -0.0184 9  DC A "C3'" 
167 O "O3'" . DC A 9  ? 0.5037 0.5518 0.4822 -0.0050 -0.0619 -0.0158 9  DC A "O3'" 
168 C "C2'" . DC A 9  ? 0.5029 0.5656 0.4962 -0.0124 -0.0495 -0.0225 9  DC A "C2'" 
169 C "C1'" . DC A 9  ? 0.5266 0.5867 0.5022 -0.0102 -0.0475 -0.0282 9  DC A "C1'" 
170 N N1    . DC A 9  ? 0.4565 0.5247 0.4364 -0.0151 -0.0321 -0.0261 9  DC A N1    
171 C C2    . DC A 9  ? 0.3897 0.4657 0.3895 -0.0191 -0.0312 -0.0272 9  DC A C2    
172 O O2    . DC A 9  ? 0.4056 0.4819 0.4216 -0.0192 -0.0373 -0.0285 9  DC A O2    
173 N N3    . DC A 9  ? 0.4246 0.5041 0.4273 -0.0217 -0.0243 -0.0267 9  DC A N3    
174 C C4    . DC A 9  ? 0.4182 0.4974 0.4172 -0.0219 -0.0167 -0.0258 9  DC A C4    
175 N N4    . DC A 9  ? 0.4078 0.4906 0.4205 -0.0241 -0.0150 -0.0273 9  DC A N4    
176 C C5    . DC A 9  ? 0.4112 0.4830 0.3939 -0.0183 -0.0109 -0.0230 9  DC A C5    
177 C C6    . DC A 9  ? 0.4348 0.4993 0.4021 -0.0142 -0.0197 -0.0230 9  DC A C6    
178 P P     . DC A 10 ? 0.4982 0.5549 0.5003 -0.0112 -0.0496 -0.0078 10 DC A P     
179 O OP1   . DC A 10 ? 0.5570 0.6075 0.5715 -0.0070 -0.0642 -0.0054 10 DC A OP1   
180 O OP2   . DC A 10 ? 0.4709 0.5290 0.4564 -0.0138 -0.0316 -0.0034 10 DC A OP2   
181 O "O5'" . DC A 10 ? 0.4192 0.4854 0.4543 -0.0176 -0.0428 -0.0093 10 DC A "O5'" 
182 C "C5'" . DC A 10 ? 0.4224 0.4890 0.4946 -0.0171 -0.0515 -0.0113 10 DC A "C5'" 
183 C "C4'" . DC A 10 ? 0.4280 0.4952 0.5208 -0.0215 -0.0330 -0.0082 10 DC A "C4'" 
184 O "O4'" . DC A 10 ? 0.4094 0.4780 0.4876 -0.0219 -0.0299 -0.0122 10 DC A "O4'" 
185 C "C3'" . DC A 10 ? 0.3576 0.4203 0.4350 -0.0243 -0.0153 -0.0020 10 DC A "C3'" 
186 O "O3'" . DC A 10 ? 0.4092 0.4685 0.5087 -0.0247 -0.0105 0.0035  10 DC A "O3'" 
187 C "C2'" . DC A 10 ? 0.3708 0.4250 0.4466 -0.0244 -0.0014 -0.0014 10 DC A "C2'" 
188 C "C1'" . DC A 10 ? 0.3911 0.4527 0.4595 -0.0235 -0.0126 -0.0079 10 DC A "C1'" 
189 N N1    . DC A 10 ? 0.4002 0.4640 0.4369 -0.0242 -0.0135 -0.0104 10 DC A N1    
190 C C2    . DC A 10 ? 0.3973 0.4520 0.4194 -0.0233 -0.0068 -0.0103 10 DC A C2    
191 O O2    . DC A 10 ? 0.4193 0.4601 0.4447 -0.0207 0.0039  -0.0066 10 DC A O2    
192 N N3    . DC A 10 ? 0.3948 0.4523 0.4006 -0.0238 -0.0116 -0.0141 10 DC A N3    
193 C C4    . DC A 10 ? 0.3985 0.4667 0.4046 -0.0255 -0.0160 -0.0163 10 DC A C4    
194 N N4    . DC A 10 ? 0.3949 0.4654 0.3985 -0.0261 -0.0180 -0.0198 10 DC A N4    
195 C C5    . DC A 10 ? 0.4041 0.4768 0.4138 -0.0251 -0.0183 -0.0148 10 DC A C5    
196 C C6    . DC A 10 ? 0.4031 0.4737 0.4270 -0.0243 -0.0204 -0.0127 10 DC A C6    
197 P P     . DG A 11 ? 0.4300 0.4840 0.5112 -0.0268 0.0025  0.0084  11 DG A P     
198 O OP1   . DG A 11 ? 0.4659 0.5176 0.5775 -0.0267 0.0052  0.0139  11 DG A OP1   
199 O OP2   . DG A 11 ? 0.4488 0.5084 0.4996 -0.0271 -0.0034 0.0060  11 DG A OP2   
200 O "O5'" . DG A 11 ? 0.3940 0.4326 0.4605 -0.0268 0.0204  0.0091  11 DG A "O5'" 
201 C "C5'" . DG A 11 ? 0.3934 0.4238 0.4285 -0.0273 0.0252  0.0075  11 DG A "C5'" 
202 C "C4'" . DG A 11 ? 0.4488 0.4581 0.4602 -0.0233 0.0344  0.0064  11 DG A "C4'" 
203 O "O4'" . DG A 11 ? 0.3990 0.4158 0.4089 -0.0224 0.0254  0.0029  11 DG A "O4'" 
204 C "C3'" . DG A 11 ? 0.4507 0.4443 0.4258 -0.0214 0.0322  0.0016  11 DG A "C3'" 
205 O "O3'" . DG A 11 ? 0.4950 0.4678 0.4610 -0.0197 0.0466  0.0046  11 DG A "O3'" 
206 C "C2'" . DG A 11 ? 0.4732 0.4490 0.4235 -0.0155 0.0322  0.0000  11 DG A "C2'" 
207 C "C1'" . DG A 11 ? 0.4141 0.4163 0.3903 -0.0188 0.0224  -0.0011 11 DG A "C1'" 
208 N N9    . DG A 11 ? 0.4080 0.4278 0.3831 -0.0220 0.0060  -0.0076 11 DG A N9    
209 C C8    . DG A 11 ? 0.3882 0.4297 0.3811 -0.0263 0.0002  -0.0082 11 DG A C8    
210 N N7    . DG A 11 ? 0.4181 0.4672 0.4100 -0.0273 -0.0076 -0.0132 11 DG A N7    
211 C C5    . DG A 11 ? 0.4179 0.4523 0.3938 -0.0241 -0.0132 -0.0176 11 DG A C5    
212 C C6    . DG A 11 ? 0.4294 0.4639 0.4071 -0.0232 -0.0258 -0.0249 11 DG A C6    
213 O O6    . DG A 11 ? 0.4200 0.4695 0.4202 -0.0263 -0.0292 -0.0281 11 DG A O6    
214 N N1    . DG A 11 ? 0.4260 0.4366 0.3772 -0.0168 -0.0338 -0.0281 11 DG A N1    
215 C C2    . DG A 11 ? 0.4272 0.4126 0.3481 -0.0109 -0.0240 -0.0231 11 DG A C2    
216 N N2    . DG A 11 ? 0.4714 0.4260 0.3562 -0.0017 -0.0326 -0.0261 11 DG A N2    
217 N N3    . DG A 11 ? 0.4245 0.4109 0.3514 -0.0126 -0.0063 -0.0153 11 DG A N3    
218 C C4    . DG A 11 ? 0.4063 0.4197 0.3640 -0.0197 -0.0048 -0.0138 11 DG A C4    
219 P P     . DG A 12 ? 0.5158 0.4815 0.4636 -0.0205 0.0399  -0.0015 12 DG A P     
220 O OP1   . DG A 12 ? 0.6124 0.5563 0.5556 -0.0187 0.0589  0.0029  12 DG A OP1   
221 O OP2   . DG A 12 ? 0.4823 0.4782 0.4541 -0.0268 0.0265  -0.0040 12 DG A OP2   
222 O "O5'" . DG A 12 ? 0.5406 0.4805 0.4453 -0.0136 0.0284  -0.0101 12 DG A "O5'" 
223 C "C5'" . DG A 12 ? 0.5124 0.4132 0.3769 -0.0037 0.0410  -0.0075 12 DG A "C5'" 
224 C "C4'" . DG A 12 ? 0.5456 0.4249 0.3698 0.0041  0.0208  -0.0163 12 DG A "C4'" 
225 O "O4'" . DG A 12 ? 0.5462 0.4558 0.3964 -0.0001 0.0074  -0.0173 12 DG A "O4'" 
226 C "C3'" . DG A 12 ? 0.5822 0.4562 0.3966 0.0044  -0.0035 -0.0294 12 DG A "C3'" 
227 O "O3'" . DG A 12 ? 0.6744 0.5044 0.4430 0.0129  0.0018  -0.0329 12 DG A "O3'" 
228 C "C2'" . DG A 12 ? 0.5701 0.4381 0.3689 0.0100  -0.0273 -0.0365 12 DG A "C2'" 
229 C "C1'" . DG A 12 ? 0.4926 0.3999 0.3332 0.0021  -0.0196 -0.0287 12 DG A "C1'" 
230 N N9    . DG A 12 ? 0.5028 0.4509 0.3933 -0.0084 -0.0295 -0.0323 12 DG A N9    
231 C C8    . DG A 12 ? 0.4607 0.4384 0.3869 -0.0170 -0.0175 -0.0263 12 DG A C8    
232 N N7    . DG A 12 ? 0.4749 0.4769 0.4334 -0.0225 -0.0257 -0.0300 12 DG A N7    
233 C C5    . DG A 12 ? 0.4693 0.4621 0.4247 -0.0188 -0.0455 -0.0398 12 DG A C5    
234 C C6    . DG A 12 ? 0.4709 0.4797 0.4636 -0.0217 -0.0586 -0.0471 12 DG A C6    
235 O O6    . DG A 12 ? 0.4521 0.4840 0.4828 -0.0277 -0.0500 -0.0450 12 DG A O6    
236 N N1    . DG A 12 ? 0.4307 0.4215 0.4141 -0.0154 -0.0828 -0.0574 12 DG A N1    
237 C C2    . DG A 12 ? 0.4764 0.4319 0.4067 -0.0053 -0.0926 -0.0595 12 DG A C2    
238 N N2    . DG A 12 ? 0.5270 0.4636 0.4493 0.0024  -0.1213 -0.0702 12 DG A N2    
239 N N3    . DG A 12 ? 0.5316 0.4677 0.4199 -0.0015 -0.0743 -0.0510 12 DG A N3    
240 C C4    . DG A 12 ? 0.4286 0.3877 0.3388 -0.0096 -0.0514 -0.0418 12 DG A C4    
241 P P     . DG A 13 ? 0.7025 0.5306 0.4780 0.0103  -0.0158 -0.0456 13 DG A P     
242 O OP1   . DG A 13 ? 0.7478 0.5240 0.4679 0.0206  -0.0029 -0.0472 13 DG A OP1   
243 O OP2   . DG A 13 ? 0.5981 0.4768 0.4396 -0.0039 -0.0116 -0.0419 13 DG A OP2   
244 O "O5'" . DG A 13 ? 0.6603 0.4818 0.4288 0.0151  -0.0546 -0.0611 13 DG A "O5'" 
245 C "C5'" . DG A 13 ? 0.7760 0.5474 0.4782 0.0309  -0.0700 -0.0671 13 DG A "C5'" 
246 C "C4'" . DG A 13 ? 0.7837 0.5630 0.5051 0.0326  -0.1106 -0.0811 13 DG A "C4'" 
247 O "O4'" . DG A 13 ? 0.6822 0.5123 0.4617 0.0216  -0.1062 -0.0740 13 DG A "O4'" 
248 C "C3'" . DG A 13 ? 0.7364 0.5292 0.5028 0.0270  -0.1373 -0.0973 13 DG A "C3'" 
249 O "O3'" . DG A 13 ? 0.6999 0.4385 0.4113 0.0399  -0.1583 -0.1117 13 DG A "O3'" 
250 C "C2'" . DG A 13 ? 0.7748 0.5894 0.5830 0.0257  -0.1659 -0.1043 13 DG A "C2'" 
251 C "C1'" . DG A 13 ? 0.7012 0.5536 0.5325 0.0172  -0.1360 -0.0867 13 DG A "C1'" 
252 N N9    . DG A 13 ? 0.5746 0.4776 0.4767 0.0018  -0.1194 -0.0813 13 DG A N9    
253 C C8    . DG A 13 ? 0.4998 0.4231 0.4130 -0.0061 -0.0881 -0.0686 13 DG A C8    
254 N N7    . DG A 13 ? 0.4938 0.4542 0.4642 -0.0163 -0.0801 -0.0658 13 DG A N7    
255 C C5    . DG A 13 ? 0.4879 0.4551 0.4951 -0.0161 -0.1035 -0.0770 13 DG A C5    
256 C C6    . DG A 13 ? 0.4788 0.4760 0.5539 -0.0235 -0.1009 -0.0782 13 DG A C6    
257 O O6    . DG A 13 ? 0.4601 0.4808 0.5654 -0.0305 -0.0767 -0.0689 13 DG A O6    
258 N N1    . DG A 13 ? 0.4197 0.4135 0.5278 -0.0205 -0.1288 -0.0912 13 DG A N1    
259 C C2    . DG A 13 ? 0.4839 0.4467 0.5555 -0.0102 -0.1611 -0.1025 13 DG A C2    
260 N N2    . DG A 13 ? 0.4795 0.4431 0.5973 -0.0079 -0.1905 -0.1153 13 DG A N2    
261 N N3    . DG A 13 ? 0.5050 0.4340 0.4996 -0.0013 -0.1633 -0.1006 13 DG A N3    
262 C C4    . DG A 13 ? 0.4821 0.4162 0.4518 -0.0055 -0.1311 -0.0874 13 DG A C4    
263 P P     . DG A 14 ? 0.7662 0.5102 0.5151 0.0338  -0.1690 -0.1251 14 DG A P     
285 O "O5'" . DC B 1  ? 0.6658 0.5961 0.5748 -0.0597 0.0737  0.0418  1  DC B "O5'" 
286 C "C5'" . DC B 1  ? 0.6820 0.6260 0.6044 -0.0748 0.0792  0.0287  1  DC B "C5'" 
287 C "C4'" . DC B 1  ? 0.6328 0.5872 0.5752 -0.0743 0.0690  0.0201  1  DC B "C4'" 
288 O "O4'" . DC B 1  ? 0.5915 0.5171 0.5180 -0.0769 0.0718  0.0239  1  DC B "O4'" 
289 C "C3'" . DC B 1  ? 0.5634 0.5325 0.5196 -0.0599 0.0540  0.0201  1  DC B "C3'" 
290 O "O3'" . DC B 1  ? 0.5511 0.5508 0.5345 -0.0582 0.0492  0.0112  1  DC B "O3'" 
291 C "C2'" . DC B 1  ? 0.5310 0.4953 0.4894 -0.0654 0.0463  0.0171  1  DC B "C2'" 
292 C "C1'" . DC B 1  ? 0.5157 0.4471 0.4494 -0.0720 0.0596  0.0210  1  DC B "C1'" 
293 N N1    . DC B 1  ? 0.5950 0.5045 0.5144 -0.0596 0.0606  0.0290  1  DC B N1    
294 C C2    . DC B 1  ? 0.5324 0.4412 0.4511 -0.0580 0.0533  0.0260  1  DC B C2    
295 O O2    . DC B 1  ? 0.5339 0.4580 0.4596 -0.0673 0.0431  0.0198  1  DC B O2    
296 N N3    . DC B 1  ? 0.5599 0.4524 0.4710 -0.0475 0.0569  0.0301  1  DC B N3    
297 C C4    . DC B 1  ? 0.6874 0.5652 0.5955 -0.0366 0.0640  0.0394  1  DC B C4    
298 N N4    . DC B 1  ? 0.6009 0.4667 0.5100 -0.0252 0.0666  0.0425  1  DC B N4    
299 C C5    . DC B 1  ? 0.6453 0.5213 0.5499 -0.0386 0.0684  0.0462  1  DC B C5    
300 C C6    . DC B 1  ? 0.6903 0.5820 0.5989 -0.0512 0.0682  0.0396  1  DC B C6    
301 P P     . DC B 2  ? 0.5825 0.5947 0.5773 -0.0430 0.0381  0.0121  2  DC B P     
302 O OP1   . DC B 2  ? 0.5849 0.6251 0.6110 -0.0441 0.0395  -0.0005 2  DC B OP1   
303 O OP2   . DC B 2  ? 0.6022 0.5975 0.5707 -0.0347 0.0413  0.0231  2  DC B OP2   
304 O "O5'" . DC B 2  ? 0.5146 0.5252 0.5172 -0.0401 0.0217  0.0143  2  DC B "O5'" 
305 C "C5'" . DC B 2  ? 0.4543 0.4819 0.4839 -0.0466 0.0110  0.0084  2  DC B "C5'" 
306 C "C4'" . DC B 2  ? 0.4177 0.4378 0.4405 -0.0481 -0.0052 0.0147  2  DC B "C4'" 
307 O "O4'" . DC B 2  ? 0.4827 0.4771 0.4711 -0.0549 0.0034  0.0183  2  DC B "O4'" 
308 C "C3'" . DC B 2  ? 0.3920 0.4104 0.4147 -0.0369 -0.0163 0.0206  2  DC B "C3'" 
309 O "O3'" . DC B 2  ? 0.4476 0.4858 0.5067 -0.0317 -0.0306 0.0185  2  DC B "O3'" 
310 C "C2'" . DC B 2  ? 0.4465 0.4487 0.4442 -0.0460 -0.0238 0.0263  2  DC B "C2'" 
311 C "C1'" . DC B 2  ? 0.4235 0.4081 0.3974 -0.0537 -0.0059 0.0234  2  DC B "C1'" 
312 N N1    . DC B 2  ? 0.4604 0.4259 0.4134 -0.0449 0.0067  0.0266  2  DC B N1    
313 C C2    . DC B 2  ? 0.4485 0.4016 0.3844 -0.0460 0.0053  0.0284  2  DC B C2    
314 O O2    . DC B 2  ? 0.4656 0.4209 0.3963 -0.0566 -0.0067 0.0286  2  DC B O2    
315 N N3    . DC B 2  ? 0.4722 0.4120 0.3984 -0.0366 0.0165  0.0301  2  DC B N3    
316 C C4    . DC B 2  ? 0.4812 0.4185 0.4110 -0.0267 0.0253  0.0336  2  DC B C4    
317 N N4    . DC B 2  ? 0.5011 0.4275 0.4263 -0.0166 0.0328  0.0374  2  DC B N4    
318 C C5    . DC B 2  ? 0.4986 0.4457 0.4375 -0.0284 0.0267  0.0333  2  DC B C5    
319 C C6    . DC B 2  ? 0.5025 0.4644 0.4545 -0.0374 0.0190  0.0281  2  DC B C6    
320 P P     . DC B 3  ? 0.5366 0.5760 0.6056 -0.0184 -0.0364 0.0203  3  DC B P     
321 O OP1   . DC B 3  ? 0.5762 0.6353 0.6923 -0.0136 -0.0478 0.0153  3  DC B OP1   
322 O OP2   . DC B 3  ? 0.5895 0.6235 0.6394 -0.0126 -0.0193 0.0178  3  DC B OP2   
323 O "O5'" . DC B 3  ? 0.4581 0.4803 0.5018 -0.0216 -0.0494 0.0317  3  DC B "O5'" 
324 C "C5'" . DC B 3  ? 0.4605 0.4836 0.5102 -0.0305 -0.0698 0.0390  3  DC B "C5'" 
325 C "C4'" . DC B 3  ? 0.5098 0.5136 0.5209 -0.0397 -0.0745 0.0473  3  DC B "C4'" 
326 O "O4'" . DC B 3  ? 0.4599 0.4508 0.4399 -0.0449 -0.0550 0.0423  3  DC B "O4'" 
327 C "C3'" . DC B 3  ? 0.4995 0.4951 0.5036 -0.0318 -0.0757 0.0511  3  DC B "C3'" 
328 O "O3'" . DC B 3  ? 0.4959 0.4930 0.5193 -0.0314 -0.0977 0.0599  3  DC B "O3'" 
329 C "C2'" . DC B 3  ? 0.5235 0.5018 0.4859 -0.0437 -0.0683 0.0528  3  DC B "C2'" 
330 C "C1'" . DC B 3  ? 0.5124 0.4885 0.4656 -0.0467 -0.0510 0.0449  3  DC B "C1'" 
331 N N1    . DC B 3  ? 0.4426 0.4142 0.3909 -0.0350 -0.0316 0.0402  3  DC B N1    
332 C C2    . DC B 3  ? 0.4819 0.4414 0.4091 -0.0360 -0.0222 0.0392  3  DC B C2    
333 O O2    . DC B 3  ? 0.5006 0.4524 0.4094 -0.0491 -0.0273 0.0404  3  DC B O2    
334 N N3    . DC B 3  ? 0.4783 0.4363 0.4069 -0.0240 -0.0082 0.0372  3  DC B N3    
335 C C4    . DC B 3  ? 0.5060 0.4714 0.4480 -0.0143 -0.0041 0.0375  3  DC B C4    
336 N N4    . DC B 3  ? 0.5253 0.4887 0.4660 -0.0042 0.0058  0.0391  3  DC B N4    
337 C C5    . DC B 3  ? 0.4846 0.4614 0.4429 -0.0158 -0.0103 0.0363  3  DC B C5    
338 C C6    . DC B 3  ? 0.4429 0.4237 0.4078 -0.0249 -0.0237 0.0369  3  DC B C6    
339 P P     . DC B 4  ? 0.5494 0.5414 0.5819 -0.0209 -0.1002 0.0618  4  DC B P     
340 O OP1   . DC B 4  ? 0.5984 0.5899 0.6590 -0.0205 -0.1251 0.0723  4  DC B OP1   
341 O OP2   . DC B 4  ? 0.4951 0.4965 0.5407 -0.0078 -0.0812 0.0495  4  DC B OP2   
342 O "O5'" . DC B 4  ? 0.5648 0.5393 0.5530 -0.0314 -0.0953 0.0664  4  DC B "O5'" 
343 C "C5'" . DC B 4  ? 0.5480 0.5100 0.5093 -0.0496 -0.1098 0.0774  4  DC B "C5'" 
344 C "C4'" . DC B 4  ? 0.5699 0.5190 0.4927 -0.0595 -0.0970 0.0753  4  DC B "C4'" 
345 O "O4'" . DC B 4  ? 0.5523 0.5037 0.4634 -0.0577 -0.0741 0.0634  4  DC B "O4'" 
346 C "C3'" . DC B 4  ? 0.5842 0.5317 0.5130 -0.0498 -0.0914 0.0734  4  DC B "C3'" 
347 O "O3'" . DC B 4  ? 0.5822 0.5176 0.5073 -0.0579 -0.1100 0.0859  4  DC B "O3'" 
348 C "C2'" . DC B 4  ? 0.6248 0.5688 0.5253 -0.0560 -0.0708 0.0649  4  DC B "C2'" 
349 C "C1'" . DC B 4  ? 0.6107 0.5593 0.5108 -0.0541 -0.0588 0.0575  4  DC B "C1'" 
350 N N1    . DC B 4  ? 0.5507 0.5100 0.4704 -0.0355 -0.0445 0.0500  4  DC B N1    
351 C C2    . DC B 4  ? 0.4854 0.4462 0.4000 -0.0299 -0.0290 0.0441  4  DC B C2    
352 O O2    . DC B 4  ? 0.5267 0.4813 0.4240 -0.0401 -0.0244 0.0422  4  DC B O2    
353 N N3    . DC B 4  ? 0.4728 0.4431 0.4024 -0.0148 -0.0199 0.0409  4  DC B N3    
354 C C4    . DC B 4  ? 0.4471 0.4238 0.3915 -0.0079 -0.0227 0.0415  4  DC B C4    
355 N N4    . DC B 4  ? 0.4641 0.4486 0.4160 0.0029  -0.0142 0.0400  4  DC B N4    
356 C C5    . DC B 4  ? 0.4977 0.4750 0.4510 -0.0133 -0.0349 0.0441  4  DC B C5    
357 C C6    . DC B 4  ? 0.5235 0.4925 0.4663 -0.0258 -0.0470 0.0492  4  DC B C6    
358 P P     . DG B 5  ? 0.5928 0.5251 0.5357 -0.0475 -0.1104 0.0854  5  DG B P     
359 O OP1   . DG B 5  ? 0.6118 0.5271 0.5553 -0.0566 -0.1346 0.1022  5  DG B OP1   
360 O OP2   . DG B 5  ? 0.5489 0.4976 0.5271 -0.0274 -0.1006 0.0737  5  DG B OP2   
361 O "O5'" . DG B 5  ? 0.6236 0.5538 0.5367 -0.0550 -0.0916 0.0778  5  DG B "O5'" 
362 C "C5'" . DG B 5  ? 0.6076 0.5238 0.4825 -0.0776 -0.0928 0.0834  5  DG B "C5'" 
363 C "C4'" . DG B 5  ? 0.6015 0.5228 0.4630 -0.0802 -0.0711 0.0714  5  DG B "C4'" 
364 O "O4'" . DG B 5  ? 0.5783 0.5133 0.4451 -0.0708 -0.0526 0.0588  5  DG B "O4'" 
365 C "C3'" . DG B 5  ? 0.5897 0.5183 0.4734 -0.0669 -0.0673 0.0666  5  DG B "C3'" 
366 O "O3'" . DG B 5  ? 0.6024 0.5147 0.4755 -0.0795 -0.0779 0.0754  5  DG B "O3'" 
367 C "C2'" . DG B 5  ? 0.5388 0.4824 0.4188 -0.0644 -0.0450 0.0527  5  DG B "C2'" 
368 C "C1'" . DG B 5  ? 0.5631 0.5115 0.4436 -0.0593 -0.0381 0.0490  5  DG B "C1'" 
369 N N9    . DG B 5  ? 0.4824 0.4448 0.3897 -0.0383 -0.0357 0.0457  5  DG B N9    
370 C C8    . DG B 5  ? 0.4933 0.4565 0.4157 -0.0302 -0.0449 0.0496  5  DG B C8    
371 N N7    . DG B 5  ? 0.4791 0.4556 0.4189 -0.0154 -0.0378 0.0444  5  DG B N7    
372 C C5    . DG B 5  ? 0.4697 0.4552 0.4075 -0.0121 -0.0263 0.0390  5  DG B C5    
373 C C6    . DG B 5  ? 0.4601 0.4613 0.4099 0.0005  -0.0186 0.0353  5  DG B C6    
374 O O6    . DG B 5  ? 0.4443 0.4525 0.4037 0.0093  -0.0186 0.0355  5  DG B O6    
375 N N1    . DG B 5  ? 0.4485 0.4585 0.3982 0.0003  -0.0109 0.0314  5  DG B N1    
376 C C2    . DG B 5  ? 0.4036 0.4080 0.3421 -0.0121 -0.0072 0.0285  5  DG B C2    
377 N N2    . DG B 5  ? 0.4820 0.5006 0.4286 -0.0104 0.0020  0.0225  5  DG B N2    
378 N N3    . DG B 5  ? 0.4181 0.4053 0.3383 -0.0269 -0.0127 0.0318  5  DG B N3    
379 C C4    . DG B 5  ? 0.4305 0.4090 0.3519 -0.0253 -0.0238 0.0383  5  DG B C4    
380 P P     . DG B 6  ? 0.6544 0.5636 0.5574 -0.0672 -0.0864 0.0768  6  DG B P     
381 O OP1   . DG B 6  ? 0.7782 0.6636 0.6626 -0.0849 -0.0970 0.0883  6  DG B OP1   
382 O OP2   . DG B 6  ? 0.6172 0.5311 0.5526 -0.0505 -0.0963 0.0784  6  DG B OP2   
383 O "O5'" . DG B 6  ? 0.5730 0.5044 0.4880 -0.0565 -0.0665 0.0599  6  DG B "O5'" 
384 C "C5'" . DG B 6  ? 0.6291 0.5649 0.5262 -0.0685 -0.0538 0.0536  6  DG B "C5'" 
385 C "C4'" . DG B 6  ? 0.5307 0.4939 0.4458 -0.0550 -0.0390 0.0396  6  DG B "C4'" 
386 O "O4'" . DG B 6  ? 0.4714 0.4469 0.3928 -0.0428 -0.0336 0.0370  6  DG B "O4'" 
387 C "C3'" . DG B 6  ? 0.5120 0.4835 0.4520 -0.0428 -0.0418 0.0344  6  DG B "C3'" 
388 O "O3'" . DG B 6  ? 0.5165 0.4812 0.4544 -0.0532 -0.0420 0.0321  6  DG B "O3'" 
389 C "C2'" . DG B 6  ? 0.4009 0.4007 0.3507 -0.0310 -0.0303 0.0253  6  DG B "C2'" 
390 C "C1'" . DG B 6  ? 0.4368 0.4339 0.3786 -0.0279 -0.0282 0.0296  6  DG B "C1'" 
391 N N9    . DG B 6  ? 0.4345 0.4333 0.3885 -0.0156 -0.0324 0.0315  6  DG B N9    
392 C C8    . DG B 6  ? 0.4401 0.4250 0.3961 -0.0155 -0.0420 0.0379  6  DG B C8    
393 N N7    . DG B 6  ? 0.4787 0.4725 0.4489 -0.0046 -0.0409 0.0354  6  DG B N7    
394 C C5    . DG B 6  ? 0.4088 0.4209 0.3819 0.0020  -0.0315 0.0291  6  DG B C5    
395 C C6    . DG B 6  ? 0.4230 0.4496 0.4036 0.0109  -0.0267 0.0258  6  DG B C6    
396 O O6    . DG B 6  ? 0.4136 0.4399 0.4011 0.0145  -0.0269 0.0253  6  DG B O6    
397 N N1    . DG B 6  ? 0.4162 0.4598 0.3952 0.0134  -0.0218 0.0234  6  DG B N1    
398 C C2    . DG B 6  ? 0.3666 0.4161 0.3431 0.0092  -0.0202 0.0219  6  DG B C2    
399 N N2    . DG B 6  ? 0.4001 0.4708 0.3808 0.0129  -0.0181 0.0204  6  DG B N2    
400 N N3    . DG B 6  ? 0.3945 0.4311 0.3645 0.0000  -0.0213 0.0223  6  DG B N3    
401 C C4    . DG B 6  ? 0.4081 0.4249 0.3741 -0.0036 -0.0275 0.0270  6  DG B C4    
402 P P     . DT B 7  ? 0.5108 0.4701 0.4711 -0.0475 -0.0469 0.0273  7  DT B P     
403 O OP1   . DT B 7  ? 0.6155 0.5575 0.5661 -0.0635 -0.0482 0.0287  7  DT B OP1   
404 O OP2   . DT B 7  ? 0.4866 0.4344 0.4647 -0.0367 -0.0574 0.0327  7  DT B OP2   
405 O "O5'" . DT B 7  ? 0.5030 0.4946 0.4761 -0.0381 -0.0360 0.0129  7  DT B "O5'" 
406 C "C5'" . DT B 7  ? 0.4781 0.4909 0.4455 -0.0444 -0.0270 0.0058  7  DT B "C5'" 
407 C "C4'" . DT B 7  ? 0.4273 0.4703 0.4069 -0.0342 -0.0227 -0.0028 7  DT B "C4'" 
408 O "O4'" . DT B 7  ? 0.4915 0.5387 0.4724 -0.0216 -0.0236 0.0027  7  DT B "O4'" 
409 C "C3'" . DT B 7  ? 0.5182 0.5615 0.5095 -0.0343 -0.0231 -0.0127 7  DT B "C3'" 
410 O "O3'" . DT B 7  ? 0.4903 0.5521 0.4820 -0.0436 -0.0188 -0.0230 7  DT B "O3'" 
411 C "C2'" . DT B 7  ? 0.6161 0.6740 0.6128 -0.0225 -0.0223 -0.0142 7  DT B "C2'" 
412 C "C1'" . DT B 7  ? 0.5835 0.6441 0.5732 -0.0146 -0.0232 -0.0031 7  DT B "C1'" 
413 N N1    . DT B 7  ? 0.5123 0.5606 0.5061 -0.0067 -0.0258 0.0011  7  DT B N1    
414 C C2    . DT B 7  ? 0.4952 0.5580 0.4911 -0.0002 -0.0229 -0.0015 7  DT B C2    
415 O O2    . DT B 7  ? 0.5331 0.6175 0.5250 -0.0008 -0.0205 -0.0047 7  DT B O2    
416 N N3    . DT B 7  ? 0.4449 0.4967 0.4469 0.0051  -0.0238 0.0008  7  DT B N3    
417 C C4    . DT B 7  ? 0.4448 0.4757 0.4534 0.0055  -0.0300 0.0065  7  DT B C4    
418 O O4    . DT B 7  ? 0.4833 0.5100 0.5011 0.0100  -0.0314 0.0076  7  DT B O4    
419 C C5    . DT B 7  ? 0.3911 0.4063 0.3940 -0.0018 -0.0356 0.0116  7  DT B C5    
420 C C7    . DT B 7  ? 0.4929 0.4844 0.4978 -0.0046 -0.0465 0.0216  7  DT B C7    
421 C C6    . DT B 7  ? 0.4299 0.4535 0.4247 -0.0081 -0.0318 0.0081  7  DT B C6    
422 P P     . DA B 8  ? 0.6577 0.7166 0.6581 -0.0509 -0.0160 -0.0377 8  DA B P     
423 O OP1   . DA B 8  ? 0.6973 0.7756 0.6945 -0.0642 -0.0122 -0.0463 8  DA B OP1   
424 O OP2   . DA B 8  ? 0.7203 0.7422 0.7297 -0.0506 -0.0194 -0.0352 8  DA B OP2   
425 O "O5'" . DA B 8  ? 0.5254 0.6051 0.5293 -0.0432 -0.0138 -0.0442 8  DA B "O5'" 
426 C "C5'" . DA B 8  ? 0.5146 0.6289 0.5111 -0.0421 -0.0147 -0.0432 8  DA B "C5'" 
427 C "C4'" . DA B 8  ? 0.5096 0.6360 0.5028 -0.0400 -0.0127 -0.0487 8  DA B "C4'" 
428 O "O4'" . DA B 8  ? 0.5221 0.6349 0.5173 -0.0277 -0.0135 -0.0396 8  DA B "O4'" 
429 C "C3'" . DA B 8  ? 0.4365 0.5553 0.4356 -0.0501 -0.0047 -0.0680 8  DA B "C3'" 
430 O "O3'" . DA B 8  ? 0.4585 0.6059 0.4445 -0.0606 -0.0024 -0.0777 8  DA B "O3'" 
431 C "C2'" . DA B 8  ? 0.4168 0.5136 0.4286 -0.0404 -0.0015 -0.0684 8  DA B "C2'" 
432 C "C1'" . DA B 8  ? 0.5190 0.6243 0.5210 -0.0292 -0.0070 -0.0515 8  DA B "C1'" 
433 N N9    . DA B 8  ? 0.5331 0.6164 0.5472 -0.0186 -0.0085 -0.0445 8  DA B N9    
434 C C8    . DA B 8  ? 0.4549 0.5132 0.4791 -0.0148 -0.0142 -0.0369 8  DA B C8    
435 N N7    . DA B 8  ? 0.4951 0.5411 0.5294 -0.0065 -0.0171 -0.0307 8  DA B N7    
436 C C5    . DA B 8  ? 0.4197 0.4827 0.4508 -0.0047 -0.0105 -0.0361 8  DA B C5    
437 C C6    . DA B 8  ? 0.4191 0.4817 0.4578 0.0013  -0.0084 -0.0349 8  DA B C6    
438 N N6    . DA B 8  ? 0.4225 0.4688 0.4769 0.0079  -0.0148 -0.0277 8  DA B N6    
439 N N1    . DA B 8  ? 0.4400 0.5204 0.4676 -0.0023 -0.0003 -0.0408 8  DA B N1    
440 C C2    . DA B 8  ? 0.4520 0.5502 0.4615 -0.0112 0.0028  -0.0459 8  DA B C2    
441 N N3    . DA B 8  ? 0.4938 0.5972 0.4975 -0.0165 -0.0002 -0.0477 8  DA B N3    
442 C C4    . DA B 8  ? 0.5368 0.6216 0.5530 -0.0127 -0.0057 -0.0435 8  DA B C4    
443 P P     . DC B 9  ? 0.5143 0.6614 0.5018 -0.0776 0.0092  -0.1034 9  DC B P     
444 O OP1   . DC B 9  ? 0.5768 0.7594 0.5436 -0.0931 0.0064  -0.1085 9  DC B OP1   
445 O OP2   . DC B 9  ? 0.5620 0.6797 0.5678 -0.0796 0.0131  -0.1110 9  DC B OP2   
446 O "O5'" . DC B 9  ? 0.4755 0.6136 0.4682 -0.0737 0.0186  -0.1118 9  DC B "O5'" 
447 C "C5'" . DC B 9  ? 0.4982 0.6573 0.4709 -0.0744 0.0171  -0.1051 9  DC B "C5'" 
448 C "C4'" . DC B 9  ? 0.5433 0.6887 0.5283 -0.0692 0.0276  -0.1129 9  DC B "C4'" 
449 O "O4'" . DC B 9  ? 0.5328 0.6557 0.5377 -0.0503 0.0212  -0.0978 9  DC B "O4'" 
450 C "C3'" . DC B 9  ? 0.4949 0.6275 0.5018 -0.0780 0.0444  -0.1415 9  DC B "C3'" 
451 O "O3'" . DC B 9  ? 0.5164 0.6686 0.5045 -0.0971 0.0578  -0.1610 9  DC B "O3'" 
452 C "C2'" . DC B 9  ? 0.5634 0.6723 0.6038 -0.0611 0.0465  -0.1394 9  DC B "C2'" 
453 C "C1'" . DC B 9  ? 0.5280 0.6386 0.5558 -0.0473 0.0321  -0.1112 9  DC B "C1'" 
454 N N1    . DC B 9  ? 0.5106 0.5962 0.5658 -0.0308 0.0245  -0.0998 9  DC B N1    
455 C C2    . DC B 9  ? 0.4151 0.4986 0.4818 -0.0219 0.0255  -0.0953 9  DC B C2    
456 O O2    . DC B 9  ? 0.4414 0.5416 0.4938 -0.0282 0.0341  -0.1008 9  DC B O2    
457 N N3    . DC B 9  ? 0.4264 0.4901 0.5170 -0.0093 0.0161  -0.0841 9  DC B N3    
458 C C4    . DC B 9  ? 0.4184 0.4623 0.5178 -0.0062 0.0060  -0.0762 9  DC B C4    
459 N N4    . DC B 9  ? 0.4782 0.5031 0.5966 0.0035  -0.0058 -0.0629 9  DC B N4    
460 C C5    . DC B 9  ? 0.4312 0.4743 0.5180 -0.0157 0.0069  -0.0811 9  DC B C5    
461 C C6    . DC B 9  ? 0.4100 0.4756 0.4770 -0.0273 0.0163  -0.0936 9  DC B C6    
462 P P     . DC B 10 ? 0.5668 0.7105 0.5766 -0.1109 0.0811  -0.1979 10 DC B P     
463 O OP1   . DC B 10 ? 0.5888 0.7586 0.5623 -0.1388 0.0893  -0.2146 10 DC B OP1   
464 O OP2   . DC B 10 ? 0.5424 0.6571 0.5893 -0.1007 0.0802  -0.2023 10 DC B OP2   
465 O "O5'" . DC B 10 ? 0.5800 0.7190 0.6105 -0.1041 0.0939  -0.2063 10 DC B "O5'" 
466 C "C5'" . DC B 10 ? 0.6047 0.7659 0.6036 -0.1187 0.1021  -0.2099 10 DC B "C5'" 
467 C "C4'" . DC B 10 ? 0.5956 0.7504 0.6257 -0.1122 0.1173  -0.2228 10 DC B "C4'" 
468 O "O4'" . DC B 10 ? 0.5387 0.6821 0.5842 -0.0881 0.1012  -0.1952 10 DC B "O4'" 
469 C "C3'" . DC B 10 ? 0.5230 0.6599 0.6096 -0.1070 0.1340  -0.2516 10 DC B "C3'" 
470 O "O3'" . DC B 10 ? 0.5748 0.7221 0.6564 -0.1321 0.1595  -0.2884 10 DC B "O3'" 
471 C "C2'" . DC B 10 ? 0.4909 0.6239 0.6127 -0.0912 0.1370  -0.2487 10 DC B "C2'" 
472 C "C1'" . DC B 10 ? 0.4741 0.6047 0.5717 -0.0759 0.1108  -0.2086 10 DC B "C1'" 
473 N N1    . DC B 10 ? 0.4686 0.5753 0.5979 -0.0530 0.0919  -0.1896 10 DC B N1    
474 C C2    . DC B 10 ? 0.4466 0.5425 0.6190 -0.0358 0.0880  -0.1849 10 DC B C2    
475 O O2    . DC B 10 ? 0.4253 0.5333 0.6132 -0.0386 0.1018  -0.1986 10 DC B O2    
476 N N3    . DC B 10 ? 0.4074 0.4814 0.6022 -0.0188 0.0685  -0.1655 10 DC B N3    
477 C C4    . DC B 10 ? 0.4584 0.5203 0.6340 -0.0192 0.0564  -0.1527 10 DC B C4    
478 N N4    . DC B 10 ? 0.4528 0.4918 0.6455 -0.0062 0.0381  -0.1332 10 DC B N4    
479 C C5    . DC B 10 ? 0.4997 0.5742 0.6366 -0.0354 0.0620  -0.1593 10 DC B C5    
480 C C6    . DC B 10 ? 0.4580 0.5551 0.5732 -0.0515 0.0783  -0.1768 10 DC B C6    
481 P P     . DG B 11 ? 0.6043 0.7309 0.7414 -0.1311 0.1779  -0.3222 11 DG B P     
482 O OP1   . DG B 11 ? 0.6507 0.7933 0.7680 -0.1626 0.2013  -0.3524 11 DG B OP1   
483 O OP2   . DG B 11 ? 0.5540 0.6565 0.7059 -0.1143 0.1568  -0.3018 11 DG B OP2   
484 O "O5'" . DG B 11 ? 0.6508 0.7687 0.8511 -0.1123 0.1881  -0.3323 11 DG B "O5'" 
485 C "C5'" . DG B 11 ? 0.6118 0.7014 0.8796 -0.0894 0.1838  -0.3345 11 DG B "C5'" 
486 C "C4'" . DG B 11 ? 0.6290 0.7200 0.9463 -0.0701 0.1832  -0.3311 11 DG B "C4'" 
487 O "O4'" . DG B 11 ? 0.5824 0.6779 0.8685 -0.0581 0.1572  -0.2912 11 DG B "O4'" 
488 C "C3'" . DG B 11 ? 0.6029 0.6671 0.9985 -0.0455 0.1753  -0.3308 11 DG B "C3'" 
489 O "O3'" . DG B 11 ? 0.6283 0.6952 1.0676 -0.0552 0.1949  -0.3552 11 DG B "O3'" 
490 C "C2'" . DG B 11 ? 0.5137 0.5866 0.9300 -0.0277 0.1617  -0.3105 11 DG B "C2'" 
491 C "C1'" . DG B 11 ? 0.4689 0.5497 0.8092 -0.0328 0.1418  -0.2761 11 DG B "C1'" 
492 N N9    . DG B 11 ? 0.5180 0.5749 0.8496 -0.0191 0.1131  -0.2438 11 DG B N9    
493 C C8    . DG B 11 ? 0.4919 0.5398 0.7819 -0.0274 0.1050  -0.2337 11 DG B C8    
494 N N7    . DG B 11 ? 0.4772 0.5033 0.7691 -0.0142 0.0808  -0.2055 11 DG B N7    
495 C C5    . DG B 11 ? 0.4351 0.4548 0.7702 0.0037  0.0700  -0.1947 11 DG B C5    
496 C C6    . DG B 11 ? 0.4272 0.4255 0.7785 0.0196  0.0431  -0.1648 11 DG B C6    
497 O O6    . DG B 11 ? 0.4873 0.4661 0.8154 0.0201  0.0254  -0.1424 11 DG B O6    
498 N N1    . DG B 11 ? 0.4328 0.4356 0.8309 0.0331  0.0378  -0.1626 11 DG B N1    
499 C C2    . DG B 11 ? 0.4442 0.4702 0.8731 0.0318  0.0584  -0.1883 11 DG B C2    
500 N N2    . DG B 11 ? 0.4678 0.4987 0.9455 0.0457  0.0491  -0.1828 11 DG B N2    
501 N N3    . DG B 11 ? 0.4382 0.4828 0.8501 0.0156  0.0863  -0.2177 11 DG B N3    
502 C C4    . DG B 11 ? 0.4855 0.5251 0.8486 0.0020  0.0893  -0.2182 11 DG B C4    
503 P P     . DG B 12 ? 0.6275 0.6642 1.1285 -0.0414 0.1891  -0.3560 12 DG B P     
504 O OP1   . DG B 12 ? 0.6376 0.6858 1.1740 -0.0574 0.2160  -0.3872 12 DG B OP1   
505 O OP2   . DG B 12 ? 0.6141 0.6258 1.0807 -0.0406 0.1751  -0.3428 12 DG B OP2   
506 O "O5'" . DG B 12 ? 0.5898 0.6147 1.1484 -0.0119 0.1648  -0.3319 12 DG B "O5'" 
507 C "C5'" . DG B 12 ? 0.6441 0.6903 1.2431 -0.0091 0.1715  -0.3397 12 DG B "C5'" 
508 C "C4'" . DG B 12 ? 0.5970 0.6347 1.2320 0.0165  0.1418  -0.3097 12 DG B "C4'" 
509 O "O4'" . DG B 12 ? 0.5520 0.5862 1.1357 0.0232  0.1234  -0.2843 12 DG B "O4'" 
510 C "C3'" . DG B 12 ? 0.6430 0.6501 1.3282 0.0354  0.1182  -0.2902 12 DG B "C3'" 
511 O "O3'" . DG B 12 ? 0.7107 0.7212 1.4650 0.0370  0.1280  -0.3078 12 DG B "O3'" 
512 C "C2'" . DG B 12 ? 0.4884 0.4930 1.1727 0.0529  0.0867  -0.2555 12 DG B "C2'" 
513 C "C1'" . DG B 12 ? 0.5247 0.5369 1.1361 0.0449  0.0903  -0.2513 12 DG B "C1'" 
514 N N9    . DG B 12 ? 0.5496 0.5318 1.1259 0.0467  0.0758  -0.2345 12 DG B N9    
515 C C8    . DG B 12 ? 0.5705 0.5466 1.1011 0.0301  0.0906  -0.2486 12 DG B C8    
516 N N7    . DG B 12 ? 0.5864 0.5386 1.0837 0.0301  0.0694  -0.2215 12 DG B N7    
517 C C5    . DG B 12 ? 0.5748 0.5126 1.0975 0.0482  0.0399  -0.1897 12 DG B C5    
518 C C6    . DG B 12 ? 0.5881 0.4985 1.0891 0.0525  0.0099  -0.1529 12 DG B C6    
519 O O6    . DG B 12 ? 0.5823 0.4759 1.0396 0.0421  0.0049  -0.1421 12 DG B O6    
520 N N1    . DG B 12 ? 0.5278 0.4327 1.0623 0.0682  -0.0155 -0.1283 12 DG B N1    
521 C C2    . DG B 12 ? 0.5163 0.4423 1.1043 0.0800  -0.0128 -0.1384 12 DG B C2    
522 N N2    . DG B 12 ? 0.4852 0.4092 1.0901 0.0891  -0.0420 -0.1083 12 DG B N2    
523 N N3    . DG B 12 ? 0.5094 0.4640 1.1156 0.0744  0.0168  -0.1722 12 DG B N3    
524 C C4    . DG B 12 ? 0.4962 0.4519 1.0712 0.0599  0.0427  -0.1983 12 DG B C4    
525 P P     . DG B 13 ? 0.6096 0.5893 1.4114 0.0460  0.1200  -0.3040 13 DG B P     
526 O OP1   . DG B 13 ? 0.6779 0.6706 1.5493 0.0434  0.1390  -0.3314 13 DG B OP1   
527 O OP2   . DG B 13 ? 0.5401 0.5003 1.2928 0.0354  0.1271  -0.3070 13 DG B OP2   
528 O "O5'" . DG B 13 ? 0.6555 0.6134 1.4754 0.0686  0.0776  -0.2605 13 DG B "O5'" 
529 C "C5'" . DG B 13 ? 0.5319 0.5050 1.3954 0.0798  0.0621  -0.2498 13 DG B "C5'" 
530 C "C4'" . DG B 13 ? 0.5221 0.4777 1.3724 0.0941  0.0211  -0.2054 13 DG B "C4'" 
531 O "O4'" . DG B 13 ? 0.5378 0.4900 1.3143 0.0892  0.0158  -0.1906 13 DG B "O4'" 
532 C "C3'" . DG B 13 ? 0.5369 0.4553 1.4025 0.1029  -0.0036 -0.1800 13 DG B "C3'" 
533 O "O3'" . DG B 13 ? 0.5916 0.5070 1.5327 0.1127  -0.0117 -0.1808 13 DG B "O3'" 
534 C "C2'" . DG B 13 ? 0.5167 0.4262 1.3380 0.1074  -0.0375 -0.1396 13 DG B "C2'" 
535 C "C1'" . DG B 13 ? 0.5852 0.5082 1.3427 0.0969  -0.0187 -0.1517 13 DG B "C1'" 
536 N N9    . DG B 13 ? 0.6047 0.5013 1.3166 0.0894  -0.0141 -0.1503 13 DG B N9    
537 C C8    . DG B 13 ? 0.5817 0.4807 1.2735 0.0767  0.0169  -0.1817 13 DG B C8    
538 N N7    . DG B 13 ? 0.5908 0.4619 1.2416 0.0702  0.0125  -0.1727 13 DG B N7    
539 C C5    . DG B 13 ? 0.6316 0.4793 1.2733 0.0785  -0.0230 -0.1321 13 DG B C5    
540 C C6    . DG B 13 ? 0.6230 0.4355 1.2226 0.0730  -0.0419 -0.1058 13 DG B C6    
541 O O6    . DG B 13 ? 0.6354 0.4297 1.2006 0.0605  -0.0307 -0.1146 13 DG B O6    
542 N N1    . DG B 13 ? 0.6236 0.4240 1.2196 0.0793  -0.0767 -0.0665 13 DG B N1    
543 C C2    . DG B 13 ? 0.6386 0.4592 1.2692 0.0899  -0.0923 -0.0549 13 DG B C2    
544 N N2    . DG B 13 ? 0.5763 0.3836 1.1913 0.0902  -0.1260 -0.0170 13 DG B N2    
545 N N3    . DG B 13 ? 0.6251 0.4780 1.2998 0.0960  -0.0751 -0.0800 13 DG B N3    
546 C C4    . DG B 13 ? 0.6023 0.4666 1.2795 0.0897  -0.0402 -0.1176 13 DG B C4    
547 P P     . DG B 14 ? 0.7240 0.6107 1.7042 0.1150  -0.0060 -0.1887 14 DG B P     
# 
loop_
_pdbx_poly_seq_scheme.asym_id 
_pdbx_poly_seq_scheme.entity_id 
_pdbx_poly_seq_scheme.seq_id 
_pdbx_poly_seq_scheme.mon_id 
_pdbx_poly_seq_scheme.ndb_seq_num 
_pdbx_poly_seq_scheme.pdb_seq_num 
_pdbx_poly_seq_scheme.auth_seq_num 
_pdbx_poly_seq_scheme.pdb_mon_id 
_pdbx_poly_seq_scheme.auth_mon_id 
_pdbx_poly_seq_scheme.pdb_strand_id 
_pdbx_poly_seq_scheme.pdb_ins_code 
_pdbx_poly_seq_scheme.hetero 
A 1 1  DC 1  1  1  DC DC A . n 
A 1 2  DC 2  2  2  DC DC A . n 
A 1 3  DC 3  3  3  DC DC A . n 
A 1 4  DC 4  4  4  DC DC A . n 
A 1 5  DG 5  5  5  DG DG A . n 
A 1 6  DG 6  6  6  DG DG A . n 
A 1 7  DT 7  7  7  DT DT A . n 
A 1 8  DA 8  8  8  DA DA A . n 
A 1 9  DC 9  9  9  DC DC A . n 
A 1 10 DC 10 10 10 DC DC A . n 
A 1 11 DG 11 11 11 DG DG A . n 
A 1 12 DG 12 12 12 DG DG A . n 
A 1 13 DG 13 13 13 DG DG A . n 
A 1 14 DG 14 14 14 DG DG A . n 
B 1 1  DC 1  1  1  DC DC B . n 
B 1 2  DC 2  2  2  DC DC B . n 
B 1 3  DC 3  3  3  DC DC B . n 
B 1 4  DC 4  4  4  DC DC B . n 
B 1 5  DG 5  5  5  DG DG B . n 
B 1 6  DG 6  6  6  DG DG B . n 
B 1 7  DT 7  7  7  DT DT B . n 
B 1 8  DA 8  8  8  DA DA B . n 
B 1 9  DC 9  9  9  DC DC B . n 
B 1 10 DC 10 10 10 DC DC B . n 
B 1 11 DG 11 11 11 DG DG B . n 
B 1 12 DG 12 12 12 DG DG B . n 
B 1 13 DG 13 13 13 DG DG B . n 
B 1 14 DG 14 14 14 DG DG B . n 
# 
loop_
_pdbx_nonpoly_scheme.asym_id 
_pdbx_nonpoly_scheme.entity_id 
_pdbx_nonpoly_scheme.mon_id 
_pdbx_nonpoly_scheme.ndb_seq_num 
_pdbx_nonpoly_scheme.pdb_seq_num 
_pdbx_nonpoly_scheme.auth_seq_num 
_pdbx_nonpoly_scheme.pdb_mon_id 
_pdbx_nonpoly_scheme.auth_mon_id 
_pdbx_nonpoly_scheme.pdb_strand_id 
_pdbx_nonpoly_scheme.pdb_ins_code 
C 2 HOH 1  101 1  HOH HOH A . 
C 2 HOH 2  102 2  HOH HOH A . 
C 2 HOH 3  103 3  HOH HOH A . 
C 2 HOH 4  104 4  HOH HOH A . 
C 2 HOH 5  105 5  HOH HOH A . 
C 2 HOH 6  106 6  HOH HOH A . 
C 2 HOH 7  107 12 HOH HOH A . 
C 2 HOH 8  108 13 HOH HOH A . 
C 2 HOH 9  109 17 HOH HOH A . 
C 2 HOH 10 110 19 HOH HOH A . 
C 2 HOH 11 111 21 HOH HOH A . 
C 2 HOH 12 112 22 HOH HOH A . 
C 2 HOH 13 113 23 HOH HOH A . 
C 2 HOH 14 114 30 HOH HOH A . 
C 2 HOH 15 115 31 HOH HOH A . 
C 2 HOH 16 116 32 HOH HOH A . 
C 2 HOH 17 117 33 HOH HOH A . 
C 2 HOH 18 118 36 HOH HOH A . 
C 2 HOH 19 119 37 HOH HOH A . 
C 2 HOH 20 120 39 HOH HOH A . 
C 2 HOH 21 121 40 HOH HOH A . 
C 2 HOH 22 122 41 HOH HOH A . 
C 2 HOH 23 123 44 HOH HOH A . 
D 2 HOH 1  101 7  HOH HOH B . 
D 2 HOH 2  102 8  HOH HOH B . 
D 2 HOH 3  103 9  HOH HOH B . 
D 2 HOH 4  104 10 HOH HOH B . 
D 2 HOH 5  105 11 HOH HOH B . 
D 2 HOH 6  106 14 HOH HOH B . 
D 2 HOH 7  107 15 HOH HOH B . 
D 2 HOH 8  108 16 HOH HOH B . 
D 2 HOH 9  109 18 HOH HOH B . 
D 2 HOH 10 110 20 HOH HOH B . 
D 2 HOH 11 111 25 HOH HOH B . 
D 2 HOH 12 112 26 HOH HOH B . 
D 2 HOH 13 113 27 HOH HOH B . 
D 2 HOH 14 114 28 HOH HOH B . 
D 2 HOH 15 115 29 HOH HOH B . 
D 2 HOH 16 116 34 HOH HOH B . 
D 2 HOH 17 117 35 HOH HOH B . 
D 2 HOH 18 118 38 HOH HOH B . 
D 2 HOH 19 119 42 HOH HOH B . 
D 2 HOH 20 120 43 HOH HOH B . 
D 2 HOH 21 121 45 HOH HOH B . 
# 
_pdbx_struct_assembly.id                   1 
_pdbx_struct_assembly.details              author_and_software_defined_assembly 
_pdbx_struct_assembly.method_details       PISA 
_pdbx_struct_assembly.oligomeric_details   dimeric 
_pdbx_struct_assembly.oligomeric_count     2 
# 
_pdbx_struct_assembly_gen.assembly_id       1 
_pdbx_struct_assembly_gen.oper_expression   1 
_pdbx_struct_assembly_gen.asym_id_list      A,B,C,D 
# 
loop_
_pdbx_struct_assembly_prop.biol_id 
_pdbx_struct_assembly_prop.type 
_pdbx_struct_assembly_prop.value 
_pdbx_struct_assembly_prop.details 
1 'ABSA (A^2)' 1460 ? 
1 MORE         -5   ? 
1 'SSA (A^2)'  5170 ? 
# 
_pdbx_struct_oper_list.id                   1 
_pdbx_struct_oper_list.type                 'identity operation' 
_pdbx_struct_oper_list.name                 1_555 
_pdbx_struct_oper_list.symmetry_operation   x,y,z 
_pdbx_struct_oper_list.matrix[1][1]         1.0000000000 
_pdbx_struct_oper_list.matrix[1][2]         0.0000000000 
_pdbx_struct_oper_list.matrix[1][3]         0.0000000000 
_pdbx_struct_oper_list.vector[1]            0.0000000000 
_pdbx_struct_oper_list.matrix[2][1]         0.0000000000 
_pdbx_struct_oper_list.matrix[2][2]         1.0000000000 
_pdbx_struct_oper_list.matrix[2][3]         0.0000000000 
_pdbx_struct_oper_list.vector[2]            0.0000000000 
_pdbx_struct_oper_list.matrix[3][1]         0.0000000000 
_pdbx_struct_oper_list.matrix[3][2]         0.0000000000 
_pdbx_struct_oper_list.matrix[3][3]         1.0000000000 
_pdbx_struct_oper_list.vector[3]            0.0000000000 
# 
loop_
_pdbx_audit_revision_history.ordinal 
_pdbx_audit_revision_history.data_content_type 
_pdbx_audit_revision_history.major_revision 
_pdbx_audit_revision_history.minor_revision 
_pdbx_audit_revision_history.revision_date 
1 'Structure model' 1 0 2014-02-19 
2 'Structure model' 1 1 2014-12-10 
3 'Structure model' 1 2 2020-10-21 
4 'Structure model' 1 3 2023-09-20 
# 
_pdbx_audit_revision_details.ordinal             1 
_pdbx_audit_revision_details.revision_ordinal    1 
_pdbx_audit_revision_details.data_content_type   'Structure model' 
_pdbx_audit_revision_details.provider            repository 
_pdbx_audit_revision_details.type                'Initial release' 
_pdbx_audit_revision_details.description         ? 
_pdbx_audit_revision_details.details             ? 
# 
loop_
_pdbx_audit_revision_group.ordinal 
_pdbx_audit_revision_group.revision_ordinal 
_pdbx_audit_revision_group.data_content_type 
_pdbx_audit_revision_group.group 
1 2 'Structure model' 'Database references'    
2 3 'Structure model' 'Data collection'        
3 4 'Structure model' 'Data collection'        
4 4 'Structure model' 'Database references'    
5 4 'Structure model' 'Refinement description' 
# 
loop_
_pdbx_audit_revision_category.ordinal 
_pdbx_audit_revision_category.revision_ordinal 
_pdbx_audit_revision_category.data_content_type 
_pdbx_audit_revision_category.category 
1 3 'Structure model' reflns_shell                  
2 4 'Structure model' chem_comp_atom                
3 4 'Structure model' chem_comp_bond                
4 4 'Structure model' database_2                    
5 4 'Structure model' pdbx_initial_refinement_model 
# 
loop_
_pdbx_audit_revision_item.ordinal 
_pdbx_audit_revision_item.revision_ordinal 
_pdbx_audit_revision_item.data_content_type 
_pdbx_audit_revision_item.item 
1 3 'Structure model' '_reflns_shell.Rmerge_I_obs'          
2 3 'Structure model' '_reflns_shell.pdbx_Rsym_value'       
3 4 'Structure model' '_database_2.pdbx_DOI'                
4 4 'Structure model' '_database_2.pdbx_database_accession' 
# 
loop_
_pdbx_refine_tls.pdbx_refine_id 
_pdbx_refine_tls.id 
_pdbx_refine_tls.details 
_pdbx_refine_tls.method 
_pdbx_refine_tls.origin_x 
_pdbx_refine_tls.origin_y 
_pdbx_refine_tls.origin_z 
_pdbx_refine_tls.T[1][1] 
_pdbx_refine_tls.T[2][2] 
_pdbx_refine_tls.T[3][3] 
_pdbx_refine_tls.T[1][2] 
_pdbx_refine_tls.T[1][3] 
_pdbx_refine_tls.T[2][3] 
_pdbx_refine_tls.L[1][1] 
_pdbx_refine_tls.L[2][2] 
_pdbx_refine_tls.L[3][3] 
_pdbx_refine_tls.L[1][2] 
_pdbx_refine_tls.L[1][3] 
_pdbx_refine_tls.L[2][3] 
_pdbx_refine_tls.S[1][1] 
_pdbx_refine_tls.S[1][2] 
_pdbx_refine_tls.S[1][3] 
_pdbx_refine_tls.S[2][1] 
_pdbx_refine_tls.S[2][2] 
_pdbx_refine_tls.S[2][3] 
_pdbx_refine_tls.S[3][1] 
_pdbx_refine_tls.S[3][2] 
_pdbx_refine_tls.S[3][3] 
'X-RAY DIFFRACTION' 1 ? refined -1.0477 0.9394  0.4509  0.2093 0.2956 0.2572 -0.0201 -0.0347 -0.0393 1.9198 7.5149 0.1281 -1.8352 -0.5400 0.2221 -0.0105 0.0621 -0.0556 0.0992 0.0727 -0.4185 -0.0102 0.0749 -0.0637 
'X-RAY DIFFRACTION' 2 ? refined 0.4005  -0.8814 -1.2025 0.2494 0.2742 0.3515 0.0210  -0.0299 -0.0161 3.6138 3.5605 2.3762 2.4985  -0.3431 0.7052 0.0160  0.2981 -0.6811 0.0561 0.0717 -0.6357 0.2002  0.0134 -0.0989 
# 
loop_
_pdbx_refine_tls_group.pdbx_refine_id 
_pdbx_refine_tls_group.id 
_pdbx_refine_tls_group.refine_tls_id 
_pdbx_refine_tls_group.beg_auth_asym_id 
_pdbx_refine_tls_group.beg_auth_seq_id 
_pdbx_refine_tls_group.beg_label_asym_id 
_pdbx_refine_tls_group.beg_label_seq_id 
_pdbx_refine_tls_group.end_auth_asym_id 
_pdbx_refine_tls_group.end_auth_seq_id 
_pdbx_refine_tls_group.end_label_asym_id 
_pdbx_refine_tls_group.end_label_seq_id 
_pdbx_refine_tls_group.selection 
_pdbx_refine_tls_group.selection_details 
'X-RAY DIFFRACTION' 1 1 ? ? ? ? ? ? ? ? ? 
;chain 'A' and (resid 1 through 14 )
;
'X-RAY DIFFRACTION' 2 2 ? ? ? ? ? ? ? ? ? 
;chain 'B' and (resid 1 through 14 )
;
# 
loop_
_software.name 
_software.classification 
_software.version 
_software.citation_id 
_software.pdbx_ordinal 
MxCuBE 'data collection' .                           ? 1 
AMoRE  phasing           .                           ? 2 
PHENIX refinement        '(phenix.refine: 1.8_1069)' ? 3 
MOSFLM 'data reduction'  .                           ? 4 
SCALA  'data scaling'    .                           ? 5 
# 
loop_
_pdbx_validate_rmsd_angle.id 
_pdbx_validate_rmsd_angle.PDB_model_num 
_pdbx_validate_rmsd_angle.auth_atom_id_1 
_pdbx_validate_rmsd_angle.auth_asym_id_1 
_pdbx_validate_rmsd_angle.auth_comp_id_1 
_pdbx_validate_rmsd_angle.auth_seq_id_1 
_pdbx_validate_rmsd_angle.PDB_ins_code_1 
_pdbx_validate_rmsd_angle.label_alt_id_1 
_pdbx_validate_rmsd_angle.auth_atom_id_2 
_pdbx_validate_rmsd_angle.auth_asym_id_2 
_pdbx_validate_rmsd_angle.auth_comp_id_2 
_pdbx_validate_rmsd_angle.auth_seq_id_2 
_pdbx_validate_rmsd_angle.PDB_ins_code_2 
_pdbx_validate_rmsd_angle.label_alt_id_2 
_pdbx_validate_rmsd_angle.auth_atom_id_3 
_pdbx_validate_rmsd_angle.auth_asym_id_3 
_pdbx_validate_rmsd_angle.auth_comp_id_3 
_pdbx_validate_rmsd_angle.auth_seq_id_3 
_pdbx_validate_rmsd_angle.PDB_ins_code_3 
_pdbx_validate_rmsd_angle.label_alt_id_3 
_pdbx_validate_rmsd_angle.angle_value 
_pdbx_validate_rmsd_angle.angle_target_value 
_pdbx_validate_rmsd_angle.angle_deviation 
_pdbx_validate_rmsd_angle.angle_standard_deviation 
_pdbx_validate_rmsd_angle.linker_flag 
1 1 "O4'" A DG 6  ? ? "C1'" A DG 6  ? ? N9    A DG 6  ? ? 110.67 108.30 2.37  0.30 N 
2 1 "O4'" A DC 9  ? ? "C1'" A DC 9  ? ? N1    A DC 9  ? ? 110.93 108.30 2.63  0.30 N 
3 1 "O4'" B DG 6  ? ? "C1'" B DG 6  ? ? N9    B DG 6  ? ? 110.11 108.30 1.81  0.30 N 
4 1 "O4'" B DC 9  ? ? "C1'" B DC 9  ? ? N1    B DC 9  ? ? 112.03 108.30 3.73  0.30 N 
5 1 "O4'" B DG 13 ? ? "C4'" B DG 13 ? ? "C3'" B DG 13 ? ? 101.84 104.50 -2.66 0.40 N 
# 
loop_
_chem_comp_atom.comp_id 
_chem_comp_atom.atom_id 
_chem_comp_atom.type_symbol 
_chem_comp_atom.pdbx_aromatic_flag 
_chem_comp_atom.pdbx_stereo_config 
_chem_comp_atom.pdbx_ordinal 
DA  OP3    O N N 1   
DA  P      P N N 2   
DA  OP1    O N N 3   
DA  OP2    O N N 4   
DA  "O5'"  O N N 5   
DA  "C5'"  C N N 6   
DA  "C4'"  C N R 7   
DA  "O4'"  O N N 8   
DA  "C3'"  C N S 9   
DA  "O3'"  O N N 10  
DA  "C2'"  C N N 11  
DA  "C1'"  C N R 12  
DA  N9     N Y N 13  
DA  C8     C Y N 14  
DA  N7     N Y N 15  
DA  C5     C Y N 16  
DA  C6     C Y N 17  
DA  N6     N N N 18  
DA  N1     N Y N 19  
DA  C2     C Y N 20  
DA  N3     N Y N 21  
DA  C4     C Y N 22  
DA  HOP3   H N N 23  
DA  HOP2   H N N 24  
DA  "H5'"  H N N 25  
DA  "H5''" H N N 26  
DA  "H4'"  H N N 27  
DA  "H3'"  H N N 28  
DA  "HO3'" H N N 29  
DA  "H2'"  H N N 30  
DA  "H2''" H N N 31  
DA  "H1'"  H N N 32  
DA  H8     H N N 33  
DA  H61    H N N 34  
DA  H62    H N N 35  
DA  H2     H N N 36  
DC  OP3    O N N 37  
DC  P      P N N 38  
DC  OP1    O N N 39  
DC  OP2    O N N 40  
DC  "O5'"  O N N 41  
DC  "C5'"  C N N 42  
DC  "C4'"  C N R 43  
DC  "O4'"  O N N 44  
DC  "C3'"  C N S 45  
DC  "O3'"  O N N 46  
DC  "C2'"  C N N 47  
DC  "C1'"  C N R 48  
DC  N1     N N N 49  
DC  C2     C N N 50  
DC  O2     O N N 51  
DC  N3     N N N 52  
DC  C4     C N N 53  
DC  N4     N N N 54  
DC  C5     C N N 55  
DC  C6     C N N 56  
DC  HOP3   H N N 57  
DC  HOP2   H N N 58  
DC  "H5'"  H N N 59  
DC  "H5''" H N N 60  
DC  "H4'"  H N N 61  
DC  "H3'"  H N N 62  
DC  "HO3'" H N N 63  
DC  "H2'"  H N N 64  
DC  "H2''" H N N 65  
DC  "H1'"  H N N 66  
DC  H41    H N N 67  
DC  H42    H N N 68  
DC  H5     H N N 69  
DC  H6     H N N 70  
DG  OP3    O N N 71  
DG  P      P N N 72  
DG  OP1    O N N 73  
DG  OP2    O N N 74  
DG  "O5'"  O N N 75  
DG  "C5'"  C N N 76  
DG  "C4'"  C N R 77  
DG  "O4'"  O N N 78  
DG  "C3'"  C N S 79  
DG  "O3'"  O N N 80  
DG  "C2'"  C N N 81  
DG  "C1'"  C N R 82  
DG  N9     N Y N 83  
DG  C8     C Y N 84  
DG  N7     N Y N 85  
DG  C5     C Y N 86  
DG  C6     C N N 87  
DG  O6     O N N 88  
DG  N1     N N N 89  
DG  C2     C N N 90  
DG  N2     N N N 91  
DG  N3     N N N 92  
DG  C4     C Y N 93  
DG  HOP3   H N N 94  
DG  HOP2   H N N 95  
DG  "H5'"  H N N 96  
DG  "H5''" H N N 97  
DG  "H4'"  H N N 98  
DG  "H3'"  H N N 99  
DG  "HO3'" H N N 100 
DG  "H2'"  H N N 101 
DG  "H2''" H N N 102 
DG  "H1'"  H N N 103 
DG  H8     H N N 104 
DG  H1     H N N 105 
DG  H21    H N N 106 
DG  H22    H N N 107 
DT  OP3    O N N 108 
DT  P      P N N 109 
DT  OP1    O N N 110 
DT  OP2    O N N 111 
DT  "O5'"  O N N 112 
DT  "C5'"  C N N 113 
DT  "C4'"  C N R 114 
DT  "O4'"  O N N 115 
DT  "C3'"  C N S 116 
DT  "O3'"  O N N 117 
DT  "C2'"  C N N 118 
DT  "C1'"  C N R 119 
DT  N1     N N N 120 
DT  C2     C N N 121 
DT  O2     O N N 122 
DT  N3     N N N 123 
DT  C4     C N N 124 
DT  O4     O N N 125 
DT  C5     C N N 126 
DT  C7     C N N 127 
DT  C6     C N N 128 
DT  HOP3   H N N 129 
DT  HOP2   H N N 130 
DT  "H5'"  H N N 131 
DT  "H5''" H N N 132 
DT  "H4'"  H N N 133 
DT  "H3'"  H N N 134 
DT  "HO3'" H N N 135 
DT  "H2'"  H N N 136 
DT  "H2''" H N N 137 
DT  "H1'"  H N N 138 
DT  H3     H N N 139 
DT  H71    H N N 140 
DT  H72    H N N 141 
DT  H73    H N N 142 
DT  H6     H N N 143 
HOH O      O N N 144 
HOH H1     H N N 145 
HOH H2     H N N 146 
# 
loop_
_chem_comp_bond.comp_id 
_chem_comp_bond.atom_id_1 
_chem_comp_bond.atom_id_2 
_chem_comp_bond.value_order 
_chem_comp_bond.pdbx_aromatic_flag 
_chem_comp_bond.pdbx_stereo_config 
_chem_comp_bond.pdbx_ordinal 
DA  OP3   P      sing N N 1   
DA  OP3   HOP3   sing N N 2   
DA  P     OP1    doub N N 3   
DA  P     OP2    sing N N 4   
DA  P     "O5'"  sing N N 5   
DA  OP2   HOP2   sing N N 6   
DA  "O5'" "C5'"  sing N N 7   
DA  "C5'" "C4'"  sing N N 8   
DA  "C5'" "H5'"  sing N N 9   
DA  "C5'" "H5''" sing N N 10  
DA  "C4'" "O4'"  sing N N 11  
DA  "C4'" "C3'"  sing N N 12  
DA  "C4'" "H4'"  sing N N 13  
DA  "O4'" "C1'"  sing N N 14  
DA  "C3'" "O3'"  sing N N 15  
DA  "C3'" "C2'"  sing N N 16  
DA  "C3'" "H3'"  sing N N 17  
DA  "O3'" "HO3'" sing N N 18  
DA  "C2'" "C1'"  sing N N 19  
DA  "C2'" "H2'"  sing N N 20  
DA  "C2'" "H2''" sing N N 21  
DA  "C1'" N9     sing N N 22  
DA  "C1'" "H1'"  sing N N 23  
DA  N9    C8     sing Y N 24  
DA  N9    C4     sing Y N 25  
DA  C8    N7     doub Y N 26  
DA  C8    H8     sing N N 27  
DA  N7    C5     sing Y N 28  
DA  C5    C6     sing Y N 29  
DA  C5    C4     doub Y N 30  
DA  C6    N6     sing N N 31  
DA  C6    N1     doub Y N 32  
DA  N6    H61    sing N N 33  
DA  N6    H62    sing N N 34  
DA  N1    C2     sing Y N 35  
DA  C2    N3     doub Y N 36  
DA  C2    H2     sing N N 37  
DA  N3    C4     sing Y N 38  
DC  OP3   P      sing N N 39  
DC  OP3   HOP3   sing N N 40  
DC  P     OP1    doub N N 41  
DC  P     OP2    sing N N 42  
DC  P     "O5'"  sing N N 43  
DC  OP2   HOP2   sing N N 44  
DC  "O5'" "C5'"  sing N N 45  
DC  "C5'" "C4'"  sing N N 46  
DC  "C5'" "H5'"  sing N N 47  
DC  "C5'" "H5''" sing N N 48  
DC  "C4'" "O4'"  sing N N 49  
DC  "C4'" "C3'"  sing N N 50  
DC  "C4'" "H4'"  sing N N 51  
DC  "O4'" "C1'"  sing N N 52  
DC  "C3'" "O3'"  sing N N 53  
DC  "C3'" "C2'"  sing N N 54  
DC  "C3'" "H3'"  sing N N 55  
DC  "O3'" "HO3'" sing N N 56  
DC  "C2'" "C1'"  sing N N 57  
DC  "C2'" "H2'"  sing N N 58  
DC  "C2'" "H2''" sing N N 59  
DC  "C1'" N1     sing N N 60  
DC  "C1'" "H1'"  sing N N 61  
DC  N1    C2     sing N N 62  
DC  N1    C6     sing N N 63  
DC  C2    O2     doub N N 64  
DC  C2    N3     sing N N 65  
DC  N3    C4     doub N N 66  
DC  C4    N4     sing N N 67  
DC  C4    C5     sing N N 68  
DC  N4    H41    sing N N 69  
DC  N4    H42    sing N N 70  
DC  C5    C6     doub N N 71  
DC  C5    H5     sing N N 72  
DC  C6    H6     sing N N 73  
DG  OP3   P      sing N N 74  
DG  OP3   HOP3   sing N N 75  
DG  P     OP1    doub N N 76  
DG  P     OP2    sing N N 77  
DG  P     "O5'"  sing N N 78  
DG  OP2   HOP2   sing N N 79  
DG  "O5'" "C5'"  sing N N 80  
DG  "C5'" "C4'"  sing N N 81  
DG  "C5'" "H5'"  sing N N 82  
DG  "C5'" "H5''" sing N N 83  
DG  "C4'" "O4'"  sing N N 84  
DG  "C4'" "C3'"  sing N N 85  
DG  "C4'" "H4'"  sing N N 86  
DG  "O4'" "C1'"  sing N N 87  
DG  "C3'" "O3'"  sing N N 88  
DG  "C3'" "C2'"  sing N N 89  
DG  "C3'" "H3'"  sing N N 90  
DG  "O3'" "HO3'" sing N N 91  
DG  "C2'" "C1'"  sing N N 92  
DG  "C2'" "H2'"  sing N N 93  
DG  "C2'" "H2''" sing N N 94  
DG  "C1'" N9     sing N N 95  
DG  "C1'" "H1'"  sing N N 96  
DG  N9    C8     sing Y N 97  
DG  N9    C4     sing Y N 98  
DG  C8    N7     doub Y N 99  
DG  C8    H8     sing N N 100 
DG  N7    C5     sing Y N 101 
DG  C5    C6     sing N N 102 
DG  C5    C4     doub Y N 103 
DG  C6    O6     doub N N 104 
DG  C6    N1     sing N N 105 
DG  N1    C2     sing N N 106 
DG  N1    H1     sing N N 107 
DG  C2    N2     sing N N 108 
DG  C2    N3     doub N N 109 
DG  N2    H21    sing N N 110 
DG  N2    H22    sing N N 111 
DG  N3    C4     sing N N 112 
DT  OP3   P      sing N N 113 
DT  OP3   HOP3   sing N N 114 
DT  P     OP1    doub N N 115 
DT  P     OP2    sing N N 116 
DT  P     "O5'"  sing N N 117 
DT  OP2   HOP2   sing N N 118 
DT  "O5'" "C5'"  sing N N 119 
DT  "C5'" "C4'"  sing N N 120 
DT  "C5'" "H5'"  sing N N 121 
DT  "C5'" "H5''" sing N N 122 
DT  "C4'" "O4'"  sing N N 123 
DT  "C4'" "C3'"  sing N N 124 
DT  "C4'" "H4'"  sing N N 125 
DT  "O4'" "C1'"  sing N N 126 
DT  "C3'" "O3'"  sing N N 127 
DT  "C3'" "C2'"  sing N N 128 
DT  "C3'" "H3'"  sing N N 129 
DT  "O3'" "HO3'" sing N N 130 
DT  "C2'" "C1'"  sing N N 131 
DT  "C2'" "H2'"  sing N N 132 
DT  "C2'" "H2''" sing N N 133 
DT  "C1'" N1     sing N N 134 
DT  "C1'" "H1'"  sing N N 135 
DT  N1    C2     sing N N 136 
DT  N1    C6     sing N N 137 
DT  C2    O2     doub N N 138 
DT  C2    N3     sing N N 139 
DT  N3    C4     sing N N 140 
DT  N3    H3     sing N N 141 
DT  C4    O4     doub N N 142 
DT  C4    C5     sing N N 143 
DT  C5    C7     sing N N 144 
DT  C5    C6     doub N N 145 
DT  C7    H71    sing N N 146 
DT  C7    H72    sing N N 147 
DT  C7    H73    sing N N 148 
DT  C6    H6     sing N N 149 
HOH O     H1     sing N N 150 
HOH O     H2     sing N N 151 
# 
loop_
_ndb_struct_conf_na.entry_id 
_ndb_struct_conf_na.feature 
4OKL 'double helix'        
4OKL 'a-form double helix' 
# 
loop_
_ndb_struct_na_base_pair.model_number 
_ndb_struct_na_base_pair.i_label_asym_id 
_ndb_struct_na_base_pair.i_label_comp_id 
_ndb_struct_na_base_pair.i_label_seq_id 
_ndb_struct_na_base_pair.i_symmetry 
_ndb_struct_na_base_pair.j_label_asym_id 
_ndb_struct_na_base_pair.j_label_comp_id 
_ndb_struct_na_base_pair.j_label_seq_id 
_ndb_struct_na_base_pair.j_symmetry 
_ndb_struct_na_base_pair.shear 
_ndb_struct_na_base_pair.stretch 
_ndb_struct_na_base_pair.stagger 
_ndb_struct_na_base_pair.buckle 
_ndb_struct_na_base_pair.propeller 
_ndb_struct_na_base_pair.opening 
_ndb_struct_na_base_pair.pair_number 
_ndb_struct_na_base_pair.pair_name 
_ndb_struct_na_base_pair.i_auth_asym_id 
_ndb_struct_na_base_pair.i_auth_seq_id 
_ndb_struct_na_base_pair.i_PDB_ins_code 
_ndb_struct_na_base_pair.j_auth_asym_id 
_ndb_struct_na_base_pair.j_auth_seq_id 
_ndb_struct_na_base_pair.j_PDB_ins_code 
_ndb_struct_na_base_pair.hbond_type_28 
_ndb_struct_na_base_pair.hbond_type_12 
1 A DC 1  1_555 B DG 14 1_555 0.185  -0.178 -0.390 7.811   -3.235  -1.831 1  A_DC1:DG14_B A 1  ? B 14 ? 19 1 
1 A DC 2  1_555 B DG 13 1_555 0.244  -0.331 -0.046 3.955   -2.512  -0.470 2  A_DC2:DG13_B A 2  ? B 13 ? 19 1 
1 A DC 3  1_555 B DG 12 1_555 0.063  -0.195 -0.318 5.401   -0.603  -0.375 3  A_DC3:DG12_B A 3  ? B 12 ? 19 1 
1 A DC 4  1_555 B DG 11 1_555 0.176  -0.138 -0.199 4.185   0.670   -1.688 4  A_DC4:DG11_B A 4  ? B 11 ? 19 1 
1 A DG 5  1_555 B DC 10 1_555 -0.325 -0.290 0.129  8.857   -8.167  -3.479 5  A_DG5:DC10_B A 5  ? B 10 ? 19 1 
1 A DG 6  1_555 B DC 9  1_555 -0.489 -0.147 -0.319 -12.481 -13.577 4.808  6  A_DG6:DC9_B  A 6  ? B 9  ? 19 1 
1 A DT 7  1_555 B DA 8  1_555 -0.084 -0.140 0.039  -6.027  -5.276  0.811  7  A_DT7:DA8_B  A 7  ? B 8  ? 20 1 
1 A DA 8  1_555 B DT 7  1_555 -0.025 -0.225 0.274  1.503   -7.715  2.168  8  A_DA8:DT7_B  A 8  ? B 7  ? 20 1 
1 A DC 9  1_555 B DG 6  1_555 0.358  -0.121 -0.071 6.947   -15.770 5.759  9  A_DC9:DG6_B  A 9  ? B 6  ? 19 1 
1 A DC 10 1_555 B DG 5  1_555 0.241  -0.222 0.011  -4.300  -7.915  -0.791 10 A_DC10:DG5_B A 10 ? B 5  ? 19 1 
1 A DG 11 1_555 B DC 4  1_555 -0.262 -0.184 -0.180 -6.099  -1.630  0.032  11 A_DG11:DC4_B A 11 ? B 4  ? 19 1 
1 A DG 12 1_555 B DC 3  1_555 -0.201 -0.194 -0.245 -11.647 -4.795  -0.257 12 A_DG12:DC3_B A 12 ? B 3  ? 19 1 
1 A DG 13 1_555 B DC 2  1_555 -0.201 -0.154 0.003  -4.957  1.463   -0.027 13 A_DG13:DC2_B A 13 ? B 2  ? 19 1 
1 A DG 14 1_555 B DC 1  1_555 -0.283 -0.115 0.089  5.817   1.252   -0.952 14 A_DG14:DC1_B A 14 ? B 1  ? 19 1 
# 
loop_
_ndb_struct_na_base_pair_step.model_number 
_ndb_struct_na_base_pair_step.i_label_asym_id_1 
_ndb_struct_na_base_pair_step.i_label_comp_id_1 
_ndb_struct_na_base_pair_step.i_label_seq_id_1 
_ndb_struct_na_base_pair_step.i_symmetry_1 
_ndb_struct_na_base_pair_step.j_label_asym_id_1 
_ndb_struct_na_base_pair_step.j_label_comp_id_1 
_ndb_struct_na_base_pair_step.j_label_seq_id_1 
_ndb_struct_na_base_pair_step.j_symmetry_1 
_ndb_struct_na_base_pair_step.i_label_asym_id_2 
_ndb_struct_na_base_pair_step.i_label_comp_id_2 
_ndb_struct_na_base_pair_step.i_label_seq_id_2 
_ndb_struct_na_base_pair_step.i_symmetry_2 
_ndb_struct_na_base_pair_step.j_label_asym_id_2 
_ndb_struct_na_base_pair_step.j_label_comp_id_2 
_ndb_struct_na_base_pair_step.j_label_seq_id_2 
_ndb_struct_na_base_pair_step.j_symmetry_2 
_ndb_struct_na_base_pair_step.shift 
_ndb_struct_na_base_pair_step.slide 
_ndb_struct_na_base_pair_step.rise 
_ndb_struct_na_base_pair_step.tilt 
_ndb_struct_na_base_pair_step.roll 
_ndb_struct_na_base_pair_step.twist 
_ndb_struct_na_base_pair_step.x_displacement 
_ndb_struct_na_base_pair_step.y_displacement 
_ndb_struct_na_base_pair_step.helical_rise 
_ndb_struct_na_base_pair_step.inclination 
_ndb_struct_na_base_pair_step.tip 
_ndb_struct_na_base_pair_step.helical_twist 
_ndb_struct_na_base_pair_step.step_number 
_ndb_struct_na_base_pair_step.step_name 
_ndb_struct_na_base_pair_step.i_auth_asym_id_1 
_ndb_struct_na_base_pair_step.i_auth_seq_id_1 
_ndb_struct_na_base_pair_step.i_PDB_ins_code_1 
_ndb_struct_na_base_pair_step.j_auth_asym_id_1 
_ndb_struct_na_base_pair_step.j_auth_seq_id_1 
_ndb_struct_na_base_pair_step.j_PDB_ins_code_1 
_ndb_struct_na_base_pair_step.i_auth_asym_id_2 
_ndb_struct_na_base_pair_step.i_auth_seq_id_2 
_ndb_struct_na_base_pair_step.i_PDB_ins_code_2 
_ndb_struct_na_base_pair_step.j_auth_asym_id_2 
_ndb_struct_na_base_pair_step.j_auth_seq_id_2 
_ndb_struct_na_base_pair_step.j_PDB_ins_code_2 
1 A DC 1  1_555 B DG 14 1_555 A DC 2  1_555 B DG 13 1_555 -0.543 -2.305 3.448 -4.115 2.433  28.389 -5.202 0.138  3.287 4.917  
8.316   28.780 1  AA_DC1DC2:DG13DG14_BB A 1  ? B 14 ? A 2  ? B 13 ? 
1 A DC 2  1_555 B DG 13 1_555 A DC 3  1_555 B DG 12 1_555 -0.211 -2.162 3.292 0.647  -0.640 26.888 -4.480 0.622  3.336 -1.377 
-1.391  26.903 2  AA_DC2DC3:DG12DG13_BB A 2  ? B 13 ? A 3  ? B 12 ? 
1 A DC 3  1_555 B DG 12 1_555 A DC 4  1_555 B DG 11 1_555 -0.557 -2.060 3.442 -3.575 -0.348 30.859 -3.776 0.309  3.505 -0.652 
6.690   31.063 3  AA_DC3DC4:DG11DG12_BB A 3  ? B 12 ? A 4  ? B 11 ? 
1 A DC 4  1_555 B DG 11 1_555 A DG 5  1_555 B DC 10 1_555 -1.151 -1.786 3.210 -4.229 4.320  24.745 -5.248 1.441  3.011 9.894  
9.685   25.461 4  AA_DC4DG5:DC10DG11_BB A 4  ? B 11 ? A 5  ? B 10 ? 
1 A DG 5  1_555 B DC 10 1_555 A DG 6  1_555 B DC 9  1_555 1.359  -1.027 3.773 7.305  12.813 37.428 -3.171 -1.026 3.450 19.084 
-10.881 40.132 5  AA_DG5DG6:DC9DC10_BB  A 5  ? B 10 ? A 6  ? B 9  ? 
1 A DG 6  1_555 B DC 9  1_555 A DT 7  1_555 B DA 8  1_555 -0.516 -1.244 3.202 -0.668 3.234  29.351 -3.100 0.877  3.061 6.357  
1.314   29.532 6  AA_DG6DT7:DA8DC9_BB   A 6  ? B 9  ? A 7  ? B 8  ? 
1 A DT 7  1_555 B DA 8  1_555 A DA 8  1_555 B DT 7  1_555 0.279  -1.075 3.031 -0.881 7.265  31.765 -3.043 -0.634 2.716 13.058 
1.583   32.576 7  AA_DT7DA8:DT7DA8_BB   A 7  ? B 8  ? A 8  ? B 7  ? 
1 A DA 8  1_555 B DT 7  1_555 A DC 9  1_555 B DG 6  1_555 0.532  -1.336 3.185 2.375  6.298  32.696 -3.312 -0.556 2.914 11.041 
-4.164  33.363 8  AA_DA8DC9:DG6DT7_BB   A 8  ? B 7  ? A 9  ? B 6  ? 
1 A DC 9  1_555 B DG 6  1_555 A DC 10 1_555 B DG 5  1_555 -1.176 -1.631 3.427 -2.699 15.102 32.421 -4.742 1.541  2.531 25.354 
4.532   35.779 9  AA_DC9DC10:DG5DG6_BB  A 9  ? B 6  ? A 10 ? B 5  ? 
1 A DC 10 1_555 B DG 5  1_555 A DG 11 1_555 B DC 4  1_555 1.209  -1.961 3.345 4.465  5.483  25.535 -5.724 -1.465 3.028 12.112 
-9.864  26.480 10 AA_DC10DG11:DC4DG5_BB A 10 ? B 5  ? A 11 ? B 4  ? 
1 A DG 11 1_555 B DC 4  1_555 A DG 12 1_555 B DC 3  1_555 0.392  -2.101 3.541 3.839  1.420  31.912 -4.064 0.030  3.469 2.569  
-6.946  32.167 11 AA_DG11DG12:DC3DC4_BB A 11 ? B 4  ? A 12 ? B 3  ? 
1 A DG 12 1_555 B DC 3  1_555 A DG 13 1_555 B DC 2  1_555 0.107  -2.076 3.185 -0.705 -1.986 28.127 -3.799 -0.384 3.317 -4.079 
1.449   28.204 12 AA_DG12DG13:DC2DC3_BB A 12 ? B 3  ? A 13 ? B 2  ? 
1 A DG 13 1_555 B DC 2  1_555 A DG 14 1_555 B DC 1  1_555 0.613  -2.344 3.070 1.124  -2.234 25.217 -4.713 -1.080 3.286 -5.102 
-2.566  25.339 13 AA_DG13DG14:DC1DC2_BB A 13 ? B 2  ? A 14 ? B 1  ? 
# 
_pdbx_entity_nonpoly.entity_id   2 
_pdbx_entity_nonpoly.name        water 
_pdbx_entity_nonpoly.comp_id     HOH 
# 
_pdbx_initial_refinement_model.id               1 
_pdbx_initial_refinement_model.entity_id_list   ? 
_pdbx_initial_refinement_model.type             'experimental model' 
_pdbx_initial_refinement_model.source_name      PDB 
_pdbx_initial_refinement_model.accession_code   3V9D 
_pdbx_initial_refinement_model.details          'PDB ENTRY 3V9D' 
# 
